data_8Z0S
#
_entry.id   8Z0S
#
_entity_poly.entity_id   1
_entity_poly.type   'polypeptide(L)'
_entity_poly.pdbx_seq_one_letter_code
;MGSSHHHHHHSSGLVPRGSHMKEVYVAPRTATERVLCRLVQDVLDLDRVGLQDGFFDLGGHSLLATRLTIRVKQETGKEL
PLQSILAGATLGELAAALDAADGGTSDGAVPLVPVTGPGEESPLSCQQSELWFLNQRAHLGSSYDNVQMAYRVIGPLDRQ
AYARAFEGLVARHAVLRTSYLRRGDTYVQKVNDTTGFAVAFEDVTGDSAVTEFLRAERPRPFDPADRHMLRVHILTLTPY
EHVAVVTRPWGIFDGWSTGVFIAELNALYQALSRGDEPSLPELPVQYADFAHWQRRTFDADARARQQAYWRAQLADLPSC
TALRTDYRRPEAKSYQGSSVEVNVPAAVLDQLKRVSKERGGTLYMTLLSAFATLLGAHTDDRELAIGSPVTNRPRPELER
LVGYFINVLVMRLDVRPEQAFDDLLAQAQRVTAAAHEHKEVPFADLVRDLVPEPDPAYSPLFQVMFNLVPAVEAAPPGAA
DPGALGFVPLPTDSGTAKFDLNLVVRETPDGLRGYLEYSTDLYARSTVRSMAATYERLLLKIVTQPGASLARLREAAADG
GAG
;
_entity_poly.pdbx_strand_id   B,C,D
#
# COMPACT_ATOMS: atom_id res chain seq x y z
N VAL A 113 31.27 -48.25 -13.57
CA VAL A 113 32.54 -48.56 -14.18
C VAL A 113 32.52 -48.26 -15.69
N PRO A 114 33.50 -47.49 -16.16
CA PRO A 114 33.44 -46.95 -17.53
C PRO A 114 33.43 -48.06 -18.57
N VAL A 115 32.38 -48.06 -19.40
CA VAL A 115 32.20 -49.03 -20.46
C VAL A 115 32.10 -48.38 -21.83
N THR A 116 32.63 -47.16 -21.99
CA THR A 116 32.53 -46.43 -23.24
C THR A 116 33.91 -46.00 -23.72
N GLY A 117 34.06 -45.93 -25.04
CA GLY A 117 35.29 -45.48 -25.66
C GLY A 117 35.02 -44.45 -26.74
N PRO A 118 36.08 -43.96 -27.38
CA PRO A 118 35.90 -43.00 -28.47
C PRO A 118 35.12 -43.60 -29.63
N GLY A 119 34.21 -42.82 -30.19
CA GLY A 119 33.43 -43.25 -31.33
C GLY A 119 32.27 -44.17 -31.01
N GLU A 120 32.05 -44.51 -29.74
CA GLU A 120 30.99 -45.45 -29.39
C GLU A 120 29.63 -44.78 -29.50
N GLU A 121 28.69 -45.45 -30.17
CA GLU A 121 27.30 -45.03 -30.22
C GLU A 121 26.57 -45.69 -29.05
N SER A 122 26.37 -44.93 -27.97
CA SER A 122 25.77 -45.44 -26.75
C SER A 122 24.29 -45.07 -26.68
N PRO A 123 23.44 -45.98 -26.19
CA PRO A 123 22.01 -45.69 -26.17
C PRO A 123 21.67 -44.55 -25.22
N LEU A 124 20.64 -43.79 -25.60
CA LEU A 124 20.16 -42.71 -24.76
C LEU A 124 19.58 -43.27 -23.46
N SER A 125 19.81 -42.55 -22.37
CA SER A 125 19.27 -42.96 -21.07
C SER A 125 17.76 -42.73 -21.04
N CYS A 126 17.15 -43.08 -19.91
CA CYS A 126 15.71 -42.90 -19.77
C CYS A 126 15.33 -41.43 -19.79
N GLN A 127 16.17 -40.58 -19.21
CA GLN A 127 15.84 -39.16 -19.06
C GLN A 127 16.13 -38.34 -20.31
N GLN A 128 16.76 -38.90 -21.34
CA GLN A 128 17.03 -38.18 -22.58
C GLN A 128 15.91 -38.33 -23.60
N SER A 129 14.68 -38.59 -23.17
CA SER A 129 13.59 -38.87 -24.09
C SER A 129 12.94 -37.61 -24.65
N GLU A 130 13.31 -36.44 -24.15
CA GLU A 130 12.66 -35.18 -24.51
C GLU A 130 13.71 -34.10 -24.75
N LEU A 131 14.73 -34.38 -25.56
CA LEU A 131 15.89 -33.49 -25.54
C LEU A 131 15.59 -32.12 -26.14
N TRP A 132 15.56 -32.00 -27.46
CA TRP A 132 14.93 -30.82 -28.05
C TRP A 132 14.28 -31.13 -29.39
N PHE A 133 14.77 -32.17 -30.08
CA PHE A 133 14.32 -32.51 -31.41
C PHE A 133 13.30 -33.64 -31.43
N LEU A 134 12.95 -34.18 -30.27
CA LEU A 134 11.90 -35.19 -30.17
C LEU A 134 10.55 -34.60 -29.80
N ASN A 135 10.44 -33.28 -29.73
CA ASN A 135 9.21 -32.57 -29.36
C ASN A 135 8.93 -31.46 -30.36
N GLN A 136 9.02 -31.79 -31.64
CA GLN A 136 8.81 -30.80 -32.69
C GLN A 136 7.37 -30.30 -32.71
N ARG A 137 7.20 -29.01 -32.98
CA ARG A 137 5.89 -28.40 -33.16
C ARG A 137 5.93 -27.53 -34.40
N ALA A 138 4.91 -27.67 -35.25
CA ALA A 138 4.93 -27.03 -36.55
C ALA A 138 4.85 -25.50 -36.44
N HIS A 139 3.94 -24.99 -35.63
CA HIS A 139 3.68 -23.55 -35.58
C HIS A 139 4.64 -22.79 -34.68
N LEU A 140 5.57 -23.46 -34.01
CA LEU A 140 6.50 -22.81 -33.10
C LEU A 140 7.92 -22.69 -33.62
N GLY A 141 8.44 -23.72 -34.26
CA GLY A 141 9.82 -23.75 -34.69
C GLY A 141 10.60 -24.88 -34.04
N SER A 142 11.86 -24.99 -34.46
CA SER A 142 12.73 -26.06 -34.00
C SER A 142 13.59 -25.70 -32.80
N SER A 143 13.62 -24.42 -32.40
CA SER A 143 14.47 -23.99 -31.30
C SER A 143 13.77 -22.98 -30.40
N TYR A 144 12.45 -23.11 -30.23
CA TYR A 144 11.68 -22.18 -29.44
C TYR A 144 11.99 -22.25 -27.95
N ASP A 145 12.71 -23.28 -27.49
CA ASP A 145 12.90 -23.51 -26.08
C ASP A 145 14.38 -23.64 -25.73
N ASN A 146 15.22 -22.85 -26.39
CA ASN A 146 16.63 -22.77 -26.00
C ASN A 146 16.74 -22.10 -24.64
N VAL A 147 17.64 -22.62 -23.80
CA VAL A 147 17.81 -22.13 -22.44
C VAL A 147 19.02 -21.22 -22.41
N GLN A 148 18.79 -19.96 -22.02
CA GLN A 148 19.82 -18.93 -22.03
C GLN A 148 20.02 -18.40 -20.61
N MET A 149 21.27 -18.30 -20.19
CA MET A 149 21.65 -17.71 -18.91
C MET A 149 22.42 -16.43 -19.16
N ALA A 150 22.01 -15.35 -18.50
CA ALA A 150 22.65 -14.05 -18.64
C ALA A 150 22.98 -13.50 -17.26
N TYR A 151 24.21 -13.03 -17.11
CA TYR A 151 24.70 -12.47 -15.85
C TYR A 151 25.44 -11.17 -16.13
N ARG A 152 25.48 -10.30 -15.13
CA ARG A 152 26.31 -9.11 -15.14
C ARG A 152 27.42 -9.29 -14.11
N VAL A 153 28.67 -9.15 -14.55
CA VAL A 153 29.83 -9.28 -13.69
C VAL A 153 30.33 -7.88 -13.36
N ILE A 154 30.42 -7.59 -12.06
CA ILE A 154 30.84 -6.27 -11.59
C ILE A 154 32.19 -6.42 -10.89
N GLY A 155 33.16 -5.62 -11.32
CA GLY A 155 34.48 -5.65 -10.75
C GLY A 155 35.55 -5.83 -11.81
N PRO A 156 36.82 -5.87 -11.39
CA PRO A 156 37.91 -6.10 -12.34
C PRO A 156 38.01 -7.57 -12.72
N LEU A 157 37.59 -7.88 -13.95
CA LEU A 157 37.54 -9.24 -14.46
C LEU A 157 38.65 -9.47 -15.48
N ASP A 158 39.33 -10.61 -15.36
CA ASP A 158 40.28 -11.06 -16.36
C ASP A 158 39.53 -11.86 -17.41
N ARG A 159 39.38 -11.29 -18.61
CA ARG A 159 38.61 -11.94 -19.66
C ARG A 159 39.24 -13.26 -20.07
N GLN A 160 40.57 -13.28 -20.26
CA GLN A 160 41.23 -14.49 -20.72
C GLN A 160 41.13 -15.61 -19.69
N ALA A 161 41.34 -15.29 -18.42
CA ALA A 161 41.24 -16.29 -17.37
C ALA A 161 39.82 -16.85 -17.28
N TYR A 162 38.82 -15.97 -17.40
CA TYR A 162 37.43 -16.39 -17.24
C TYR A 162 37.00 -17.27 -18.43
N ALA A 163 37.44 -16.90 -19.63
CA ALA A 163 37.18 -17.72 -20.81
C ALA A 163 37.90 -19.06 -20.73
N ARG A 164 39.13 -19.07 -20.21
CA ARG A 164 39.84 -20.34 -20.08
C ARG A 164 39.24 -21.19 -18.97
N ALA A 165 38.61 -20.57 -17.97
CA ALA A 165 37.81 -21.32 -17.00
C ALA A 165 36.61 -21.98 -17.67
N PHE A 166 35.93 -21.26 -18.57
CA PHE A 166 34.86 -21.91 -19.34
C PHE A 166 35.38 -23.07 -20.18
N GLU A 167 36.53 -22.89 -20.83
CA GLU A 167 37.09 -23.96 -21.65
C GLU A 167 37.47 -25.17 -20.80
N GLY A 168 38.08 -24.94 -19.64
CA GLY A 168 38.39 -26.05 -18.76
C GLY A 168 37.14 -26.74 -18.24
N LEU A 169 36.10 -25.97 -17.96
CA LEU A 169 34.83 -26.56 -17.53
C LEU A 169 34.21 -27.42 -18.61
N VAL A 170 34.28 -26.96 -19.87
CA VAL A 170 33.74 -27.75 -20.98
C VAL A 170 34.57 -29.02 -21.19
N ALA A 171 35.89 -28.92 -21.04
CA ALA A 171 36.73 -30.10 -21.18
C ALA A 171 36.59 -31.05 -20.00
N ARG A 172 36.07 -30.59 -18.86
CA ARG A 172 35.92 -31.46 -17.71
C ARG A 172 34.70 -32.36 -17.83
N HIS A 173 33.52 -31.76 -18.03
CA HIS A 173 32.27 -32.51 -18.13
C HIS A 173 32.04 -32.95 -19.57
N ALA A 174 31.77 -34.24 -19.76
CA ALA A 174 31.70 -34.81 -21.09
C ALA A 174 30.35 -34.63 -21.78
N VAL A 175 29.33 -34.19 -21.06
CA VAL A 175 28.01 -33.99 -21.68
C VAL A 175 28.05 -32.82 -22.65
N LEU A 176 28.84 -31.79 -22.34
CA LEU A 176 28.90 -30.60 -23.16
C LEU A 176 29.60 -30.83 -24.49
N ARG A 177 30.22 -32.00 -24.69
CA ARG A 177 30.89 -32.34 -25.94
C ARG A 177 30.35 -33.65 -26.49
N THR A 178 29.03 -33.79 -26.54
CA THR A 178 28.37 -35.02 -26.98
C THR A 178 27.46 -34.70 -28.16
N SER A 179 27.48 -35.56 -29.17
CA SER A 179 26.67 -35.39 -30.36
C SER A 179 25.63 -36.51 -30.46
N TYR A 180 24.73 -36.36 -31.44
CA TYR A 180 23.62 -37.29 -31.63
C TYR A 180 23.37 -37.45 -33.13
N LEU A 181 23.10 -38.69 -33.56
CA LEU A 181 22.87 -38.99 -34.97
C LEU A 181 21.64 -39.86 -35.12
N ARG A 182 20.94 -39.69 -36.24
CA ARG A 182 19.75 -40.48 -36.53
C ARG A 182 20.16 -41.89 -36.97
N ARG A 183 19.54 -42.90 -36.37
CA ARG A 183 19.80 -44.31 -36.69
C ARG A 183 18.46 -44.98 -36.92
N GLY A 184 18.00 -44.97 -38.18
CA GLY A 184 16.72 -45.54 -38.51
C GLY A 184 15.56 -44.73 -37.97
N ASP A 185 14.80 -45.32 -37.05
CA ASP A 185 13.68 -44.64 -36.41
C ASP A 185 13.99 -44.17 -35.00
N THR A 186 15.23 -44.34 -34.54
CA THR A 186 15.64 -43.93 -33.19
C THR A 186 16.91 -43.11 -33.29
N TYR A 187 17.39 -42.63 -32.14
CA TYR A 187 18.58 -41.80 -32.07
C TYR A 187 19.57 -42.39 -31.08
N VAL A 188 20.84 -42.01 -31.26
CA VAL A 188 21.94 -42.49 -30.43
C VAL A 188 22.84 -41.30 -30.11
N GLN A 189 23.64 -41.45 -29.05
CA GLN A 189 24.54 -40.40 -28.61
C GLN A 189 25.99 -40.76 -28.94
N LYS A 190 26.80 -39.74 -29.21
CA LYS A 190 28.19 -39.91 -29.62
C LYS A 190 29.03 -38.84 -28.94
N VAL A 191 30.19 -39.23 -28.43
CA VAL A 191 31.07 -38.32 -27.70
C VAL A 191 32.15 -37.78 -28.63
N ASN A 192 32.31 -36.46 -28.64
CA ASN A 192 33.31 -35.79 -29.45
C ASN A 192 34.48 -35.34 -28.58
N ASP A 193 35.40 -34.59 -29.17
CA ASP A 193 36.52 -34.00 -28.46
C ASP A 193 36.31 -32.50 -28.28
N THR A 194 37.15 -31.90 -27.44
CA THR A 194 36.99 -30.50 -27.05
C THR A 194 37.50 -29.52 -28.10
N THR A 195 38.18 -30.00 -29.15
CA THR A 195 38.73 -29.09 -30.15
C THR A 195 37.60 -28.38 -30.92
N GLY A 196 37.75 -27.07 -31.07
CA GLY A 196 36.75 -26.27 -31.75
C GLY A 196 35.85 -25.45 -30.85
N PHE A 197 36.06 -25.48 -29.54
CA PHE A 197 35.29 -24.67 -28.60
C PHE A 197 36.07 -23.41 -28.25
N ALA A 198 35.49 -22.26 -28.53
CA ALA A 198 36.08 -20.97 -28.22
C ALA A 198 35.03 -20.03 -27.66
N VAL A 199 35.43 -19.21 -26.71
CA VAL A 199 34.55 -18.23 -26.10
C VAL A 199 34.54 -16.98 -26.97
N ALA A 200 33.36 -16.58 -27.45
CA ALA A 200 33.25 -15.43 -28.31
C ALA A 200 33.29 -14.14 -27.50
N PHE A 201 33.92 -13.12 -28.06
CA PHE A 201 34.08 -11.81 -27.43
C PHE A 201 33.45 -10.75 -28.32
N GLU A 202 32.62 -9.90 -27.73
CA GLU A 202 32.00 -8.79 -28.44
C GLU A 202 32.01 -7.55 -27.56
N ASP A 203 32.25 -6.39 -28.18
CA ASP A 203 32.15 -5.10 -27.51
C ASP A 203 30.79 -4.50 -27.77
N VAL A 204 30.10 -4.08 -26.71
CA VAL A 204 28.76 -3.53 -26.81
C VAL A 204 28.77 -2.12 -26.23
N THR A 205 27.77 -1.34 -26.63
CA THR A 205 27.60 0.05 -26.21
C THR A 205 26.28 0.16 -25.46
N GLY A 206 26.33 -0.04 -24.14
CA GLY A 206 25.17 0.14 -23.30
C GLY A 206 24.30 -1.10 -23.18
N ASP A 207 23.21 -0.93 -22.43
CA ASP A 207 22.30 -2.05 -22.17
C ASP A 207 21.39 -2.34 -23.35
N SER A 208 21.14 -1.35 -24.21
CA SER A 208 20.30 -1.60 -25.38
C SER A 208 20.94 -2.60 -26.33
N ALA A 209 22.24 -2.45 -26.58
CA ALA A 209 22.94 -3.43 -27.42
C ALA A 209 22.96 -4.80 -26.74
N VAL A 210 23.12 -4.83 -25.42
CA VAL A 210 23.15 -6.10 -24.71
C VAL A 210 21.82 -6.83 -24.85
N THR A 211 20.72 -6.10 -24.65
CA THR A 211 19.42 -6.75 -24.74
C THR A 211 19.06 -7.13 -26.17
N GLU A 212 19.49 -6.32 -27.16
CA GLU A 212 19.26 -6.71 -28.55
C GLU A 212 20.03 -7.98 -28.90
N PHE A 213 21.29 -8.08 -28.46
CA PHE A 213 22.08 -9.28 -28.70
C PHE A 213 21.48 -10.49 -28.00
N LEU A 214 21.01 -10.30 -26.76
CA LEU A 214 20.38 -11.40 -26.03
C LEU A 214 19.12 -11.87 -26.74
N ARG A 215 18.31 -10.94 -27.24
CA ARG A 215 17.07 -11.32 -27.91
C ARG A 215 17.34 -11.97 -29.27
N ALA A 216 18.39 -11.55 -29.97
CA ALA A 216 18.69 -12.10 -31.29
C ALA A 216 19.63 -13.29 -31.26
N GLU A 217 20.15 -13.67 -30.09
CA GLU A 217 21.10 -14.76 -30.01
C GLU A 217 20.51 -16.07 -29.52
N ARG A 218 19.50 -16.01 -28.64
CA ARG A 218 18.89 -17.23 -28.12
C ARG A 218 18.23 -18.09 -29.19
N PRO A 219 17.40 -17.55 -30.10
CA PRO A 219 16.64 -18.42 -31.01
C PRO A 219 17.43 -18.97 -32.18
N ARG A 220 18.72 -18.70 -32.31
CA ARG A 220 19.47 -19.30 -33.41
C ARG A 220 19.61 -20.80 -33.17
N PRO A 221 19.40 -21.63 -34.19
CA PRO A 221 19.14 -23.05 -33.96
C PRO A 221 20.37 -23.84 -33.58
N PHE A 222 20.17 -24.80 -32.68
CA PHE A 222 21.11 -25.87 -32.40
C PHE A 222 20.81 -27.06 -33.30
N ASP A 223 21.82 -27.88 -33.53
CA ASP A 223 21.65 -29.06 -34.37
C ASP A 223 22.10 -30.30 -33.64
N PRO A 224 21.42 -31.43 -33.82
CA PRO A 224 21.88 -32.69 -33.21
C PRO A 224 23.27 -33.09 -33.67
N ALA A 225 23.64 -32.75 -34.90
CA ALA A 225 24.96 -33.06 -35.43
C ALA A 225 26.03 -32.05 -35.03
N ASP A 226 25.66 -30.99 -34.31
CA ASP A 226 26.64 -30.04 -33.83
C ASP A 226 27.56 -30.70 -32.82
N ARG A 227 28.83 -30.28 -32.83
CA ARG A 227 29.86 -31.04 -32.14
C ARG A 227 30.06 -30.56 -30.70
N HIS A 228 29.71 -29.31 -30.41
CA HIS A 228 29.70 -28.79 -29.05
C HIS A 228 28.30 -28.27 -28.73
N MET A 229 27.81 -28.60 -27.54
CA MET A 229 26.45 -28.25 -27.13
C MET A 229 26.42 -27.09 -26.14
N LEU A 230 27.33 -26.14 -26.28
CA LEU A 230 27.37 -24.97 -25.41
C LEU A 230 27.87 -23.77 -26.20
N ARG A 231 27.23 -22.62 -26.00
CA ARG A 231 27.65 -21.37 -26.60
C ARG A 231 27.91 -20.36 -25.48
N VAL A 232 29.11 -19.79 -25.46
CA VAL A 232 29.51 -18.85 -24.43
C VAL A 232 29.89 -17.54 -25.10
N HIS A 233 29.34 -16.44 -24.62
CA HIS A 233 29.65 -15.11 -25.09
C HIS A 233 30.02 -14.22 -23.91
N ILE A 234 31.01 -13.37 -24.10
CA ILE A 234 31.42 -12.38 -23.10
C ILE A 234 31.31 -11.01 -23.73
N LEU A 235 30.39 -10.20 -23.23
CA LEU A 235 30.17 -8.85 -23.72
C LEU A 235 30.85 -7.86 -22.77
N THR A 236 31.74 -7.04 -23.31
CA THR A 236 32.48 -6.06 -22.51
C THR A 236 31.86 -4.68 -22.71
N LEU A 237 31.34 -4.12 -21.62
CA LEU A 237 30.83 -2.74 -21.65
C LEU A 237 31.92 -1.76 -21.21
N THR A 238 32.49 -1.99 -20.04
CA THR A 238 33.62 -1.24 -19.52
C THR A 238 34.57 -2.26 -18.90
N PRO A 239 35.83 -1.88 -18.67
CA PRO A 239 36.75 -2.79 -17.96
C PRO A 239 36.25 -3.25 -16.59
N TYR A 240 35.15 -2.69 -16.09
CA TYR A 240 34.57 -3.09 -14.81
C TYR A 240 33.16 -3.65 -14.94
N GLU A 241 32.66 -3.81 -16.16
CA GLU A 241 31.30 -4.31 -16.38
C GLU A 241 31.34 -5.29 -17.55
N HIS A 242 30.98 -6.55 -17.29
CA HIS A 242 30.92 -7.57 -18.31
C HIS A 242 29.63 -8.36 -18.20
N VAL A 243 29.16 -8.89 -19.33
CA VAL A 243 27.97 -9.72 -19.38
C VAL A 243 28.37 -11.08 -19.94
N ALA A 244 28.03 -12.14 -19.21
CA ALA A 244 28.31 -13.51 -19.63
C ALA A 244 27.01 -14.16 -20.08
N VAL A 245 27.00 -14.68 -21.31
CA VAL A 245 25.82 -15.32 -21.88
C VAL A 245 26.13 -16.78 -22.13
N VAL A 246 25.34 -17.66 -21.54
CA VAL A 246 25.43 -19.10 -21.75
C VAL A 246 24.08 -19.59 -22.25
N THR A 247 24.05 -20.11 -23.47
CA THR A 247 22.83 -20.63 -24.07
C THR A 247 23.06 -22.06 -24.54
N ARG A 248 22.09 -22.93 -24.27
CA ARG A 248 22.19 -24.34 -24.57
C ARG A 248 20.83 -24.84 -25.02
N PRO A 249 20.79 -25.93 -25.78
CA PRO A 249 19.50 -26.53 -26.14
C PRO A 249 18.85 -27.21 -24.95
N TRP A 250 17.55 -27.44 -25.06
CA TRP A 250 16.81 -28.08 -23.99
C TRP A 250 17.27 -29.53 -23.81
N GLY A 251 17.12 -30.03 -22.59
CA GLY A 251 17.42 -31.41 -22.29
C GLY A 251 18.89 -31.75 -22.13
N ILE A 252 19.75 -30.75 -21.91
CA ILE A 252 21.17 -31.04 -21.74
C ILE A 252 21.50 -31.24 -20.27
N PHE A 253 21.10 -30.30 -19.42
CA PHE A 253 21.23 -30.50 -17.98
C PHE A 253 20.23 -29.60 -17.26
N ASP A 254 19.96 -29.94 -16.00
CA ASP A 254 18.89 -29.35 -15.22
C ASP A 254 19.43 -28.31 -14.22
N GLY A 255 18.55 -27.85 -13.33
CA GLY A 255 18.93 -26.79 -12.40
C GLY A 255 19.96 -27.22 -11.38
N TRP A 256 19.88 -28.46 -10.89
CA TRP A 256 20.91 -28.98 -10.01
C TRP A 256 22.26 -28.96 -10.72
N SER A 257 22.30 -29.44 -11.96
CA SER A 257 23.52 -29.35 -12.76
C SER A 257 23.90 -27.91 -13.03
N THR A 258 22.93 -27.00 -13.10
CA THR A 258 23.25 -25.58 -13.29
C THR A 258 23.99 -25.02 -12.08
N GLY A 259 23.53 -25.34 -10.88
CA GLY A 259 24.24 -24.92 -9.69
C GLY A 259 25.63 -25.50 -9.60
N VAL A 260 25.75 -26.80 -9.92
CA VAL A 260 27.07 -27.43 -9.95
C VAL A 260 27.97 -26.73 -10.96
N PHE A 261 27.42 -26.43 -12.14
CA PHE A 261 28.17 -25.77 -13.20
C PHE A 261 28.68 -24.41 -12.76
N ILE A 262 27.82 -23.62 -12.11
CA ILE A 262 28.20 -22.28 -11.69
C ILE A 262 29.27 -22.34 -10.60
N ALA A 263 29.10 -23.25 -9.63
CA ALA A 263 30.10 -23.38 -8.57
C ALA A 263 31.45 -23.81 -9.13
N GLU A 264 31.45 -24.78 -10.05
CA GLU A 264 32.70 -25.24 -10.64
C GLU A 264 33.35 -24.13 -11.46
N LEU A 265 32.55 -23.34 -12.18
CA LEU A 265 33.09 -22.23 -12.95
C LEU A 265 33.74 -21.19 -12.04
N ASN A 266 33.09 -20.89 -10.90
CA ASN A 266 33.68 -19.94 -9.97
C ASN A 266 35.00 -20.46 -9.41
N ALA A 267 35.04 -21.75 -9.05
CA ALA A 267 36.27 -22.33 -8.53
C ALA A 267 37.39 -22.29 -9.57
N LEU A 268 37.07 -22.66 -10.82
CA LEU A 268 38.07 -22.61 -11.88
C LEU A 268 38.57 -21.20 -12.12
N TYR A 269 37.67 -20.20 -12.12
CA TYR A 269 38.13 -18.83 -12.34
C TYR A 269 39.03 -18.37 -11.22
N GLN A 270 38.66 -18.66 -9.96
CA GLN A 270 39.48 -18.23 -8.83
C GLN A 270 40.85 -18.89 -8.87
N ALA A 271 40.91 -20.16 -9.28
CA ALA A 271 42.20 -20.83 -9.36
C ALA A 271 43.03 -20.33 -10.53
N LEU A 272 42.42 -20.21 -11.71
CA LEU A 272 43.13 -19.98 -12.96
C LEU A 272 43.42 -18.52 -13.24
N SER A 273 42.79 -17.59 -12.51
CA SER A 273 43.07 -16.17 -12.75
C SER A 273 44.52 -15.84 -12.48
N ARG A 274 45.11 -16.50 -11.49
CA ARG A 274 46.54 -16.39 -11.21
C ARG A 274 47.30 -17.38 -12.08
N GLY A 275 48.57 -17.61 -11.76
CA GLY A 275 49.36 -18.58 -12.49
C GLY A 275 49.14 -20.01 -12.09
N ASP A 276 48.11 -20.30 -11.31
CA ASP A 276 47.84 -21.64 -10.79
C ASP A 276 47.25 -22.51 -11.89
N GLU A 277 46.85 -23.72 -11.53
CA GLU A 277 46.29 -24.71 -12.43
C GLU A 277 44.97 -25.22 -11.91
N PRO A 278 44.08 -25.68 -12.79
CA PRO A 278 42.78 -26.22 -12.31
C PRO A 278 43.00 -27.42 -11.41
N SER A 279 42.41 -27.36 -10.22
CA SER A 279 42.56 -28.40 -9.19
C SER A 279 41.18 -28.75 -8.66
N LEU A 280 40.55 -29.75 -9.26
CA LEU A 280 39.22 -30.20 -8.86
C LEU A 280 39.19 -31.71 -8.78
N PRO A 281 38.30 -32.28 -7.95
CA PRO A 281 38.13 -33.74 -7.95
C PRO A 281 37.66 -34.23 -9.31
N GLU A 282 38.16 -35.40 -9.70
CA GLU A 282 37.80 -35.98 -10.98
C GLU A 282 36.41 -36.59 -10.94
N LEU A 283 35.88 -36.88 -12.14
CA LEU A 283 34.56 -37.47 -12.27
C LEU A 283 34.70 -38.91 -12.73
N PRO A 284 34.58 -39.88 -11.83
CA PRO A 284 34.69 -41.29 -12.25
C PRO A 284 33.58 -41.75 -13.16
N VAL A 285 32.42 -41.08 -13.14
CA VAL A 285 31.24 -41.50 -13.89
C VAL A 285 30.98 -40.49 -14.99
N GLN A 286 30.93 -40.97 -16.23
CA GLN A 286 30.45 -40.20 -17.36
C GLN A 286 28.95 -40.46 -17.51
N TYR A 287 28.27 -39.59 -18.29
CA TYR A 287 26.84 -39.74 -18.45
C TYR A 287 26.48 -41.04 -19.17
N ALA A 288 27.27 -41.42 -20.17
CA ALA A 288 27.02 -42.67 -20.87
C ALA A 288 27.19 -43.87 -19.95
N ASP A 289 28.11 -43.76 -18.98
CA ASP A 289 28.22 -44.79 -17.94
C ASP A 289 26.90 -44.95 -17.18
N PHE A 290 26.31 -43.84 -16.76
CA PHE A 290 25.03 -43.89 -16.06
C PHE A 290 23.95 -44.46 -16.97
N ALA A 291 23.97 -44.09 -18.26
CA ALA A 291 22.98 -44.60 -19.19
C ALA A 291 23.07 -46.12 -19.30
N HIS A 292 24.29 -46.66 -19.48
CA HIS A 292 24.46 -48.11 -19.57
C HIS A 292 24.05 -48.80 -18.28
N TRP A 293 24.48 -48.26 -17.13
CA TRP A 293 24.17 -48.89 -15.86
C TRP A 293 22.67 -48.88 -15.58
N GLN A 294 21.98 -47.80 -15.95
CA GLN A 294 20.53 -47.76 -15.84
C GLN A 294 19.86 -48.74 -16.79
N ARG A 295 20.37 -48.83 -18.03
CA ARG A 295 19.71 -49.65 -19.02
C ARG A 295 19.84 -51.13 -18.71
N ARG A 296 20.93 -51.55 -18.06
CA ARG A 296 21.03 -52.96 -17.74
C ARG A 296 20.21 -53.31 -16.50
N THR A 297 20.00 -52.36 -15.60
CA THR A 297 19.01 -52.52 -14.52
C THR A 297 17.66 -51.91 -14.90
N PHE A 298 17.14 -52.29 -16.06
CA PHE A 298 15.84 -51.80 -16.51
C PHE A 298 15.33 -52.74 -17.59
N ASP A 299 14.21 -53.40 -17.33
CA ASP A 299 13.73 -54.44 -18.23
C ASP A 299 12.27 -54.20 -18.56
N ALA A 300 11.75 -55.04 -19.46
CA ALA A 300 10.35 -54.94 -19.85
C ALA A 300 9.42 -55.15 -18.67
N ASP A 301 9.84 -55.95 -17.69
CA ASP A 301 8.99 -56.20 -16.53
C ASP A 301 8.76 -54.93 -15.73
N ALA A 302 9.83 -54.19 -15.41
CA ALA A 302 9.69 -52.96 -14.65
C ALA A 302 8.92 -51.90 -15.44
N ARG A 303 9.20 -51.78 -16.74
CA ARG A 303 8.47 -50.83 -17.56
C ARG A 303 6.97 -51.14 -17.56
N ALA A 304 6.62 -52.42 -17.76
CA ALA A 304 5.22 -52.81 -17.77
C ALA A 304 4.58 -52.56 -16.39
N ARG A 305 5.30 -52.87 -15.32
CA ARG A 305 4.77 -52.63 -13.98
C ARG A 305 4.45 -51.16 -13.75
N GLN A 306 5.39 -50.28 -14.07
CA GLN A 306 5.18 -48.86 -13.82
C GLN A 306 4.13 -48.27 -14.75
N GLN A 307 4.08 -48.72 -16.00
CA GLN A 307 3.03 -48.28 -16.90
C GLN A 307 1.65 -48.73 -16.41
N ALA A 308 1.56 -49.95 -15.87
CA ALA A 308 0.30 -50.41 -15.30
C ALA A 308 -0.09 -49.57 -14.10
N TYR A 309 0.87 -49.25 -13.22
CA TYR A 309 0.55 -48.42 -12.07
C TYR A 309 0.04 -47.05 -12.50
N TRP A 310 0.69 -46.45 -13.50
CA TRP A 310 0.29 -45.10 -13.91
C TRP A 310 -0.98 -45.09 -14.74
N ARG A 311 -1.28 -46.18 -15.47
CA ARG A 311 -2.57 -46.24 -16.16
C ARG A 311 -3.70 -46.45 -15.16
N ALA A 312 -3.46 -47.22 -14.10
CA ALA A 312 -4.46 -47.37 -13.05
C ALA A 312 -4.67 -46.06 -12.28
N GLN A 313 -3.58 -45.36 -11.98
CA GLN A 313 -3.69 -44.15 -11.17
C GLN A 313 -4.37 -43.01 -11.92
N LEU A 314 -4.03 -42.82 -13.19
CA LEU A 314 -4.57 -41.73 -13.99
C LEU A 314 -5.89 -42.11 -14.67
N ALA A 315 -6.60 -43.10 -14.16
CA ALA A 315 -7.86 -43.51 -14.72
C ALA A 315 -8.96 -42.51 -14.38
N ASP A 316 -10.01 -42.51 -15.20
CA ASP A 316 -11.19 -41.65 -15.07
C ASP A 316 -10.83 -40.21 -14.72
N LEU A 317 -9.75 -39.70 -15.30
CA LEU A 317 -9.29 -38.34 -15.06
C LEU A 317 -9.64 -37.47 -16.26
N PRO A 318 -10.31 -36.32 -16.03
CA PRO A 318 -10.68 -35.45 -17.16
C PRO A 318 -9.46 -35.01 -17.95
N SER A 319 -9.61 -34.97 -19.27
CA SER A 319 -8.50 -34.60 -20.14
C SER A 319 -8.08 -33.15 -19.99
N CYS A 320 -8.94 -32.30 -19.41
CA CYS A 320 -8.61 -30.90 -19.21
C CYS A 320 -9.41 -30.38 -18.02
N THR A 321 -8.72 -29.79 -17.06
CA THR A 321 -9.38 -29.27 -15.87
C THR A 321 -10.26 -28.08 -16.23
N ALA A 322 -11.38 -27.94 -15.52
CA ALA A 322 -12.34 -26.87 -15.78
C ALA A 322 -11.89 -25.58 -15.09
N LEU A 323 -10.73 -25.10 -15.49
CA LEU A 323 -10.21 -23.83 -14.96
C LEU A 323 -10.94 -22.68 -15.64
N ARG A 324 -11.75 -21.96 -14.87
CA ARG A 324 -12.51 -20.82 -15.40
C ARG A 324 -11.55 -19.67 -15.62
N THR A 325 -11.06 -19.54 -16.86
CA THR A 325 -10.10 -18.52 -17.21
C THR A 325 -10.82 -17.19 -17.44
N ASP A 326 -10.10 -16.19 -17.95
CA ASP A 326 -10.69 -14.90 -18.28
C ASP A 326 -11.14 -14.85 -19.73
N TYR A 327 -10.34 -15.40 -20.64
CA TYR A 327 -10.67 -15.46 -22.05
C TYR A 327 -10.91 -16.90 -22.48
N ARG A 328 -11.92 -17.09 -23.32
CA ARG A 328 -12.28 -18.44 -23.75
C ARG A 328 -11.11 -19.10 -24.47
N ARG A 329 -10.95 -20.40 -24.23
CA ARG A 329 -9.78 -21.12 -24.71
C ARG A 329 -9.73 -21.09 -26.24
N PRO A 330 -8.60 -20.69 -26.84
CA PRO A 330 -8.50 -20.70 -28.30
C PRO A 330 -8.49 -22.12 -28.84
N GLU A 331 -8.89 -22.23 -30.12
CA GLU A 331 -8.91 -23.52 -30.79
C GLU A 331 -7.53 -24.14 -30.91
N ALA A 332 -6.47 -23.33 -30.86
CA ALA A 332 -5.10 -23.81 -30.92
C ALA A 332 -4.25 -23.03 -29.93
N LYS A 333 -3.22 -23.69 -29.41
CA LYS A 333 -2.31 -23.09 -28.44
C LYS A 333 -1.23 -22.29 -29.17
N SER A 334 -0.98 -21.08 -28.69
CA SER A 334 0.05 -20.22 -29.26
C SER A 334 1.38 -20.31 -28.55
N TYR A 335 1.41 -20.90 -27.34
CA TYR A 335 2.64 -21.07 -26.57
C TYR A 335 3.33 -19.74 -26.29
N GLN A 336 2.56 -18.78 -25.80
CA GLN A 336 3.07 -17.49 -25.37
C GLN A 336 2.71 -17.28 -23.91
N GLY A 337 3.65 -16.74 -23.13
CA GLY A 337 3.42 -16.64 -21.70
C GLY A 337 4.19 -15.49 -21.09
N SER A 338 3.97 -15.32 -19.80
CA SER A 338 4.64 -14.30 -18.98
C SER A 338 4.75 -14.86 -17.57
N SER A 339 5.07 -13.99 -16.60
CA SER A 339 5.19 -14.43 -15.22
C SER A 339 4.97 -13.27 -14.27
N VAL A 340 4.43 -13.59 -13.09
CA VAL A 340 4.33 -12.66 -11.98
C VAL A 340 5.19 -13.21 -10.85
N GLU A 341 5.51 -12.34 -9.90
CA GLU A 341 6.55 -12.64 -8.92
C GLU A 341 5.94 -12.92 -7.56
N VAL A 342 6.55 -13.86 -6.83
CA VAL A 342 6.01 -14.39 -5.59
C VAL A 342 7.03 -14.18 -4.46
N ASN A 343 6.54 -13.75 -3.30
CA ASN A 343 7.36 -13.50 -2.11
C ASN A 343 6.66 -14.00 -0.86
N VAL A 344 7.41 -14.68 0.00
CA VAL A 344 6.90 -15.12 1.30
C VAL A 344 7.93 -14.76 2.38
N PRO A 345 7.49 -14.19 3.51
CA PRO A 345 8.44 -13.82 4.56
C PRO A 345 9.11 -15.04 5.18
N ALA A 346 10.23 -14.78 5.87
CA ALA A 346 11.00 -15.85 6.48
C ALA A 346 10.33 -16.41 7.73
N ALA A 347 9.60 -15.57 8.47
CA ALA A 347 8.89 -16.06 9.65
C ALA A 347 7.79 -17.03 9.25
N VAL A 348 7.06 -16.71 8.18
CA VAL A 348 6.02 -17.62 7.69
C VAL A 348 6.64 -18.93 7.23
N LEU A 349 7.79 -18.86 6.55
CA LEU A 349 8.45 -20.08 6.10
C LEU A 349 8.91 -20.93 7.27
N ASP A 350 9.44 -20.30 8.32
CA ASP A 350 9.86 -21.05 9.49
C ASP A 350 8.66 -21.72 10.18
N GLN A 351 7.54 -21.00 10.27
CA GLN A 351 6.34 -21.60 10.85
C GLN A 351 5.81 -22.73 9.99
N LEU A 352 5.92 -22.60 8.66
CA LEU A 352 5.53 -23.67 7.76
C LEU A 352 6.41 -24.91 7.96
N LYS A 353 7.71 -24.69 8.16
CA LYS A 353 8.62 -25.79 8.45
C LYS A 353 8.25 -26.47 9.76
N ARG A 354 7.90 -25.68 10.77
CA ARG A 354 7.51 -26.25 12.06
C ARG A 354 6.21 -27.05 11.94
N VAL A 355 5.26 -26.53 11.16
CA VAL A 355 3.99 -27.23 10.96
C VAL A 355 4.23 -28.55 10.22
N SER A 356 5.03 -28.52 9.15
CA SER A 356 5.27 -29.72 8.36
C SER A 356 6.00 -30.79 9.17
N LYS A 357 6.98 -30.38 9.97
CA LYS A 357 7.80 -31.35 10.70
C LYS A 357 6.98 -32.14 11.71
N GLU A 358 6.08 -31.48 12.43
CA GLU A 358 5.29 -32.17 13.44
C GLU A 358 4.12 -32.94 12.87
N ARG A 359 3.75 -32.68 11.62
CA ARG A 359 2.74 -33.48 10.93
C ARG A 359 3.33 -34.72 10.25
N GLY A 360 4.65 -34.89 10.31
CA GLY A 360 5.30 -36.03 9.71
C GLY A 360 5.65 -35.87 8.25
N GLY A 361 5.39 -34.72 7.65
CA GLY A 361 5.65 -34.48 6.24
C GLY A 361 6.84 -33.57 6.00
N THR A 362 6.88 -33.01 4.79
CA THR A 362 7.96 -32.12 4.37
C THR A 362 7.36 -30.79 3.91
N LEU A 363 8.25 -29.87 3.54
CA LEU A 363 7.80 -28.55 3.07
C LEU A 363 7.16 -28.65 1.69
N TYR A 364 7.68 -29.53 0.84
CA TYR A 364 7.14 -29.68 -0.51
C TYR A 364 5.68 -30.11 -0.47
N MET A 365 5.34 -31.04 0.42
CA MET A 365 3.96 -31.49 0.54
C MET A 365 3.04 -30.37 0.98
N THR A 366 3.49 -29.56 1.96
CA THR A 366 2.68 -28.44 2.43
C THR A 366 2.46 -27.43 1.32
N LEU A 367 3.50 -27.10 0.57
CA LEU A 367 3.36 -26.11 -0.50
C LEU A 367 2.49 -26.65 -1.64
N LEU A 368 2.60 -27.94 -1.95
CA LEU A 368 1.75 -28.54 -2.97
C LEU A 368 0.30 -28.54 -2.52
N SER A 369 0.04 -28.82 -1.24
CA SER A 369 -1.32 -28.76 -0.73
C SER A 369 -1.88 -27.34 -0.80
N ALA A 370 -1.05 -26.35 -0.47
CA ALA A 370 -1.49 -24.96 -0.59
C ALA A 370 -1.81 -24.59 -2.04
N PHE A 371 -0.98 -25.04 -2.98
CA PHE A 371 -1.26 -24.80 -4.39
C PHE A 371 -2.55 -25.46 -4.83
N ALA A 372 -2.80 -26.68 -4.37
CA ALA A 372 -4.06 -27.36 -4.69
C ALA A 372 -5.24 -26.61 -4.10
N THR A 373 -5.09 -26.08 -2.88
CA THR A 373 -6.16 -25.30 -2.27
C THR A 373 -6.44 -24.02 -3.07
N LEU A 374 -5.39 -23.39 -3.60
CA LEU A 374 -5.60 -22.20 -4.41
C LEU A 374 -6.38 -22.53 -5.69
N LEU A 375 -6.02 -23.63 -6.36
CA LEU A 375 -6.65 -23.94 -7.63
C LEU A 375 -8.07 -24.44 -7.47
N GLY A 376 -8.48 -24.80 -6.25
CA GLY A 376 -9.87 -25.14 -6.01
C GLY A 376 -10.82 -23.97 -6.12
N ALA A 377 -10.31 -22.74 -6.04
CA ALA A 377 -11.16 -21.57 -6.22
C ALA A 377 -11.48 -21.32 -7.69
N HIS A 378 -10.62 -21.78 -8.60
CA HIS A 378 -10.80 -21.54 -10.03
C HIS A 378 -11.44 -22.71 -10.75
N THR A 379 -11.86 -23.76 -10.04
CA THR A 379 -12.54 -24.87 -10.66
C THR A 379 -13.42 -25.55 -9.61
N ASP A 380 -14.47 -26.21 -10.09
CA ASP A 380 -15.36 -26.98 -9.23
C ASP A 380 -15.08 -28.48 -9.31
N ASP A 381 -13.99 -28.88 -9.95
CA ASP A 381 -13.66 -30.30 -10.08
C ASP A 381 -13.27 -30.89 -8.73
N ARG A 382 -13.74 -32.11 -8.47
CA ARG A 382 -13.40 -32.79 -7.23
C ARG A 382 -11.96 -33.31 -7.24
N GLU A 383 -11.44 -33.67 -8.40
CA GLU A 383 -10.08 -34.17 -8.55
C GLU A 383 -9.25 -33.18 -9.34
N LEU A 384 -7.97 -33.07 -8.98
CA LEU A 384 -7.06 -32.14 -9.62
C LEU A 384 -5.76 -32.87 -9.93
N ALA A 385 -5.21 -32.61 -11.12
CA ALA A 385 -3.97 -33.22 -11.56
C ALA A 385 -2.92 -32.13 -11.74
N ILE A 386 -1.80 -32.28 -11.04
CA ILE A 386 -0.71 -31.30 -11.07
C ILE A 386 0.58 -32.03 -11.38
N GLY A 387 1.32 -31.53 -12.37
CA GLY A 387 2.62 -32.10 -12.68
C GLY A 387 3.71 -31.56 -11.78
N SER A 388 4.72 -32.39 -11.55
CA SER A 388 5.81 -32.02 -10.66
C SER A 388 7.11 -32.73 -11.04
N PRO A 389 8.15 -31.99 -11.41
CA PRO A 389 9.42 -32.63 -11.75
C PRO A 389 10.18 -33.06 -10.51
N VAL A 390 10.77 -34.26 -10.58
CA VAL A 390 11.54 -34.81 -9.48
C VAL A 390 12.92 -35.21 -10.01
N THR A 391 13.89 -35.22 -9.11
CA THR A 391 15.25 -35.61 -9.48
C THR A 391 15.47 -37.09 -9.25
N ASN A 392 16.24 -37.71 -10.14
CA ASN A 392 16.52 -39.14 -10.12
C ASN A 392 18.03 -39.31 -9.97
N ARG A 393 18.51 -39.34 -8.73
CA ARG A 393 19.94 -39.49 -8.43
C ARG A 393 20.11 -40.56 -7.36
N PRO A 394 19.85 -41.83 -7.69
CA PRO A 394 19.89 -42.91 -6.70
C PRO A 394 21.27 -43.55 -6.55
N ARG A 395 22.30 -42.71 -6.39
CA ARG A 395 23.66 -43.21 -6.21
C ARG A 395 24.57 -42.10 -5.70
N PRO A 396 25.41 -42.38 -4.70
CA PRO A 396 26.33 -41.34 -4.19
C PRO A 396 27.34 -40.83 -5.19
N GLU A 397 27.44 -41.44 -6.38
CA GLU A 397 28.38 -41.01 -7.40
C GLU A 397 27.71 -40.13 -8.45
N LEU A 398 26.58 -39.49 -8.11
CA LEU A 398 25.83 -38.73 -9.10
C LEU A 398 25.47 -37.32 -8.65
N GLU A 399 25.98 -36.84 -7.52
CA GLU A 399 25.69 -35.49 -7.06
C GLU A 399 26.67 -34.45 -7.58
N ARG A 400 27.60 -34.84 -8.46
CA ARG A 400 28.54 -33.92 -9.06
C ARG A 400 28.45 -33.89 -10.58
N LEU A 401 27.79 -34.86 -11.20
CA LEU A 401 27.71 -34.90 -12.65
C LEU A 401 26.78 -33.82 -13.18
N VAL A 402 27.11 -33.30 -14.35
CA VAL A 402 26.27 -32.33 -15.06
C VAL A 402 25.50 -33.09 -16.13
N GLY A 403 24.21 -33.28 -15.89
CA GLY A 403 23.38 -34.04 -16.80
C GLY A 403 21.93 -33.89 -16.42
N TYR A 404 21.06 -34.45 -17.25
CA TYR A 404 19.63 -34.23 -17.14
C TYR A 404 19.03 -35.42 -16.40
N PHE A 405 18.63 -35.21 -15.13
CA PHE A 405 18.09 -36.24 -14.26
C PHE A 405 16.68 -35.92 -13.79
N ILE A 406 15.86 -35.32 -14.66
CA ILE A 406 14.55 -34.82 -14.30
C ILE A 406 13.48 -35.65 -14.98
N ASN A 407 12.53 -36.16 -14.20
CA ASN A 407 11.36 -36.85 -14.71
C ASN A 407 10.12 -36.23 -14.08
N VAL A 408 9.07 -36.05 -14.90
CA VAL A 408 7.85 -35.38 -14.46
C VAL A 408 6.85 -36.42 -14.02
N LEU A 409 6.31 -36.26 -12.81
CA LEU A 409 5.23 -37.07 -12.29
C LEU A 409 3.95 -36.26 -12.21
N VAL A 410 2.82 -36.94 -12.25
CA VAL A 410 1.51 -36.32 -12.18
C VAL A 410 0.89 -36.66 -10.83
N MET A 411 0.52 -35.63 -10.07
CA MET A 411 -0.04 -35.81 -8.74
C MET A 411 -1.54 -35.56 -8.79
N ARG A 412 -2.32 -36.52 -8.28
CA ARG A 412 -3.77 -36.41 -8.19
C ARG A 412 -4.15 -36.17 -6.74
N LEU A 413 -4.97 -35.15 -6.50
CA LEU A 413 -5.38 -34.77 -5.17
C LEU A 413 -6.88 -34.55 -5.11
N ASP A 414 -7.47 -34.86 -3.96
CA ASP A 414 -8.90 -34.64 -3.71
C ASP A 414 -9.05 -33.31 -2.99
N VAL A 415 -9.79 -32.39 -3.62
CA VAL A 415 -9.84 -31.00 -3.15
C VAL A 415 -11.25 -30.61 -2.73
N ARG A 416 -11.99 -31.55 -2.16
CA ARG A 416 -13.32 -31.23 -1.64
C ARG A 416 -13.21 -30.14 -0.58
N PRO A 417 -14.02 -29.09 -0.65
CA PRO A 417 -13.77 -27.89 0.16
C PRO A 417 -14.29 -27.95 1.59
N GLU A 418 -14.93 -29.04 2.02
CA GLU A 418 -15.41 -29.15 3.38
C GLU A 418 -14.51 -30.01 4.27
N GLN A 419 -13.35 -30.39 3.78
CA GLN A 419 -12.39 -31.17 4.56
C GLN A 419 -11.33 -30.26 5.16
N ALA A 420 -10.71 -30.73 6.24
CA ALA A 420 -9.66 -29.95 6.88
C ALA A 420 -8.38 -29.98 6.04
N PHE A 421 -7.49 -29.03 6.35
CA PHE A 421 -6.19 -29.00 5.68
C PHE A 421 -5.31 -30.16 6.12
N ASP A 422 -5.54 -30.69 7.32
CA ASP A 422 -4.76 -31.84 7.79
C ASP A 422 -5.04 -33.07 6.94
N ASP A 423 -6.31 -33.29 6.57
CA ASP A 423 -6.65 -34.42 5.71
C ASP A 423 -6.01 -34.27 4.34
N LEU A 424 -6.02 -33.05 3.80
CA LEU A 424 -5.35 -32.79 2.53
C LEU A 424 -3.85 -33.05 2.63
N LEU A 425 -3.24 -32.64 3.75
CA LEU A 425 -1.81 -32.90 3.94
C LEU A 425 -1.52 -34.39 3.99
N ALA A 426 -2.34 -35.16 4.71
CA ALA A 426 -2.14 -36.60 4.77
C ALA A 426 -2.28 -37.25 3.41
N GLN A 427 -3.31 -36.84 2.66
CA GLN A 427 -3.50 -37.39 1.31
C GLN A 427 -2.33 -37.04 0.40
N ALA A 428 -1.85 -35.80 0.47
CA ALA A 428 -0.71 -35.40 -0.35
C ALA A 428 0.54 -36.16 0.03
N GLN A 429 0.73 -36.42 1.33
CA GLN A 429 1.88 -37.21 1.77
C GLN A 429 1.81 -38.62 1.20
N ARG A 430 0.64 -39.25 1.27
CA ARG A 430 0.50 -40.60 0.73
C ARG A 430 0.73 -40.62 -0.78
N VAL A 431 0.15 -39.67 -1.50
CA VAL A 431 0.31 -39.61 -2.95
C VAL A 431 1.77 -39.38 -3.34
N THR A 432 2.44 -38.45 -2.65
CA THR A 432 3.84 -38.18 -2.96
C THR A 432 4.72 -39.38 -2.65
N ALA A 433 4.47 -40.07 -1.55
CA ALA A 433 5.23 -41.28 -1.23
C ALA A 433 5.01 -42.36 -2.27
N ALA A 434 3.77 -42.52 -2.73
CA ALA A 434 3.49 -43.53 -3.75
C ALA A 434 4.15 -43.19 -5.08
N ALA A 435 4.14 -41.90 -5.46
CA ALA A 435 4.66 -41.51 -6.77
C ALA A 435 6.18 -41.65 -6.84
N HIS A 436 6.89 -41.44 -5.74
CA HIS A 436 8.34 -41.52 -5.75
C HIS A 436 8.85 -42.95 -5.92
N GLU A 437 7.98 -43.95 -5.80
CA GLU A 437 8.39 -45.34 -6.00
C GLU A 437 8.27 -45.79 -7.45
N HIS A 438 7.68 -44.97 -8.32
CA HIS A 438 7.44 -45.33 -9.72
C HIS A 438 7.82 -44.17 -10.64
N LYS A 439 8.99 -43.58 -10.40
CA LYS A 439 9.45 -42.44 -11.18
C LYS A 439 10.46 -42.82 -12.26
N GLU A 440 10.68 -44.11 -12.48
CA GLU A 440 11.64 -44.55 -13.49
C GLU A 440 11.10 -44.39 -14.90
N VAL A 441 9.83 -44.71 -15.13
CA VAL A 441 9.29 -44.72 -16.49
C VAL A 441 9.18 -43.28 -17.01
N PRO A 442 9.62 -43.00 -18.23
CA PRO A 442 9.54 -41.64 -18.75
C PRO A 442 8.11 -41.16 -18.92
N PHE A 443 7.93 -39.84 -18.81
CA PHE A 443 6.61 -39.25 -18.96
C PHE A 443 6.10 -39.33 -20.38
N ALA A 444 7.00 -39.30 -21.37
CA ALA A 444 6.59 -39.38 -22.76
C ALA A 444 5.92 -40.71 -23.07
N ASP A 445 6.39 -41.79 -22.43
CA ASP A 445 5.73 -43.08 -22.57
C ASP A 445 4.27 -42.99 -22.11
N LEU A 446 4.03 -42.40 -20.94
CA LEU A 446 2.67 -42.25 -20.44
C LEU A 446 1.83 -41.38 -21.36
N VAL A 447 2.42 -40.31 -21.91
CA VAL A 447 1.69 -39.46 -22.84
C VAL A 447 1.27 -40.24 -24.07
N ARG A 448 2.19 -41.05 -24.62
CA ARG A 448 1.87 -41.83 -25.80
C ARG A 448 0.80 -42.87 -25.49
N ASP A 449 0.86 -43.48 -24.30
CA ASP A 449 -0.02 -44.59 -24.00
C ASP A 449 -1.43 -44.10 -23.65
N LEU A 450 -1.54 -43.24 -22.63
CA LEU A 450 -2.84 -42.84 -22.10
C LEU A 450 -3.49 -41.71 -22.88
N VAL A 451 -2.78 -41.07 -23.79
CA VAL A 451 -3.34 -39.98 -24.59
C VAL A 451 -3.11 -40.28 -26.06
N PRO A 452 -3.97 -41.07 -26.70
CA PRO A 452 -3.76 -41.39 -28.13
C PRO A 452 -3.86 -40.16 -29.03
N GLU A 453 -4.92 -39.37 -28.88
CA GLU A 453 -5.08 -38.15 -29.67
C GLU A 453 -4.95 -36.93 -28.76
N PRO A 454 -3.81 -36.23 -28.77
CA PRO A 454 -3.71 -34.99 -28.02
C PRO A 454 -4.45 -33.85 -28.69
N ASP A 455 -5.15 -33.04 -27.90
CA ASP A 455 -5.81 -31.85 -28.44
C ASP A 455 -4.84 -30.68 -28.44
N PRO A 456 -4.54 -30.07 -29.59
CA PRO A 456 -3.68 -28.88 -29.60
C PRO A 456 -4.10 -27.77 -28.65
N ALA A 457 -5.31 -27.82 -28.09
CA ALA A 457 -5.80 -26.75 -27.24
C ALA A 457 -5.29 -26.82 -25.80
N TYR A 458 -4.69 -27.94 -25.40
CA TYR A 458 -4.17 -28.05 -24.04
C TYR A 458 -3.12 -29.14 -23.98
N SER A 459 -2.32 -29.09 -22.91
CA SER A 459 -1.23 -30.03 -22.68
C SER A 459 -1.77 -31.39 -22.23
N PRO A 460 -1.03 -32.47 -22.51
CA PRO A 460 -1.51 -33.80 -22.15
C PRO A 460 -1.28 -34.15 -20.68
N LEU A 461 -2.31 -34.76 -20.08
CA LEU A 461 -2.26 -35.41 -18.77
C LEU A 461 -2.19 -34.44 -17.60
N PHE A 462 -2.00 -33.15 -17.86
CA PHE A 462 -2.09 -32.11 -16.85
C PHE A 462 -1.96 -30.74 -17.48
N GLN A 463 -2.50 -29.71 -16.82
CA GLN A 463 -2.41 -28.34 -17.31
C GLN A 463 -1.80 -27.39 -16.30
N VAL A 464 -1.48 -27.85 -15.10
CA VAL A 464 -0.83 -27.04 -14.08
C VAL A 464 0.39 -27.78 -13.59
N MET A 465 1.38 -27.02 -13.12
CA MET A 465 2.67 -27.58 -12.72
C MET A 465 3.18 -26.87 -11.48
N PHE A 466 3.73 -27.65 -10.55
CA PHE A 466 4.32 -27.12 -9.33
C PHE A 466 5.75 -27.62 -9.22
N ASN A 467 6.68 -26.73 -8.87
CA ASN A 467 8.09 -27.05 -8.85
C ASN A 467 8.76 -26.35 -7.68
N LEU A 468 9.27 -27.12 -6.73
CA LEU A 468 10.06 -26.61 -5.61
C LEU A 468 11.54 -26.83 -5.93
N VAL A 469 12.23 -25.74 -6.27
CA VAL A 469 13.64 -25.83 -6.65
C VAL A 469 14.49 -26.08 -5.40
N PRO A 470 15.45 -27.00 -5.44
CA PRO A 470 16.33 -27.19 -4.29
C PRO A 470 17.17 -25.95 -4.01
N ALA A 471 17.48 -25.73 -2.75
CA ALA A 471 18.24 -24.56 -2.33
C ALA A 471 19.72 -24.68 -2.69
N VAL A 472 20.47 -23.60 -2.47
CA VAL A 472 21.90 -23.59 -2.78
C ASP A 481 36.97 -8.20 -1.61
N PRO A 482 38.26 -8.08 -1.32
CA PRO A 482 39.02 -6.90 -1.77
C PRO A 482 38.91 -6.70 -3.27
N GLY A 483 39.29 -7.72 -4.03
CA GLY A 483 39.16 -7.70 -5.48
C GLY A 483 38.03 -8.60 -5.95
N ALA A 484 37.05 -8.82 -5.07
CA ALA A 484 35.97 -9.75 -5.38
C ALA A 484 35.10 -9.21 -6.50
N LEU A 485 34.29 -10.10 -7.07
CA LEU A 485 33.38 -9.76 -8.16
C LEU A 485 31.94 -9.88 -7.69
N GLY A 486 31.07 -9.09 -8.30
CA GLY A 486 29.65 -9.12 -8.02
C GLY A 486 28.90 -9.65 -9.24
N PHE A 487 27.84 -10.42 -8.98
CA PHE A 487 27.06 -11.06 -10.04
C PHE A 487 25.60 -10.68 -9.87
N VAL A 488 25.04 -10.01 -10.88
CA VAL A 488 23.62 -9.66 -10.89
C VAL A 488 22.97 -10.37 -12.08
N PRO A 489 22.11 -11.35 -11.84
CA PRO A 489 21.43 -12.02 -12.97
C PRO A 489 20.57 -11.04 -13.76
N LEU A 490 20.60 -11.21 -15.08
CA LEU A 490 19.79 -10.37 -15.96
C LEU A 490 18.40 -10.96 -16.13
N PRO A 491 17.39 -10.12 -16.36
CA PRO A 491 16.03 -10.64 -16.57
C PRO A 491 15.92 -11.37 -17.89
N THR A 492 15.63 -12.66 -17.83
CA THR A 492 15.45 -13.49 -19.01
C THR A 492 14.01 -13.97 -19.02
N ASP A 493 13.14 -13.21 -19.69
CA ASP A 493 11.74 -13.56 -19.87
C ASP A 493 11.56 -13.99 -21.32
N SER A 494 11.50 -15.31 -21.55
CA SER A 494 11.41 -15.84 -22.90
C SER A 494 10.04 -15.62 -23.53
N GLY A 495 8.99 -15.46 -22.72
CA GLY A 495 7.65 -15.33 -23.26
C GLY A 495 6.98 -16.63 -23.58
N THR A 496 7.53 -17.76 -23.14
CA THR A 496 6.99 -19.08 -23.42
C THR A 496 6.30 -19.63 -22.18
N ALA A 497 5.19 -20.35 -22.40
CA ALA A 497 4.46 -21.02 -21.33
C ALA A 497 3.94 -22.33 -21.89
N LYS A 498 4.56 -23.44 -21.47
CA LYS A 498 4.19 -24.75 -21.99
C LYS A 498 2.86 -25.24 -21.46
N PHE A 499 2.38 -24.69 -20.34
CA PHE A 499 1.12 -25.09 -19.74
C PHE A 499 0.30 -23.85 -19.42
N ASP A 500 -0.89 -24.07 -18.86
CA ASP A 500 -1.73 -22.94 -18.46
C ASP A 500 -1.13 -22.20 -17.28
N LEU A 501 -0.57 -22.93 -16.32
CA LEU A 501 0.02 -22.33 -15.14
C LEU A 501 1.28 -23.11 -14.76
N ASN A 502 2.21 -22.42 -14.10
CA ASN A 502 3.46 -23.03 -13.68
C ASN A 502 4.01 -22.24 -12.51
N LEU A 503 3.97 -22.83 -11.31
CA LEU A 503 4.45 -22.18 -10.09
C LEU A 503 5.81 -22.76 -9.74
N VAL A 504 6.86 -21.94 -9.85
CA VAL A 504 8.22 -22.34 -9.54
C VAL A 504 8.67 -21.50 -8.35
N VAL A 505 8.88 -22.15 -7.21
CA VAL A 505 9.32 -21.48 -5.99
C VAL A 505 10.55 -22.18 -5.46
N ARG A 506 11.38 -21.44 -4.73
CA ARG A 506 12.60 -21.99 -4.16
C ARG A 506 12.84 -21.39 -2.78
N GLU A 507 13.53 -22.14 -1.94
CA GLU A 507 13.81 -21.72 -0.57
C GLU A 507 15.03 -20.80 -0.54
N THR A 508 14.94 -19.74 0.25
CA THR A 508 15.96 -18.72 0.34
C THR A 508 16.11 -18.34 1.80
N PRO A 509 17.29 -17.87 2.22
CA PRO A 509 17.45 -17.44 3.62
C PRO A 509 16.44 -16.41 4.10
N ASP A 510 15.89 -15.56 3.22
CA ASP A 510 14.93 -14.55 3.63
C ASP A 510 13.51 -14.93 3.18
N GLY A 511 13.18 -16.22 3.20
CA GLY A 511 11.84 -16.68 2.92
C GLY A 511 11.78 -17.48 1.63
N LEU A 512 10.63 -17.40 0.96
CA LEU A 512 10.37 -18.15 -0.26
C LEU A 512 10.32 -17.19 -1.44
N ARG A 513 11.10 -17.50 -2.47
CA ARG A 513 11.14 -16.70 -3.68
C ARG A 513 10.75 -17.57 -4.88
N GLY A 514 10.15 -16.94 -5.88
CA GLY A 514 9.73 -17.67 -7.06
C GLY A 514 8.83 -16.82 -7.94
N TYR A 515 8.11 -17.49 -8.84
CA TYR A 515 7.24 -16.80 -9.77
C TYR A 515 6.12 -17.75 -10.21
N LEU A 516 5.09 -17.17 -10.82
CA LEU A 516 3.97 -17.92 -11.37
C LEU A 516 3.89 -17.63 -12.86
N GLU A 517 4.11 -18.66 -13.67
CA GLU A 517 4.12 -18.53 -15.13
C GLU A 517 2.76 -18.95 -15.68
N TYR A 518 2.18 -18.10 -16.53
CA TYR A 518 0.87 -18.36 -17.10
C TYR A 518 0.93 -18.20 -18.61
N SER A 519 -0.02 -18.82 -19.30
CA SER A 519 -0.19 -18.65 -20.74
C SER A 519 -1.03 -17.41 -20.98
N THR A 520 -0.50 -16.46 -21.77
CA THR A 520 -1.14 -15.17 -21.93
C THR A 520 -2.46 -15.25 -22.66
N ASP A 521 -2.72 -16.32 -23.41
CA ASP A 521 -3.98 -16.45 -24.13
C ASP A 521 -5.18 -16.59 -23.20
N LEU A 522 -4.99 -17.20 -22.02
CA LEU A 522 -6.10 -17.56 -21.16
C LEU A 522 -6.35 -16.61 -20.00
N TYR A 523 -5.33 -15.87 -19.55
CA TYR A 523 -5.45 -15.10 -18.33
C TYR A 523 -4.93 -13.67 -18.54
N ALA A 524 -5.46 -12.76 -17.72
CA ALA A 524 -4.99 -11.39 -17.64
C ALA A 524 -4.01 -11.26 -16.48
N ARG A 525 -3.13 -10.27 -16.59
CA ARG A 525 -2.04 -10.12 -15.62
C ARG A 525 -2.57 -9.84 -14.21
N SER A 526 -3.65 -9.05 -14.11
CA SER A 526 -4.19 -8.69 -12.80
C SER A 526 -4.71 -9.93 -12.07
N THR A 527 -5.37 -10.84 -12.79
CA THR A 527 -5.86 -12.06 -12.15
C THR A 527 -4.71 -12.93 -11.64
N VAL A 528 -3.63 -13.02 -12.40
CA VAL A 528 -2.48 -13.79 -11.95
C VAL A 528 -1.83 -13.13 -10.74
N ARG A 529 -1.78 -11.80 -10.71
CA ARG A 529 -1.29 -11.10 -9.53
C ARG A 529 -2.15 -11.43 -8.32
N SER A 530 -3.48 -11.41 -8.50
CA SER A 530 -4.37 -11.74 -7.40
C SER A 530 -4.17 -13.19 -6.93
N MET A 531 -3.93 -14.09 -7.88
CA MET A 531 -3.67 -15.49 -7.51
C MET A 531 -2.38 -15.62 -6.70
N ALA A 532 -1.33 -14.92 -7.10
CA ALA A 532 -0.07 -14.96 -6.34
C ALA A 532 -0.26 -14.40 -4.94
N ALA A 533 -0.97 -13.28 -4.82
CA ALA A 533 -1.24 -12.72 -3.50
C ALA A 533 -2.08 -13.66 -2.66
N THR A 534 -3.04 -14.35 -3.29
CA THR A 534 -3.86 -15.32 -2.58
C THR A 534 -3.02 -16.48 -2.07
N TYR A 535 -2.05 -16.94 -2.87
CA TYR A 535 -1.16 -18.00 -2.39
C TYR A 535 -0.35 -17.54 -1.19
N GLU A 536 0.20 -16.32 -1.27
CA GLU A 536 1.00 -15.79 -0.17
C GLU A 536 0.18 -15.66 1.10
N ARG A 537 -1.08 -15.21 0.98
CA ARG A 537 -1.93 -15.10 2.15
C ARG A 537 -2.42 -16.46 2.64
N LEU A 538 -2.60 -17.42 1.73
CA LEU A 538 -3.03 -18.75 2.11
C LEU A 538 -1.99 -19.45 2.96
N LEU A 539 -0.70 -19.25 2.66
CA LEU A 539 0.34 -19.85 3.48
C LEU A 539 0.24 -19.34 4.93
N LEU A 540 0.10 -18.02 5.09
CA LEU A 540 -0.04 -17.44 6.42
C LEU A 540 -1.28 -17.96 7.13
N LYS A 541 -2.41 -18.04 6.42
CA LYS A 541 -3.63 -18.52 7.05
C LYS A 541 -3.55 -20.00 7.43
N ILE A 542 -2.85 -20.80 6.63
CA ILE A 542 -2.59 -22.19 7.00
C ILE A 542 -1.79 -22.24 8.30
N VAL A 543 -0.78 -21.37 8.42
CA VAL A 543 0.03 -21.34 9.63
C VAL A 543 -0.81 -20.95 10.84
N THR A 544 -1.61 -19.89 10.71
CA THR A 544 -2.27 -19.29 11.88
C THR A 544 -3.57 -19.97 12.27
N GLN A 545 -4.16 -20.80 11.41
CA GLN A 545 -5.42 -21.47 11.70
C GLN A 545 -5.21 -22.97 11.58
N PRO A 546 -4.92 -23.64 12.70
CA PRO A 546 -4.50 -25.05 12.64
C PRO A 546 -5.63 -26.06 12.52
N GLY A 547 -6.85 -25.65 12.23
CA GLY A 547 -7.93 -26.61 12.09
C GLY A 547 -8.96 -26.25 11.04
N ALA A 548 -8.67 -25.21 10.26
CA ALA A 548 -9.65 -24.71 9.29
C ALA A 548 -9.79 -25.66 8.11
N SER A 549 -10.90 -25.50 7.40
CA SER A 549 -11.14 -26.23 6.16
C SER A 549 -10.71 -25.40 4.96
N LEU A 550 -10.76 -26.01 3.78
CA LEU A 550 -10.26 -25.34 2.58
C LEU A 550 -11.09 -24.11 2.25
N ALA A 551 -12.42 -24.20 2.37
CA ALA A 551 -13.28 -23.04 2.14
C ALA A 551 -13.02 -21.96 3.18
N ARG A 552 -12.87 -22.36 4.45
CA ARG A 552 -12.56 -21.40 5.50
C ARG A 552 -11.23 -20.71 5.26
N LEU A 553 -10.21 -21.47 4.84
CA LEU A 553 -8.91 -20.89 4.56
C LEU A 553 -8.99 -19.93 3.38
N ARG A 554 -9.75 -20.28 2.35
CA ARG A 554 -9.90 -19.39 1.20
C ARG A 554 -10.62 -18.10 1.58
N GLU A 555 -11.65 -18.22 2.43
CA GLU A 555 -12.35 -17.02 2.90
C GLU A 555 -11.45 -16.14 3.74
N ALA A 556 -10.64 -16.74 4.61
CA ALA A 556 -9.69 -15.97 5.41
C ALA A 556 -8.66 -15.28 4.53
N ALA A 557 -8.18 -15.96 3.50
CA ALA A 557 -7.19 -15.37 2.60
C ALA A 557 -7.79 -14.27 1.74
N ALA A 558 -9.09 -14.35 1.45
CA ALA A 558 -9.72 -13.36 0.57
C ALA A 558 -9.78 -11.97 1.18
N ASP A 559 -9.63 -11.85 2.49
CA ASP A 559 -9.71 -10.55 3.17
C ASP A 559 -8.38 -9.79 3.04
N GLY A 560 -7.97 -9.57 1.80
CA GLY A 560 -6.72 -8.91 1.51
C GLY A 560 -6.75 -7.40 1.47
N GLY A 561 -7.89 -6.78 1.77
CA GLY A 561 -8.00 -5.34 1.67
C GLY A 561 -7.92 -4.86 0.24
N ALA A 562 -8.95 -5.17 -0.54
CA ALA A 562 -8.96 -4.92 -1.98
C ALA A 562 -7.77 -5.60 -2.67
N GLY A 563 -7.47 -6.83 -2.23
CA GLY A 563 -6.36 -7.58 -2.77
C GLY A 563 -5.31 -7.89 -1.73
N VAL B 113 -37.46 41.96 -1.00
CA VAL B 113 -37.01 43.06 -1.85
C VAL B 113 -35.54 43.35 -1.63
N PRO B 114 -34.85 43.79 -2.68
CA PRO B 114 -33.41 44.11 -2.54
C PRO B 114 -33.21 45.35 -1.69
N VAL B 115 -32.44 45.19 -0.61
CA VAL B 115 -32.13 46.29 0.30
C VAL B 115 -30.63 46.37 0.52
N THR B 116 -29.86 45.85 -0.43
CA THR B 116 -28.40 45.84 -0.36
C THR B 116 -27.81 46.62 -1.52
N GLY B 117 -26.84 47.47 -1.21
CA GLY B 117 -26.12 48.21 -2.22
C GLY B 117 -24.71 47.67 -2.40
N PRO B 118 -23.96 48.23 -3.36
CA PRO B 118 -22.59 47.78 -3.57
C PRO B 118 -21.72 48.04 -2.34
N GLY B 119 -20.85 47.07 -2.05
CA GLY B 119 -19.92 47.21 -0.95
C GLY B 119 -20.53 47.33 0.42
N GLU B 120 -21.78 46.90 0.59
CA GLU B 120 -22.46 46.98 1.88
C GLU B 120 -22.24 45.70 2.67
N GLU B 121 -22.07 45.85 3.98
CA GLU B 121 -21.86 44.72 4.87
C GLU B 121 -23.19 44.29 5.47
N SER B 122 -23.49 42.99 5.37
CA SER B 122 -24.74 42.44 5.85
C SER B 122 -24.51 41.48 7.01
N PRO B 123 -25.49 41.32 7.90
CA PRO B 123 -25.32 40.35 8.98
C PRO B 123 -25.45 38.92 8.49
N LEU B 124 -24.94 37.99 9.30
CA LEU B 124 -25.01 36.58 8.96
C LEU B 124 -26.42 36.06 9.20
N SER B 125 -26.84 35.12 8.34
CA SER B 125 -28.12 34.46 8.49
C SER B 125 -28.10 33.48 9.65
N CYS B 126 -29.29 33.03 10.05
CA CYS B 126 -29.38 32.02 11.10
C CYS B 126 -28.75 30.70 10.66
N GLN B 127 -28.96 30.32 9.40
CA GLN B 127 -28.38 29.08 8.89
C GLN B 127 -26.88 29.19 8.65
N GLN B 128 -26.33 30.40 8.62
CA GLN B 128 -24.90 30.61 8.46
C GLN B 128 -24.14 30.47 9.76
N SER B 129 -24.78 29.94 10.82
CA SER B 129 -24.14 29.79 12.11
C SER B 129 -23.17 28.62 12.16
N GLU B 130 -23.09 27.82 11.11
CA GLU B 130 -22.23 26.65 11.08
C GLU B 130 -21.46 26.56 9.77
N LEU B 131 -20.82 27.66 9.36
CA LEU B 131 -20.21 27.67 8.04
C LEU B 131 -19.08 26.67 7.90
N TRP B 132 -17.85 27.03 8.31
CA TRP B 132 -16.84 26.03 8.59
C TRP B 132 -15.87 26.53 9.66
N PHE B 133 -15.72 27.85 9.76
CA PHE B 133 -14.74 28.45 10.64
C PHE B 133 -15.32 28.84 11.99
N LEU B 134 -16.63 28.76 12.16
CA LEU B 134 -17.27 28.89 13.46
C LEU B 134 -17.36 27.57 14.20
N ASN B 135 -16.96 26.48 13.57
CA ASN B 135 -17.08 25.12 14.10
C ASN B 135 -15.78 24.36 13.90
N GLN B 136 -14.67 25.01 14.22
CA GLN B 136 -13.36 24.41 14.06
C GLN B 136 -13.11 23.35 15.12
N ARG B 137 -12.32 22.34 14.74
CA ARG B 137 -11.84 21.32 15.67
C ARG B 137 -10.32 21.30 15.62
N ALA B 138 -9.69 21.36 16.79
CA ALA B 138 -8.25 21.61 16.85
C ALA B 138 -7.44 20.47 16.26
N HIS B 139 -7.80 19.23 16.58
CA HIS B 139 -6.99 18.09 16.14
C HIS B 139 -7.34 17.62 14.75
N LEU B 140 -8.40 18.15 14.14
CA LEU B 140 -8.89 17.70 12.85
C LEU B 140 -8.41 18.56 11.68
N GLY B 141 -8.27 19.85 11.89
CA GLY B 141 -7.90 20.77 10.83
C GLY B 141 -9.08 21.64 10.40
N SER B 142 -8.75 22.78 9.80
CA SER B 142 -9.78 23.73 9.40
C SER B 142 -10.52 23.28 8.14
N SER B 143 -9.88 22.46 7.30
CA SER B 143 -10.46 22.06 6.02
C SER B 143 -10.74 20.56 5.96
N TYR B 144 -10.96 19.92 7.09
CA TYR B 144 -11.26 18.49 7.07
C TYR B 144 -12.65 18.20 6.53
N ASP B 145 -13.49 19.22 6.38
CA ASP B 145 -14.91 19.03 6.09
C ASP B 145 -15.26 19.64 4.74
N ASN B 146 -14.27 19.79 3.86
CA ASN B 146 -14.51 20.34 2.54
C ASN B 146 -15.35 19.39 1.70
N VAL B 147 -16.11 19.95 0.77
CA VAL B 147 -17.01 19.17 -0.09
C VAL B 147 -16.43 19.19 -1.50
N GLN B 148 -16.10 18.00 -2.01
CA GLN B 148 -15.52 17.87 -3.34
C GLN B 148 -16.53 17.20 -4.26
N MET B 149 -16.58 17.66 -5.50
CA MET B 149 -17.65 17.35 -6.44
C MET B 149 -17.07 17.12 -7.83
N ALA B 150 -16.99 15.85 -8.24
CA ALA B 150 -16.30 15.48 -9.47
C ALA B 150 -17.23 14.68 -10.38
N TYR B 151 -17.17 15.00 -11.67
CA TYR B 151 -17.91 14.32 -12.74
C TYR B 151 -16.97 14.01 -13.89
N ARG B 152 -17.40 13.08 -14.74
CA ARG B 152 -16.70 12.74 -15.97
C ARG B 152 -17.53 13.25 -17.14
N VAL B 153 -16.87 13.91 -18.10
CA VAL B 153 -17.53 14.48 -19.27
C VAL B 153 -17.10 13.65 -20.48
N ILE B 154 -18.08 13.05 -21.16
CA ILE B 154 -17.84 12.13 -22.27
C ILE B 154 -18.37 12.77 -23.53
N GLY B 155 -17.51 12.89 -24.55
CA GLY B 155 -17.89 13.46 -25.82
C GLY B 155 -17.03 14.64 -26.19
N PRO B 156 -17.32 15.25 -27.35
CA PRO B 156 -16.55 16.43 -27.76
C PRO B 156 -16.93 17.66 -26.95
N LEU B 157 -16.01 18.12 -26.12
CA LEU B 157 -16.25 19.23 -25.20
C LEU B 157 -15.39 20.42 -25.56
N ASP B 158 -16.00 21.58 -25.72
CA ASP B 158 -15.28 22.83 -25.90
C ASP B 158 -14.86 23.33 -24.52
N ARG B 159 -13.56 23.27 -24.23
CA ARG B 159 -13.09 23.54 -22.88
C ARG B 159 -13.18 25.02 -22.52
N GLN B 160 -12.87 25.90 -23.48
CA GLN B 160 -12.94 27.33 -23.21
C GLN B 160 -14.37 27.78 -22.92
N ALA B 161 -15.32 27.26 -23.68
CA ALA B 161 -16.72 27.62 -23.45
C ALA B 161 -17.20 27.11 -22.10
N TYR B 162 -16.72 25.93 -21.68
CA TYR B 162 -17.18 25.35 -20.42
C TYR B 162 -16.57 26.11 -19.23
N ALA B 163 -15.32 26.55 -19.37
CA ALA B 163 -14.73 27.43 -18.37
C ALA B 163 -15.42 28.78 -18.31
N ARG B 164 -15.80 29.33 -19.47
CA ARG B 164 -16.57 30.57 -19.47
C ARG B 164 -17.94 30.37 -18.84
N ALA B 165 -18.52 29.17 -18.99
CA ALA B 165 -19.76 28.85 -18.31
C ALA B 165 -19.58 28.89 -16.80
N PHE B 166 -18.47 28.32 -16.31
CA PHE B 166 -18.19 28.41 -14.87
C PHE B 166 -18.01 29.86 -14.43
N GLU B 167 -17.32 30.67 -15.24
CA GLU B 167 -17.13 32.08 -14.87
C GLU B 167 -18.46 32.82 -14.80
N GLY B 168 -19.33 32.58 -15.79
CA GLY B 168 -20.65 33.21 -15.77
C GLY B 168 -21.50 32.73 -14.61
N LEU B 169 -21.35 31.45 -14.24
CA LEU B 169 -22.06 30.92 -13.08
C LEU B 169 -21.60 31.60 -11.80
N VAL B 170 -20.28 31.81 -11.66
CA VAL B 170 -19.76 32.48 -10.47
C VAL B 170 -20.23 33.93 -10.44
N ALA B 171 -20.31 34.57 -11.61
CA ALA B 171 -20.83 35.94 -11.66
C ALA B 171 -22.31 35.99 -11.32
N ARG B 172 -23.07 34.96 -11.68
CA ARG B 172 -24.52 34.99 -11.50
C ARG B 172 -24.91 34.88 -10.04
N HIS B 173 -24.28 33.97 -9.29
CA HIS B 173 -24.62 33.72 -7.89
C HIS B 173 -23.63 34.43 -6.99
N ALA B 174 -24.13 35.32 -6.13
CA ALA B 174 -23.28 36.17 -5.32
C ALA B 174 -22.72 35.46 -4.08
N VAL B 175 -23.21 34.28 -3.74
CA VAL B 175 -22.67 33.55 -2.60
C VAL B 175 -21.27 33.03 -2.91
N LEU B 176 -21.01 32.69 -4.17
CA LEU B 176 -19.70 32.19 -4.57
C LEU B 176 -18.60 33.25 -4.49
N ARG B 177 -18.97 34.53 -4.39
CA ARG B 177 -18.00 35.62 -4.29
C ARG B 177 -18.29 36.48 -3.07
N THR B 178 -18.50 35.82 -1.93
CA THR B 178 -18.80 36.49 -0.68
C THR B 178 -17.69 36.21 0.33
N SER B 179 -17.23 37.25 1.01
CA SER B 179 -16.21 37.14 2.04
C SER B 179 -16.83 37.36 3.42
N TYR B 180 -16.12 36.90 4.44
CA TYR B 180 -16.59 36.98 5.82
C TYR B 180 -15.54 37.72 6.64
N LEU B 181 -15.95 38.82 7.26
CA LEU B 181 -15.05 39.69 8.00
C LEU B 181 -15.47 39.77 9.46
N ARG B 182 -14.48 39.84 10.35
CA ARG B 182 -14.74 39.92 11.78
C ARG B 182 -14.97 41.37 12.19
N ARG B 183 -16.17 41.67 12.65
CA ARG B 183 -16.53 42.98 13.19
C ARG B 183 -16.96 42.78 14.64
N GLY B 184 -16.02 42.98 15.56
CA GLY B 184 -16.31 42.75 16.96
C GLY B 184 -16.27 41.29 17.34
N ASP B 185 -17.31 40.81 18.03
CA ASP B 185 -17.40 39.41 18.43
C ASP B 185 -18.11 38.55 17.40
N THR B 186 -18.60 39.14 16.31
CA THR B 186 -19.34 38.39 15.29
C THR B 186 -18.75 38.63 13.91
N TYR B 187 -19.44 38.18 12.87
CA TYR B 187 -18.98 38.31 11.50
C TYR B 187 -20.04 38.99 10.65
N VAL B 188 -19.57 39.57 9.54
CA VAL B 188 -20.43 40.14 8.51
C VAL B 188 -20.00 39.56 7.18
N GLN B 189 -20.91 39.62 6.20
CA GLN B 189 -20.63 39.12 4.86
C GLN B 189 -20.63 40.27 3.87
N LYS B 190 -19.65 40.27 2.98
CA LYS B 190 -19.50 41.28 1.95
C LYS B 190 -19.39 40.59 0.58
N VAL B 191 -20.04 41.16 -0.42
CA VAL B 191 -20.07 40.61 -1.76
C VAL B 191 -19.04 41.33 -2.62
N ASN B 192 -18.20 40.56 -3.30
CA ASN B 192 -17.18 41.07 -4.19
C ASN B 192 -17.61 40.90 -5.64
N ASP B 193 -16.77 41.38 -6.56
CA ASP B 193 -17.01 41.19 -7.98
C ASP B 193 -16.35 39.90 -8.47
N THR B 194 -16.59 39.57 -9.72
CA THR B 194 -16.17 38.29 -10.27
C THR B 194 -14.74 38.29 -10.80
N THR B 195 -14.03 39.40 -10.68
CA THR B 195 -12.64 39.43 -11.11
C THR B 195 -11.76 38.61 -10.18
N GLY B 196 -10.84 37.83 -10.77
CA GLY B 196 -9.90 37.01 -10.03
C GLY B 196 -10.17 35.53 -10.12
N PHE B 197 -11.41 35.15 -10.42
CA PHE B 197 -11.75 33.73 -10.51
C PHE B 197 -11.28 33.16 -11.84
N ALA B 198 -10.75 31.93 -11.79
CA ALA B 198 -10.28 31.26 -12.99
C ALA B 198 -10.38 29.75 -12.79
N VAL B 199 -10.48 29.04 -13.91
CA VAL B 199 -10.54 27.59 -13.93
C VAL B 199 -9.13 27.05 -14.18
N ALA B 200 -8.72 26.06 -13.40
CA ALA B 200 -7.40 25.46 -13.53
C ALA B 200 -7.46 24.22 -14.42
N PHE B 201 -6.53 24.14 -15.37
CA PHE B 201 -6.46 23.03 -16.31
C PHE B 201 -5.26 22.15 -16.03
N GLU B 202 -5.45 20.83 -16.14
CA GLU B 202 -4.38 19.87 -15.98
C GLU B 202 -4.57 18.73 -16.98
N ASP B 203 -3.45 18.23 -17.50
CA ASP B 203 -3.44 17.02 -18.31
C ASP B 203 -3.14 15.84 -17.40
N VAL B 204 -4.08 14.91 -17.30
CA VAL B 204 -3.94 13.74 -16.42
C VAL B 204 -4.10 12.49 -17.27
N THR B 205 -3.27 11.49 -17.01
CA THR B 205 -3.22 10.26 -17.79
C THR B 205 -3.52 9.08 -16.88
N GLY B 206 -4.71 8.51 -17.02
CA GLY B 206 -5.10 7.35 -16.23
C GLY B 206 -6.24 7.67 -15.28
N ASP B 207 -6.66 6.63 -14.56
CA ASP B 207 -7.71 6.74 -13.56
C ASP B 207 -7.16 6.77 -12.14
N SER B 208 -6.11 6.00 -11.86
CA SER B 208 -5.46 6.09 -10.56
C SER B 208 -4.83 7.47 -10.37
N ALA B 209 -4.30 8.04 -11.46
CA ALA B 209 -3.79 9.40 -11.38
C ALA B 209 -4.89 10.38 -11.05
N VAL B 210 -6.08 10.19 -11.63
CA VAL B 210 -7.22 11.05 -11.33
C VAL B 210 -7.61 10.92 -9.86
N THR B 211 -7.65 9.69 -9.35
CA THR B 211 -8.01 9.47 -7.95
C THR B 211 -7.01 10.15 -7.02
N GLU B 212 -5.71 10.00 -7.31
CA GLU B 212 -4.68 10.61 -6.47
C GLU B 212 -4.76 12.13 -6.52
N PHE B 213 -4.98 12.69 -7.71
CA PHE B 213 -5.12 14.14 -7.85
C PHE B 213 -6.33 14.64 -7.07
N LEU B 214 -7.45 13.90 -7.11
CA LEU B 214 -8.63 14.28 -6.36
C LEU B 214 -8.35 14.25 -4.86
N ARG B 215 -7.65 13.22 -4.40
CA ARG B 215 -7.34 13.14 -2.97
C ARG B 215 -6.42 14.27 -2.53
N ALA B 216 -5.50 14.67 -3.42
CA ALA B 216 -4.60 15.78 -3.09
C ALA B 216 -5.33 17.11 -3.08
N GLU B 217 -6.30 17.30 -3.99
CA GLU B 217 -6.88 18.62 -4.19
C GLU B 217 -7.86 19.02 -3.08
N ARG B 218 -8.58 18.06 -2.51
CA ARG B 218 -9.66 18.41 -1.60
C ARG B 218 -9.22 19.13 -0.32
N PRO B 219 -8.23 18.66 0.44
CA PRO B 219 -7.95 19.26 1.74
C PRO B 219 -7.26 20.62 1.71
N ARG B 220 -7.12 21.25 0.55
CA ARG B 220 -6.48 22.56 0.51
C ARG B 220 -7.37 23.60 1.20
N PRO B 221 -6.80 24.46 2.03
CA PRO B 221 -7.61 25.31 2.91
C PRO B 221 -8.34 26.43 2.17
N PHE B 222 -9.40 26.91 2.81
CA PHE B 222 -10.12 28.11 2.41
C PHE B 222 -10.00 29.13 3.54
N ASP B 223 -9.89 30.40 3.16
CA ASP B 223 -9.84 31.44 4.17
C ASP B 223 -11.10 32.28 4.13
N PRO B 224 -11.62 32.71 5.30
CA PRO B 224 -12.84 33.52 5.30
C PRO B 224 -12.71 34.83 4.54
N ALA B 225 -11.52 35.38 4.39
CA ALA B 225 -11.32 36.63 3.68
C ALA B 225 -11.10 36.44 2.19
N ASP B 226 -11.19 35.21 1.69
CA ASP B 226 -11.03 34.98 0.26
C ASP B 226 -12.16 35.61 -0.54
N ARG B 227 -11.83 36.07 -1.75
CA ARG B 227 -12.82 36.74 -2.58
C ARG B 227 -13.77 35.75 -3.25
N HIS B 228 -13.33 34.52 -3.51
CA HIS B 228 -14.16 33.48 -4.11
C HIS B 228 -14.09 32.23 -3.26
N MET B 229 -15.20 31.50 -3.20
CA MET B 229 -15.34 30.32 -2.36
C MET B 229 -15.43 29.03 -3.17
N LEU B 230 -14.78 29.00 -4.32
CA LEU B 230 -14.80 27.81 -5.17
C LEU B 230 -13.39 27.50 -5.66
N ARG B 231 -13.19 26.24 -6.03
CA ARG B 231 -12.04 25.81 -6.81
C ARG B 231 -12.55 24.89 -7.90
N VAL B 232 -12.30 25.25 -9.15
CA VAL B 232 -12.75 24.49 -10.30
C VAL B 232 -11.54 24.00 -11.08
N HIS B 233 -11.48 22.69 -11.30
CA HIS B 233 -10.42 22.06 -12.08
C HIS B 233 -11.05 21.31 -13.25
N ILE B 234 -10.44 21.43 -14.43
CA ILE B 234 -10.82 20.64 -15.59
C ILE B 234 -9.62 19.77 -15.93
N LEU B 235 -9.78 18.46 -15.77
CA LEU B 235 -8.72 17.51 -16.04
C LEU B 235 -8.95 16.87 -17.40
N THR B 236 -8.01 17.05 -18.32
CA THR B 236 -8.11 16.53 -19.67
C THR B 236 -7.44 15.15 -19.71
N LEU B 237 -8.23 14.12 -20.02
CA LEU B 237 -7.70 12.77 -20.18
C LEU B 237 -7.44 12.47 -21.66
N THR B 238 -8.46 12.61 -22.48
CA THR B 238 -8.39 12.54 -23.93
C THR B 238 -9.18 13.72 -24.47
N PRO B 239 -9.03 14.05 -25.77
CA PRO B 239 -9.86 15.11 -26.34
C PRO B 239 -11.35 14.79 -26.36
N TYR B 240 -11.72 13.59 -25.88
CA TYR B 240 -13.11 13.18 -25.78
C TYR B 240 -13.46 12.65 -24.40
N GLU B 241 -12.65 12.95 -23.38
CA GLU B 241 -12.93 12.55 -22.00
C GLU B 241 -12.31 13.57 -21.06
N HIS B 242 -13.12 14.10 -20.15
CA HIS B 242 -12.68 15.13 -19.23
C HIS B 242 -13.27 14.86 -17.86
N VAL B 243 -12.64 15.46 -16.84
CA VAL B 243 -13.11 15.38 -15.46
C VAL B 243 -13.23 16.81 -14.92
N ALA B 244 -14.42 17.16 -14.46
CA ALA B 244 -14.67 18.46 -13.86
C ALA B 244 -14.74 18.32 -12.35
N VAL B 245 -14.03 19.18 -11.63
CA VAL B 245 -13.92 19.10 -10.18
C VAL B 245 -14.38 20.43 -9.59
N VAL B 246 -15.26 20.37 -8.60
CA VAL B 246 -15.70 21.56 -7.86
C VAL B 246 -15.49 21.27 -6.38
N THR B 247 -14.76 22.15 -5.70
CA THR B 247 -14.52 22.04 -4.27
C THR B 247 -14.93 23.34 -3.59
N ARG B 248 -15.52 23.21 -2.41
CA ARG B 248 -15.96 24.35 -1.63
C ARG B 248 -15.84 23.99 -0.16
N PRO B 249 -15.78 24.98 0.73
CA PRO B 249 -15.82 24.69 2.16
C PRO B 249 -17.25 24.41 2.61
N TRP B 250 -17.36 23.92 3.84
CA TRP B 250 -18.67 23.62 4.41
C TRP B 250 -19.46 24.91 4.65
N GLY B 251 -20.78 24.79 4.57
CA GLY B 251 -21.66 25.90 4.90
C GLY B 251 -21.89 26.90 3.80
N ILE B 252 -21.46 26.62 2.57
CA ILE B 252 -21.60 27.59 1.48
C ILE B 252 -22.97 27.41 0.82
N PHE B 253 -23.24 26.21 0.31
CA PHE B 253 -24.56 25.91 -0.21
C PHE B 253 -24.83 24.41 -0.09
N ASP B 254 -26.12 24.06 -0.17
CA ASP B 254 -26.61 22.73 0.10
C ASP B 254 -26.96 21.98 -1.19
N GLY B 255 -27.57 20.80 -1.04
CA GLY B 255 -27.82 19.95 -2.21
C GLY B 255 -28.86 20.53 -3.17
N TRP B 256 -29.87 21.20 -2.63
CA TRP B 256 -30.81 21.93 -3.48
C TRP B 256 -30.07 22.94 -4.36
N SER B 257 -29.15 23.69 -3.74
CA SER B 257 -28.33 24.61 -4.50
C SER B 257 -27.38 23.88 -5.44
N THR B 258 -27.00 22.64 -5.10
CA THR B 258 -26.17 21.86 -6.02
C THR B 258 -26.94 21.50 -7.28
N GLY B 259 -28.21 21.12 -7.14
CA GLY B 259 -29.04 20.87 -8.31
C GLY B 259 -29.24 22.11 -9.16
N VAL B 260 -29.52 23.24 -8.51
CA VAL B 260 -29.66 24.50 -9.24
C VAL B 260 -28.35 24.84 -9.95
N PHE B 261 -27.23 24.67 -9.27
CA PHE B 261 -25.91 24.94 -9.82
C PHE B 261 -25.66 24.12 -11.08
N ILE B 262 -25.91 22.81 -11.00
CA ILE B 262 -25.65 21.95 -12.15
C ILE B 262 -26.56 22.29 -13.32
N ALA B 263 -27.86 22.51 -13.05
CA ALA B 263 -28.78 22.84 -14.13
C ALA B 263 -28.38 24.13 -14.83
N GLU B 264 -28.04 25.16 -14.05
CA GLU B 264 -27.67 26.43 -14.66
C GLU B 264 -26.33 26.35 -15.39
N LEU B 265 -25.38 25.56 -14.87
CA LEU B 265 -24.13 25.36 -15.57
C LEU B 265 -24.35 24.69 -16.93
N ASN B 266 -25.20 23.66 -16.96
CA ASN B 266 -25.48 22.99 -18.22
C ASN B 266 -26.18 23.93 -19.19
N ALA B 267 -27.14 24.74 -18.71
CA ALA B 267 -27.82 25.69 -19.58
C ALA B 267 -26.83 26.71 -20.15
N LEU B 268 -25.93 27.23 -19.31
CA LEU B 268 -24.95 28.20 -19.77
C LEU B 268 -24.01 27.59 -20.79
N TYR B 269 -23.57 26.35 -20.57
CA TYR B 269 -22.68 25.71 -21.54
C TYR B 269 -23.39 25.49 -22.87
N GLN B 270 -24.64 25.03 -22.83
CA GLN B 270 -25.39 24.84 -24.07
C GLN B 270 -25.59 26.16 -24.80
N ALA B 271 -25.81 27.26 -24.07
CA ALA B 271 -25.96 28.55 -24.71
C ALA B 271 -24.65 29.08 -25.30
N LEU B 272 -23.53 28.86 -24.62
CA LEU B 272 -22.26 29.44 -25.04
C LEU B 272 -21.53 28.62 -26.09
N SER B 273 -21.72 27.30 -26.12
CA SER B 273 -20.97 26.48 -27.06
C SER B 273 -21.32 26.82 -28.50
N ARG B 274 -22.61 26.96 -28.81
CA ARG B 274 -23.04 27.27 -30.17
C ARG B 274 -23.24 28.77 -30.37
N GLY B 275 -22.24 29.56 -29.98
CA GLY B 275 -22.20 30.99 -30.25
C GLY B 275 -23.45 31.80 -29.96
N ASP B 276 -24.34 31.28 -29.13
CA ASP B 276 -25.61 31.94 -28.86
C ASP B 276 -25.47 32.91 -27.70
N GLU B 277 -26.60 33.44 -27.24
CA GLU B 277 -26.68 34.36 -26.11
C GLU B 277 -27.34 33.68 -24.92
N PRO B 278 -26.86 33.91 -23.70
CA PRO B 278 -27.45 33.24 -22.53
C PRO B 278 -28.83 33.80 -22.21
N SER B 279 -29.72 32.90 -21.79
CA SER B 279 -31.10 33.26 -21.44
C SER B 279 -31.46 32.50 -20.17
N LEU B 280 -31.24 33.14 -19.02
CA LEU B 280 -31.53 32.54 -17.73
C LEU B 280 -32.52 33.41 -16.97
N PRO B 281 -33.39 32.80 -16.16
CA PRO B 281 -34.32 33.59 -15.35
C PRO B 281 -33.59 34.54 -14.42
N GLU B 282 -34.11 35.76 -14.29
CA GLU B 282 -33.51 36.76 -13.43
C GLU B 282 -33.73 36.40 -11.97
N LEU B 283 -32.70 36.60 -11.16
CA LEU B 283 -32.81 36.36 -9.73
C LEU B 283 -33.49 37.54 -9.06
N PRO B 284 -34.63 37.34 -8.38
CA PRO B 284 -35.32 38.50 -7.79
C PRO B 284 -34.59 39.10 -6.61
N VAL B 285 -34.07 38.27 -5.70
CA VAL B 285 -33.41 38.75 -4.50
C VAL B 285 -32.05 38.08 -4.37
N GLN B 286 -31.22 38.64 -3.51
CA GLN B 286 -29.88 38.14 -3.24
C GLN B 286 -29.82 37.67 -1.78
N TYR B 287 -28.89 36.75 -1.50
CA TYR B 287 -28.86 36.10 -0.19
C TYR B 287 -28.73 37.11 0.94
N ALA B 288 -28.00 38.21 0.71
CA ALA B 288 -27.88 39.23 1.74
C ALA B 288 -29.23 39.89 2.01
N ASP B 289 -30.05 40.05 0.98
CA ASP B 289 -31.42 40.53 1.19
C ASP B 289 -32.22 39.58 2.04
N PHE B 290 -32.05 38.26 1.82
CA PHE B 290 -32.74 37.28 2.63
C PHE B 290 -32.29 37.36 4.08
N ALA B 291 -30.99 37.55 4.32
CA ALA B 291 -30.50 37.70 5.68
C ALA B 291 -31.05 38.95 6.34
N HIS B 292 -31.09 40.06 5.60
CA HIS B 292 -31.68 41.29 6.10
C HIS B 292 -33.14 41.07 6.50
N TRP B 293 -33.91 40.40 5.65
CA TRP B 293 -35.31 40.14 5.94
C TRP B 293 -35.46 39.21 7.14
N GLN B 294 -34.59 38.21 7.25
CA GLN B 294 -34.69 37.27 8.36
C GLN B 294 -34.38 37.92 9.70
N ARG B 295 -33.42 38.85 9.71
CA ARG B 295 -33.12 39.54 10.97
C ARG B 295 -34.31 40.35 11.45
N ARG B 296 -35.14 40.85 10.52
CA ARG B 296 -36.31 41.64 10.87
C ARG B 296 -37.45 40.81 11.45
N THR B 297 -37.63 39.58 11.00
CA THR B 297 -38.77 38.76 11.39
C THR B 297 -38.51 37.91 12.63
N PHE B 298 -37.35 37.26 12.72
CA PHE B 298 -36.98 36.41 13.83
C PHE B 298 -35.99 37.20 14.70
N ASP B 299 -36.52 38.09 15.54
CA ASP B 299 -35.67 39.01 16.28
C ASP B 299 -35.49 38.64 17.75
N ALA B 300 -36.57 38.69 18.54
CA ALA B 300 -36.43 38.43 19.97
C ALA B 300 -37.52 37.59 20.60
N ASP B 301 -38.73 37.53 20.04
CA ASP B 301 -39.81 36.78 20.67
C ASP B 301 -39.87 35.35 20.14
N ALA B 302 -39.74 35.18 18.82
CA ALA B 302 -39.70 33.85 18.25
C ALA B 302 -38.50 33.07 18.76
N ARG B 303 -37.36 33.74 18.91
CA ARG B 303 -36.17 33.07 19.43
C ARG B 303 -36.42 32.54 20.84
N ALA B 304 -37.01 33.37 21.71
CA ALA B 304 -37.30 32.92 23.07
C ALA B 304 -38.30 31.77 23.07
N ARG B 305 -39.35 31.88 22.27
CA ARG B 305 -40.38 30.83 22.24
C ARG B 305 -39.80 29.50 21.77
N GLN B 306 -39.01 29.53 20.69
CA GLN B 306 -38.44 28.30 20.15
C GLN B 306 -37.38 27.73 21.09
N GLN B 307 -36.58 28.59 21.72
CA GLN B 307 -35.60 28.12 22.69
C GLN B 307 -36.29 27.44 23.87
N ALA B 308 -37.39 28.03 24.35
CA ALA B 308 -38.14 27.41 25.44
C ALA B 308 -38.73 26.08 25.01
N TYR B 309 -39.28 26.01 23.80
CA TYR B 309 -39.86 24.76 23.32
C TYR B 309 -38.80 23.67 23.23
N TRP B 310 -37.62 23.99 22.70
CA TRP B 310 -36.59 22.97 22.56
C TRP B 310 -35.96 22.62 23.90
N ARG B 311 -35.93 23.55 24.86
CA ARG B 311 -35.48 23.21 26.20
C ARG B 311 -36.47 22.27 26.89
N ALA B 312 -37.76 22.44 26.62
CA ALA B 312 -38.77 21.56 27.22
C ALA B 312 -38.82 20.20 26.52
N GLN B 313 -38.59 20.16 25.20
CA GLN B 313 -38.73 18.91 24.46
C GLN B 313 -37.55 17.98 24.69
N LEU B 314 -36.34 18.51 24.78
CA LEU B 314 -35.12 17.72 24.92
C LEU B 314 -34.67 17.59 26.37
N ALA B 315 -35.59 17.73 27.32
CA ALA B 315 -35.28 17.60 28.73
C ALA B 315 -35.43 16.16 29.20
N ASP B 316 -34.70 15.80 30.25
CA ASP B 316 -34.70 14.46 30.81
C ASP B 316 -34.32 13.41 29.76
N LEU B 317 -33.37 13.76 28.90
CA LEU B 317 -32.88 12.89 27.84
C LEU B 317 -31.48 12.40 28.18
N PRO B 318 -31.16 11.13 27.87
CA PRO B 318 -29.80 10.64 28.12
C PRO B 318 -28.76 11.42 27.33
N SER B 319 -27.59 11.57 27.95
CA SER B 319 -26.50 12.30 27.29
C SER B 319 -26.03 11.57 26.03
N CYS B 320 -25.92 10.24 26.11
CA CYS B 320 -25.47 9.44 24.97
C CYS B 320 -26.35 8.19 24.88
N THR B 321 -26.67 7.81 23.64
CA THR B 321 -27.46 6.61 23.42
C THR B 321 -26.61 5.37 23.72
N ALA B 322 -27.19 4.43 24.47
CA ALA B 322 -26.48 3.21 24.88
C ALA B 322 -26.54 2.17 23.77
N LEU B 323 -25.85 2.49 22.67
CA LEU B 323 -25.71 1.56 21.56
C LEU B 323 -24.69 0.47 21.90
N ARG B 324 -24.86 -0.70 21.29
CA ARG B 324 -23.92 -1.78 21.41
C ARG B 324 -22.96 -1.76 20.23
N THR B 325 -21.67 -1.62 20.51
CA THR B 325 -20.65 -1.47 19.48
C THR B 325 -19.68 -2.64 19.53
N ASP B 326 -19.02 -2.87 18.39
CA ASP B 326 -18.01 -3.93 18.31
C ASP B 326 -16.82 -3.61 19.20
N TYR B 327 -16.32 -2.38 19.13
CA TYR B 327 -15.15 -1.95 19.87
C TYR B 327 -15.55 -0.99 21.00
N ARG B 328 -14.69 -0.90 22.00
CA ARG B 328 -14.91 0.05 23.08
C ARG B 328 -14.78 1.48 22.57
N ARG B 329 -15.63 2.36 23.07
CA ARG B 329 -15.59 3.75 22.64
C ARG B 329 -14.31 4.41 23.12
N PRO B 330 -13.55 5.05 22.24
CA PRO B 330 -12.34 5.75 22.68
C PRO B 330 -12.66 6.97 23.51
N GLU B 331 -11.67 7.39 24.30
CA GLU B 331 -11.82 8.57 25.15
C GLU B 331 -12.06 9.84 24.35
N ALA B 332 -11.63 9.88 23.10
CA ALA B 332 -11.85 11.03 22.23
C ALA B 332 -12.18 10.56 20.82
N LYS B 333 -13.20 11.16 20.23
CA LYS B 333 -13.61 10.81 18.88
C LYS B 333 -12.53 11.17 17.87
N SER B 334 -12.32 10.29 16.89
CA SER B 334 -11.35 10.53 15.82
C SER B 334 -11.98 11.02 14.53
N TYR B 335 -13.31 10.86 14.38
CA TYR B 335 -14.07 11.38 13.24
C TYR B 335 -13.69 10.69 11.93
N GLN B 336 -13.28 9.43 12.00
CA GLN B 336 -13.05 8.62 10.81
C GLN B 336 -14.22 7.66 10.62
N GLY B 337 -14.51 7.35 9.36
CA GLY B 337 -15.64 6.46 9.10
C GLY B 337 -15.60 5.91 7.70
N SER B 338 -16.61 5.09 7.41
CA SER B 338 -16.82 4.52 6.08
C SER B 338 -18.33 4.42 5.86
N SER B 339 -18.73 3.75 4.78
CA SER B 339 -20.15 3.60 4.48
C SER B 339 -20.38 2.32 3.70
N VAL B 340 -21.62 1.84 3.76
CA VAL B 340 -22.09 0.70 2.98
C VAL B 340 -23.36 1.11 2.27
N GLU B 341 -23.60 0.50 1.11
CA GLU B 341 -24.70 0.93 0.25
C GLU B 341 -26.04 0.38 0.72
N VAL B 342 -27.10 1.12 0.40
CA VAL B 342 -28.47 0.73 0.71
C VAL B 342 -29.28 0.83 -0.58
N ASN B 343 -29.98 -0.25 -0.93
CA ASN B 343 -30.72 -0.33 -2.19
C ASN B 343 -32.10 -0.90 -1.94
N VAL B 344 -33.13 -0.26 -2.49
CA VAL B 344 -34.51 -0.71 -2.33
C VAL B 344 -35.22 -0.69 -3.69
N PRO B 345 -35.94 -1.74 -4.05
CA PRO B 345 -36.60 -1.78 -5.36
C PRO B 345 -37.74 -0.77 -5.47
N ALA B 346 -38.12 -0.46 -6.71
CA ALA B 346 -39.12 0.58 -6.97
C ALA B 346 -40.51 0.15 -6.50
N ALA B 347 -40.85 -1.14 -6.63
CA ALA B 347 -42.14 -1.60 -6.17
C ALA B 347 -42.30 -1.42 -4.67
N VAL B 348 -41.25 -1.72 -3.91
CA VAL B 348 -41.28 -1.55 -2.47
C VAL B 348 -41.46 -0.08 -2.13
N LEU B 349 -40.77 0.80 -2.84
CA LEU B 349 -40.90 2.24 -2.59
C LEU B 349 -42.31 2.73 -2.88
N ASP B 350 -42.91 2.24 -3.97
CA ASP B 350 -44.29 2.61 -4.29
C ASP B 350 -45.26 2.13 -3.22
N GLN B 351 -45.07 0.89 -2.74
CA GLN B 351 -45.93 0.39 -1.67
C GLN B 351 -45.76 1.19 -0.39
N LEU B 352 -44.53 1.64 -0.10
CA LEU B 352 -44.31 2.48 1.07
C LEU B 352 -45.00 3.82 0.93
N LYS B 353 -44.89 4.45 -0.25
CA LYS B 353 -45.56 5.71 -0.49
C LYS B 353 -47.08 5.55 -0.38
N ARG B 354 -47.60 4.39 -0.80
CA ARG B 354 -49.03 4.14 -0.66
C ARG B 354 -49.42 3.98 0.80
N VAL B 355 -48.68 3.16 1.56
CA VAL B 355 -49.04 2.89 2.94
C VAL B 355 -48.85 4.13 3.82
N SER B 356 -48.03 5.08 3.38
CA SER B 356 -47.96 6.35 4.11
C SER B 356 -49.18 7.21 3.83
N LYS B 357 -49.74 7.12 2.62
CA LYS B 357 -50.87 7.94 2.25
C LYS B 357 -52.12 7.60 3.05
N GLU B 358 -52.35 6.31 3.33
CA GLU B 358 -53.52 5.91 4.09
C GLU B 358 -53.53 6.45 5.52
N ARG B 359 -52.39 6.90 6.03
CA ARG B 359 -52.27 7.39 7.39
C ARG B 359 -52.20 8.91 7.47
N GLY B 360 -52.09 9.59 6.33
CA GLY B 360 -51.91 11.02 6.31
C GLY B 360 -50.47 11.49 6.42
N GLY B 361 -49.52 10.57 6.59
CA GLY B 361 -48.12 10.91 6.71
C GLY B 361 -47.43 11.04 5.37
N THR B 362 -46.10 11.12 5.44
CA THR B 362 -45.26 11.22 4.26
C THR B 362 -44.26 10.07 4.26
N LEU B 363 -43.44 10.03 3.20
CA LEU B 363 -42.43 8.99 3.09
C LEU B 363 -41.32 9.19 4.12
N TYR B 364 -40.99 10.44 4.44
CA TYR B 364 -39.96 10.71 5.44
C TYR B 364 -40.33 10.13 6.78
N MET B 365 -41.59 10.29 7.20
CA MET B 365 -42.01 9.76 8.50
C MET B 365 -41.93 8.23 8.52
N THR B 366 -42.35 7.58 7.44
CA THR B 366 -42.30 6.12 7.39
C THR B 366 -40.86 5.61 7.44
N LEU B 367 -39.97 6.25 6.67
CA LEU B 367 -38.57 5.82 6.66
C LEU B 367 -37.91 6.09 8.00
N LEU B 368 -38.24 7.21 8.65
CA LEU B 368 -37.70 7.50 9.98
C LEU B 368 -38.19 6.48 11.01
N SER B 369 -39.46 6.11 10.93
CA SER B 369 -40.00 5.09 11.84
C SER B 369 -39.31 3.75 11.63
N ALA B 370 -39.07 3.38 10.37
CA ALA B 370 -38.37 2.13 10.09
C ALA B 370 -36.93 2.17 10.61
N PHE B 371 -36.26 3.31 10.45
CA PHE B 371 -34.90 3.45 10.96
C PHE B 371 -34.87 3.34 12.48
N ALA B 372 -35.84 3.95 13.16
CA ALA B 372 -35.91 3.85 14.61
C ALA B 372 -36.23 2.42 15.04
N THR B 373 -37.03 1.70 14.24
CA THR B 373 -37.30 0.30 14.53
C THR B 373 -36.03 -0.54 14.42
N LEU B 374 -35.20 -0.26 13.40
CA LEU B 374 -33.93 -0.96 13.26
C LEU B 374 -33.03 -0.73 14.47
N LEU B 375 -32.90 0.51 14.92
CA LEU B 375 -31.98 0.84 16.00
C LEU B 375 -32.42 0.29 17.36
N GLY B 376 -33.69 -0.09 17.50
CA GLY B 376 -34.15 -0.63 18.77
C GLY B 376 -33.61 -2.00 19.10
N ALA B 377 -33.12 -2.72 18.10
CA ALA B 377 -32.51 -4.02 18.34
C ALA B 377 -31.09 -3.91 18.88
N HIS B 378 -30.44 -2.77 18.73
CA HIS B 378 -29.08 -2.57 19.21
C HIS B 378 -29.01 -1.70 20.45
N THR B 379 -30.15 -1.30 21.02
CA THR B 379 -30.19 -0.43 22.18
C THR B 379 -31.27 -0.89 23.13
N ASP B 380 -30.99 -0.81 24.43
CA ASP B 380 -31.98 -1.13 25.45
C ASP B 380 -32.73 0.09 25.95
N ASP B 381 -32.44 1.28 25.41
CA ASP B 381 -33.16 2.48 25.80
C ASP B 381 -34.56 2.48 25.21
N ARG B 382 -35.49 3.10 25.94
CA ARG B 382 -36.86 3.24 25.47
C ARG B 382 -37.11 4.55 24.72
N GLU B 383 -36.10 5.41 24.62
CA GLU B 383 -36.22 6.68 23.92
C GLU B 383 -35.00 6.88 23.03
N LEU B 384 -35.24 7.38 21.83
CA LEU B 384 -34.18 7.64 20.86
C LEU B 384 -34.24 9.09 20.40
N ALA B 385 -33.06 9.67 20.20
CA ALA B 385 -32.93 11.01 19.62
C ALA B 385 -32.20 10.89 18.30
N ILE B 386 -32.86 11.30 17.22
CA ILE B 386 -32.32 11.20 15.87
C ILE B 386 -32.27 12.60 15.27
N GLY B 387 -31.08 12.99 14.80
CA GLY B 387 -30.95 14.27 14.13
C GLY B 387 -31.35 14.17 12.67
N SER B 388 -31.82 15.28 12.13
CA SER B 388 -32.27 15.31 10.75
C SER B 388 -32.18 16.72 10.19
N PRO B 389 -31.40 16.94 9.13
CA PRO B 389 -31.38 18.26 8.49
C PRO B 389 -32.70 18.56 7.79
N VAL B 390 -33.09 19.84 7.83
CA VAL B 390 -34.39 20.27 7.34
C VAL B 390 -34.22 21.50 6.47
N THR B 391 -34.89 21.53 5.33
CA THR B 391 -34.86 22.68 4.44
C THR B 391 -35.79 23.77 4.93
N ASN B 392 -35.31 25.01 4.89
CA ASN B 392 -36.08 26.17 5.34
C ASN B 392 -35.97 27.27 4.28
N ARG B 393 -36.89 27.25 3.31
CA ARG B 393 -36.95 28.25 2.25
C ARG B 393 -38.39 28.76 2.16
N PRO B 394 -38.82 29.56 3.15
CA PRO B 394 -40.25 29.87 3.25
C PRO B 394 -40.72 31.04 2.40
N ARG B 395 -40.29 31.11 1.15
CA ARG B 395 -40.73 32.13 0.20
C ARG B 395 -40.54 31.60 -1.21
N PRO B 396 -41.42 31.97 -2.14
CA PRO B 396 -41.20 31.58 -3.54
C PRO B 396 -39.94 32.17 -4.14
N GLU B 397 -39.49 33.33 -3.65
CA GLU B 397 -38.29 33.97 -4.18
C GLU B 397 -37.01 33.21 -3.83
N LEU B 398 -37.05 32.35 -2.81
CA LEU B 398 -35.87 31.65 -2.34
C LEU B 398 -35.69 30.27 -2.97
N GLU B 399 -36.61 29.84 -3.83
CA GLU B 399 -36.55 28.49 -4.38
C GLU B 399 -35.44 28.32 -5.41
N ARG B 400 -35.01 29.40 -6.05
CA ARG B 400 -34.03 29.31 -7.14
C ARG B 400 -32.66 29.84 -6.75
N LEU B 401 -32.48 30.29 -5.51
CA LEU B 401 -31.20 30.83 -5.10
C LEU B 401 -30.21 29.71 -4.80
N VAL B 402 -28.94 30.09 -4.75
CA VAL B 402 -27.85 29.21 -4.32
C VAL B 402 -27.36 29.70 -2.98
N GLY B 403 -27.45 28.83 -1.97
CA GLY B 403 -27.09 29.24 -0.62
C GLY B 403 -27.35 28.11 0.35
N TYR B 404 -27.18 28.42 1.63
CA TYR B 404 -27.32 27.45 2.71
C TYR B 404 -28.58 27.75 3.49
N PHE B 405 -29.55 26.84 3.45
CA PHE B 405 -30.84 27.02 4.10
C PHE B 405 -31.18 25.84 5.02
N ILE B 406 -30.15 25.10 5.45
CA ILE B 406 -30.33 23.82 6.12
C ILE B 406 -30.19 24.02 7.63
N ASN B 407 -31.11 23.43 8.39
CA ASN B 407 -31.01 23.37 9.84
C ASN B 407 -31.25 21.93 10.30
N VAL B 408 -30.63 21.57 11.40
CA VAL B 408 -30.73 20.22 11.97
C VAL B 408 -31.67 20.26 13.16
N LEU B 409 -32.67 19.38 13.15
CA LEU B 409 -33.62 19.24 14.25
C LEU B 409 -33.49 17.86 14.88
N VAL B 410 -33.74 17.79 16.18
CA VAL B 410 -33.62 16.55 16.94
C VAL B 410 -35.02 15.96 17.10
N MET B 411 -35.19 14.71 16.68
CA MET B 411 -36.46 14.00 16.79
C MET B 411 -36.40 12.99 17.93
N ARG B 412 -37.35 13.09 18.85
CA ARG B 412 -37.42 12.22 20.02
C ARG B 412 -38.57 11.25 19.82
N LEU B 413 -38.27 9.96 19.82
CA LEU B 413 -39.26 8.92 19.56
C LEU B 413 -39.24 7.89 20.67
N ASP B 414 -40.40 7.26 20.88
CA ASP B 414 -40.55 6.19 21.86
C ASP B 414 -40.61 4.85 21.12
N VAL B 415 -39.74 3.92 21.52
CA VAL B 415 -39.54 2.69 20.77
C VAL B 415 -39.83 1.47 21.65
N ARG B 416 -40.79 1.58 22.56
CA ARG B 416 -41.18 0.45 23.37
C ARG B 416 -41.59 -0.71 22.47
N PRO B 417 -41.10 -1.93 22.72
CA PRO B 417 -41.23 -3.00 21.72
C PRO B 417 -42.61 -3.62 21.61
N GLU B 418 -43.50 -3.39 22.58
CA GLU B 418 -44.82 -4.01 22.55
C GLU B 418 -45.83 -3.23 21.73
N GLN B 419 -45.49 -2.03 21.27
CA GLN B 419 -46.40 -1.23 20.48
C GLN B 419 -46.39 -1.67 19.02
N ALA B 420 -47.47 -1.35 18.31
CA ALA B 420 -47.56 -1.63 16.89
C ALA B 420 -46.84 -0.56 16.10
N PHE B 421 -46.58 -0.85 14.82
CA PHE B 421 -45.92 0.11 13.95
C PHE B 421 -46.82 1.31 13.67
N ASP B 422 -48.14 1.13 13.74
CA ASP B 422 -49.06 2.23 13.50
C ASP B 422 -48.91 3.32 14.56
N ASP B 423 -48.76 2.92 15.83
CA ASP B 423 -48.56 3.89 16.89
C ASP B 423 -47.27 4.66 16.71
N LEU B 424 -46.20 3.96 16.33
CA LEU B 424 -44.93 4.63 16.06
C LEU B 424 -45.06 5.60 14.89
N LEU B 425 -45.81 5.22 13.86
CA LEU B 425 -46.02 6.10 12.71
C LEU B 425 -46.79 7.35 13.13
N ALA B 426 -47.80 7.20 13.96
CA ALA B 426 -48.55 8.36 14.44
C ALA B 426 -47.68 9.26 15.32
N GLN B 427 -46.85 8.67 16.17
CA GLN B 427 -45.93 9.45 16.99
C GLN B 427 -44.94 10.21 16.12
N ALA B 428 -44.45 9.57 15.06
CA ALA B 428 -43.56 10.25 14.11
C ALA B 428 -44.27 11.42 13.44
N GLN B 429 -45.52 11.19 13.02
CA GLN B 429 -46.37 12.29 12.54
C GLN B 429 -46.34 13.47 13.51
N ARG B 430 -46.71 13.22 14.77
CA ARG B 430 -46.81 14.30 15.74
C ARG B 430 -45.47 15.00 15.95
N VAL B 431 -44.40 14.23 16.13
CA VAL B 431 -43.10 14.81 16.43
C VAL B 431 -42.57 15.62 15.25
N THR B 432 -42.69 15.07 14.05
CA THR B 432 -42.22 15.79 12.86
C THR B 432 -43.02 17.06 12.64
N ALA B 433 -44.34 17.01 12.84
CA ALA B 433 -45.15 18.21 12.68
C ALA B 433 -44.76 19.27 13.72
N ALA B 434 -44.51 18.85 14.96
CA ALA B 434 -44.17 19.80 16.01
C ALA B 434 -42.80 20.42 15.77
N ALA B 435 -41.85 19.64 15.26
CA ALA B 435 -40.49 20.15 15.06
C ALA B 435 -40.40 21.18 13.95
N HIS B 436 -41.23 21.07 12.90
CA HIS B 436 -41.16 22.02 11.80
C HIS B 436 -41.73 23.39 12.15
N GLU B 437 -42.41 23.52 13.28
CA GLU B 437 -42.88 24.82 13.73
C GLU B 437 -41.83 25.61 14.48
N HIS B 438 -40.71 24.98 14.84
CA HIS B 438 -39.66 25.59 15.63
C HIS B 438 -38.29 25.31 15.03
N LYS B 439 -38.16 25.49 13.72
CA LYS B 439 -36.93 25.19 13.00
C LYS B 439 -36.09 26.42 12.71
N GLU B 440 -36.41 27.57 13.33
CA GLU B 440 -35.68 28.80 13.06
C GLU B 440 -34.42 28.91 13.91
N VAL B 441 -34.48 28.50 15.16
CA VAL B 441 -33.31 28.62 16.05
C VAL B 441 -32.21 27.69 15.57
N PRO B 442 -30.96 28.15 15.51
CA PRO B 442 -29.87 27.27 15.07
C PRO B 442 -29.61 26.14 16.06
N PHE B 443 -29.10 25.02 15.53
CA PHE B 443 -28.74 23.89 16.37
C PHE B 443 -27.56 24.21 17.27
N ALA B 444 -26.63 25.06 16.82
CA ALA B 444 -25.48 25.41 17.63
C ALA B 444 -25.89 26.17 18.89
N ASP B 445 -26.88 27.06 18.77
CA ASP B 445 -27.39 27.75 19.95
C ASP B 445 -28.03 26.78 20.92
N LEU B 446 -28.77 25.79 20.41
CA LEU B 446 -29.35 24.77 21.27
C LEU B 446 -28.27 23.98 22.00
N VAL B 447 -27.19 23.62 21.30
CA VAL B 447 -26.10 22.89 21.93
C VAL B 447 -25.45 23.74 23.01
N ARG B 448 -25.21 25.02 22.72
CA ARG B 448 -24.58 25.89 23.70
C ARG B 448 -25.45 26.07 24.94
N ASP B 449 -26.76 26.23 24.75
CA ASP B 449 -27.65 26.46 25.88
C ASP B 449 -28.03 25.19 26.63
N LEU B 450 -27.87 24.02 26.01
CA LEU B 450 -28.27 22.76 26.62
C LEU B 450 -27.11 21.87 27.05
N VAL B 451 -25.96 21.98 26.39
CA VAL B 451 -24.79 21.18 26.73
C VAL B 451 -23.63 22.13 27.04
N PRO B 452 -23.49 22.58 28.29
CA PRO B 452 -22.44 23.55 28.60
C PRO B 452 -21.04 22.99 28.45
N GLU B 453 -20.79 21.78 28.96
CA GLU B 453 -19.47 21.13 28.88
C GLU B 453 -19.59 19.88 28.04
N PRO B 454 -19.25 19.94 26.76
CA PRO B 454 -19.38 18.77 25.90
C PRO B 454 -18.35 17.70 26.24
N ASP B 455 -18.70 16.47 25.95
CA ASP B 455 -17.80 15.34 26.11
C ASP B 455 -17.12 15.01 24.79
N PRO B 456 -15.78 14.99 24.72
CA PRO B 456 -15.11 14.69 23.45
C PRO B 456 -15.29 13.25 22.98
N ALA B 457 -15.94 12.39 23.76
CA ALA B 457 -16.13 11.01 23.37
C ALA B 457 -17.24 10.84 22.33
N TYR B 458 -18.27 11.69 22.37
CA TYR B 458 -19.40 11.55 21.45
C TYR B 458 -19.86 12.94 21.01
N SER B 459 -20.86 12.95 20.13
CA SER B 459 -21.44 14.18 19.61
C SER B 459 -22.60 14.64 20.48
N PRO B 460 -22.88 15.94 20.50
CA PRO B 460 -23.91 16.46 21.41
C PRO B 460 -25.33 16.23 20.93
N LEU B 461 -26.19 15.83 21.87
CA LEU B 461 -27.65 15.84 21.78
C LEU B 461 -28.21 14.76 20.86
N PHE B 462 -27.36 14.07 20.12
CA PHE B 462 -27.76 12.92 19.31
C PHE B 462 -26.53 12.29 18.66
N GLN B 463 -26.57 10.97 18.45
CA GLN B 463 -25.44 10.26 17.89
C GLN B 463 -25.78 9.53 16.59
N VAL B 464 -27.05 9.49 16.20
CA VAL B 464 -27.47 8.88 14.94
C VAL B 464 -28.27 9.89 14.14
N MET B 465 -28.09 9.88 12.83
CA MET B 465 -28.74 10.85 11.94
C MET B 465 -29.41 10.13 10.79
N PHE B 466 -30.61 10.60 10.44
CA PHE B 466 -31.34 10.12 9.27
C PHE B 466 -31.59 11.30 8.34
N ASN B 467 -31.20 11.15 7.07
CA ASN B 467 -31.26 12.22 6.09
C ASN B 467 -31.91 11.70 4.81
N LEU B 468 -33.15 12.13 4.55
CA LEU B 468 -33.82 11.87 3.29
C LEU B 468 -33.80 13.15 2.46
N VAL B 469 -33.11 13.10 1.32
CA VAL B 469 -32.98 14.25 0.45
C VAL B 469 -33.99 14.15 -0.69
N PRO B 470 -34.55 15.28 -1.15
CA PRO B 470 -35.57 15.22 -2.20
C PRO B 470 -34.99 14.77 -3.53
N ALA B 471 -35.86 14.20 -4.36
CA ALA B 471 -35.44 13.68 -5.66
C ALA B 471 -35.03 14.81 -6.60
N VAL B 472 -34.25 14.44 -7.60
CA VAL B 472 -33.75 15.40 -8.58
C VAL B 472 -34.84 15.70 -9.62
C GLY B 483 -23.22 15.90 -28.82
N ALA B 484 -24.20 15.33 -28.12
CA ALA B 484 -24.42 15.66 -26.73
C ALA B 484 -23.33 15.06 -25.85
N LEU B 485 -23.30 15.50 -24.59
CA LEU B 485 -22.32 15.03 -23.62
C LEU B 485 -22.98 14.16 -22.57
N GLY B 486 -22.29 13.09 -22.19
CA GLY B 486 -22.71 12.23 -21.11
C GLY B 486 -21.91 12.54 -19.86
N PHE B 487 -22.55 12.38 -18.70
CA PHE B 487 -21.95 12.75 -17.42
C PHE B 487 -22.00 11.56 -16.48
N VAL B 488 -20.84 11.19 -15.94
CA VAL B 488 -20.72 10.08 -15.01
C VAL B 488 -20.07 10.57 -13.72
N PRO B 489 -20.80 10.61 -12.60
CA PRO B 489 -20.20 11.11 -11.36
C PRO B 489 -19.07 10.21 -10.87
N LEU B 490 -18.08 10.83 -10.24
CA LEU B 490 -16.98 10.12 -9.61
C LEU B 490 -17.17 10.15 -8.10
N PRO B 491 -17.55 9.04 -7.47
CA PRO B 491 -17.81 9.07 -6.02
C PRO B 491 -16.52 9.25 -5.23
N THR B 492 -16.48 10.32 -4.45
CA THR B 492 -15.35 10.62 -3.56
C THR B 492 -15.80 10.34 -2.13
N ASP B 493 -15.26 9.29 -1.53
CA ASP B 493 -15.56 8.95 -0.14
C ASP B 493 -14.51 9.60 0.74
N SER B 494 -14.93 10.53 1.61
CA SER B 494 -14.00 11.30 2.41
C SER B 494 -13.45 10.52 3.59
N GLY B 495 -14.10 9.44 3.99
CA GLY B 495 -13.69 8.71 5.17
C GLY B 495 -13.89 9.48 6.46
N THR B 496 -14.97 10.24 6.55
CA THR B 496 -15.26 11.09 7.69
C THR B 496 -16.60 10.68 8.29
N ALA B 497 -16.71 10.75 9.61
CA ALA B 497 -17.93 10.41 10.32
C ALA B 497 -18.10 11.34 11.51
N LYS B 498 -19.14 12.17 11.49
CA LYS B 498 -19.41 13.08 12.59
C LYS B 498 -20.29 12.47 13.66
N PHE B 499 -20.94 11.35 13.37
CA PHE B 499 -21.83 10.67 14.30
C PHE B 499 -21.51 9.18 14.30
N ASP B 500 -22.17 8.44 15.19
CA ASP B 500 -21.99 6.99 15.21
C ASP B 500 -22.51 6.35 13.93
N LEU B 501 -23.75 6.67 13.55
CA LEU B 501 -24.37 6.16 12.34
C LEU B 501 -25.10 7.28 11.63
N ASN B 502 -25.16 7.18 10.30
CA ASN B 502 -25.73 8.25 9.48
C ASN B 502 -26.33 7.61 8.22
N LEU B 503 -27.65 7.57 8.15
CA LEU B 503 -28.37 6.98 7.03
C LEU B 503 -28.82 8.08 6.07
N VAL B 504 -28.30 8.05 4.84
CA VAL B 504 -28.64 9.00 3.80
C VAL B 504 -29.26 8.21 2.65
N VAL B 505 -30.50 8.55 2.30
CA VAL B 505 -31.23 7.85 1.24
C VAL B 505 -31.78 8.87 0.25
N ARG B 506 -31.69 8.55 -1.03
CA ARG B 506 -32.18 9.38 -2.12
C ARG B 506 -33.30 8.66 -2.85
N GLU B 507 -34.37 9.39 -3.14
CA GLU B 507 -35.47 8.83 -3.92
C GLU B 507 -35.15 8.95 -5.41
N THR B 508 -35.20 7.83 -6.12
CA THR B 508 -34.89 7.75 -7.53
C THR B 508 -36.02 7.03 -8.25
N PRO B 509 -36.15 7.23 -9.57
CA PRO B 509 -37.22 6.54 -10.30
C PRO B 509 -37.15 5.03 -10.21
N ASP B 510 -35.95 4.45 -10.08
CA ASP B 510 -35.79 3.02 -9.99
C ASP B 510 -35.87 2.49 -8.55
N GLY B 511 -36.08 3.36 -7.58
CA GLY B 511 -36.19 2.90 -6.19
C GLY B 511 -35.55 3.84 -5.20
N LEU B 512 -35.02 3.29 -4.11
CA LEU B 512 -34.37 4.05 -3.05
C LEU B 512 -32.89 3.74 -3.07
N ARG B 513 -32.07 4.78 -3.17
CA ARG B 513 -30.62 4.65 -3.25
C ARG B 513 -29.97 5.48 -2.15
N GLY B 514 -28.89 4.97 -1.60
CA GLY B 514 -28.17 5.69 -0.57
C GLY B 514 -27.09 4.87 0.10
N TYR B 515 -26.70 5.27 1.31
CA TYR B 515 -25.65 4.57 2.03
C TYR B 515 -25.88 4.73 3.53
N LEU B 516 -25.22 3.87 4.30
CA LEU B 516 -25.22 3.93 5.75
C LEU B 516 -23.79 4.21 6.20
N GLU B 517 -23.56 5.42 6.70
CA GLU B 517 -22.24 5.85 7.13
C GLU B 517 -22.06 5.57 8.62
N TYR B 518 -20.93 4.99 8.99
CA TYR B 518 -20.68 4.54 10.34
C TYR B 518 -19.31 4.98 10.81
N SER B 519 -19.14 5.03 12.12
CA SER B 519 -17.86 5.37 12.73
C SER B 519 -16.99 4.14 12.82
N THR B 520 -15.76 4.24 12.30
CA THR B 520 -14.84 3.11 12.34
C THR B 520 -14.21 2.92 13.71
N ASP B 521 -14.41 3.84 14.65
CA ASP B 521 -13.98 3.64 16.03
C ASP B 521 -14.87 2.64 16.76
N LEU B 522 -16.09 2.41 16.29
CA LEU B 522 -17.06 1.61 17.01
C LEU B 522 -17.49 0.34 16.30
N TYR B 523 -17.45 0.32 14.97
CA TYR B 523 -18.07 -0.75 14.19
C TYR B 523 -17.12 -1.32 13.16
N ALA B 524 -17.26 -2.62 12.94
CA ALA B 524 -16.69 -3.28 11.77
C ALA B 524 -17.67 -3.20 10.61
N ARG B 525 -17.17 -3.49 9.41
CA ARG B 525 -17.99 -3.38 8.20
C ARG B 525 -19.09 -4.44 8.16
N SER B 526 -18.83 -5.63 8.69
CA SER B 526 -19.82 -6.70 8.62
C SER B 526 -21.08 -6.36 9.41
N THR B 527 -20.93 -5.76 10.59
CA THR B 527 -22.09 -5.37 11.39
C THR B 527 -22.95 -4.35 10.67
N VAL B 528 -22.31 -3.38 10.00
CA VAL B 528 -23.05 -2.34 9.31
C VAL B 528 -23.74 -2.89 8.07
N ARG B 529 -23.08 -3.81 7.36
CA ARG B 529 -23.73 -4.48 6.23
C ARG B 529 -24.93 -5.29 6.69
N SER B 530 -24.81 -5.98 7.82
CA SER B 530 -25.94 -6.70 8.38
C SER B 530 -27.07 -5.75 8.74
N MET B 531 -26.75 -4.59 9.32
CA MET B 531 -27.76 -3.61 9.64
C MET B 531 -28.48 -3.12 8.39
N ALA B 532 -27.73 -2.83 7.32
CA ALA B 532 -28.34 -2.37 6.08
C ALA B 532 -29.27 -3.42 5.48
N ALA B 533 -28.82 -4.68 5.45
CA ALA B 533 -29.67 -5.75 4.93
C ALA B 533 -30.92 -5.92 5.78
N THR B 534 -30.78 -5.84 7.10
CA THR B 534 -31.94 -5.95 7.98
C THR B 534 -32.91 -4.80 7.75
N TYR B 535 -32.41 -3.59 7.50
CA TYR B 535 -33.27 -2.47 7.19
C TYR B 535 -34.04 -2.70 5.88
N GLU B 536 -33.35 -3.21 4.86
CA GLU B 536 -34.00 -3.47 3.58
C GLU B 536 -35.09 -4.54 3.73
N ARG B 537 -34.83 -5.56 4.54
CA ARG B 537 -35.85 -6.58 4.79
C ARG B 537 -36.99 -6.04 5.65
N LEU B 538 -36.68 -5.15 6.60
CA LEU B 538 -37.71 -4.58 7.46
C LEU B 538 -38.65 -3.70 6.67
N LEU B 539 -38.17 -3.05 5.62
CA LEU B 539 -39.10 -2.30 4.76
C LEU B 539 -40.13 -3.24 4.12
N LEU B 540 -39.70 -4.40 3.64
CA LEU B 540 -40.64 -5.40 3.13
C LEU B 540 -41.62 -5.82 4.21
N LYS B 541 -41.11 -6.14 5.39
CA LYS B 541 -41.99 -6.63 6.46
C LYS B 541 -43.00 -5.57 6.88
N ILE B 542 -42.59 -4.30 6.87
CA ILE B 542 -43.52 -3.20 7.16
C ILE B 542 -44.58 -3.11 6.07
N VAL B 543 -44.16 -3.22 4.80
CA VAL B 543 -45.11 -3.10 3.69
C VAL B 543 -46.17 -4.18 3.78
N THR B 544 -45.76 -5.42 4.03
CA THR B 544 -46.71 -6.53 4.00
C THR B 544 -47.67 -6.47 5.18
N GLN B 545 -47.14 -6.30 6.40
CA GLN B 545 -47.94 -6.37 7.62
C GLN B 545 -47.62 -5.19 8.54
N PRO B 546 -48.24 -4.03 8.30
CA PRO B 546 -47.99 -2.87 9.15
C PRO B 546 -48.59 -2.95 10.54
N GLY B 547 -49.42 -3.95 10.82
CA GLY B 547 -50.06 -4.08 12.12
C GLY B 547 -49.27 -4.83 13.17
N ALA B 548 -48.12 -5.40 12.79
CA ALA B 548 -47.30 -6.15 13.73
C ALA B 548 -46.53 -5.21 14.65
N SER B 549 -46.13 -5.73 15.81
CA SER B 549 -45.38 -4.94 16.76
C SER B 549 -43.94 -4.74 16.27
N LEU B 550 -43.18 -3.95 17.04
CA LEU B 550 -41.79 -3.70 16.67
C LEU B 550 -40.93 -4.94 16.85
N ALA B 551 -41.12 -5.67 17.95
CA ALA B 551 -40.37 -6.89 18.17
C ALA B 551 -40.71 -7.96 17.14
N ARG B 552 -41.99 -8.07 16.78
CA ARG B 552 -42.40 -9.05 15.78
C ARG B 552 -41.76 -8.75 14.42
N LEU B 553 -41.77 -7.48 14.01
CA LEU B 553 -41.15 -7.11 12.74
C LEU B 553 -39.63 -7.29 12.80
N ARG B 554 -39.02 -7.01 13.96
CA ARG B 554 -37.60 -7.24 14.11
C ARG B 554 -37.24 -8.70 13.95
N GLU B 555 -38.03 -9.60 14.58
CA GLU B 555 -37.79 -11.02 14.45
C GLU B 555 -38.01 -11.48 13.01
N ALA B 556 -39.05 -10.98 12.35
CA ALA B 556 -39.32 -11.37 10.98
C ALA B 556 -38.21 -10.92 10.03
N ALA B 557 -37.66 -9.72 10.26
CA ALA B 557 -36.66 -9.17 9.36
C ALA B 557 -35.25 -9.67 9.63
N ALA B 558 -35.04 -10.41 10.73
CA ALA B 558 -33.70 -10.90 11.04
C ALA B 558 -33.31 -12.12 10.21
N ASP B 559 -34.26 -12.71 9.48
CA ASP B 559 -33.98 -13.90 8.69
C ASP B 559 -33.10 -13.59 7.48
N GLY B 560 -31.81 -13.37 7.74
N VAL C 113 25.76 13.10 34.74
CA VAL C 113 25.35 12.57 36.04
C VAL C 113 23.91 12.98 36.33
N PRO C 114 23.17 12.10 37.01
CA PRO C 114 21.78 12.44 37.37
C PRO C 114 21.68 13.62 38.31
N VAL C 115 21.08 14.71 37.83
CA VAL C 115 20.93 15.93 38.60
C VAL C 115 19.46 16.34 38.75
N THR C 116 18.55 15.39 38.58
CA THR C 116 17.12 15.64 38.69
C THR C 116 16.54 14.76 39.80
N GLY C 117 15.69 15.35 40.64
CA GLY C 117 15.00 14.61 41.66
C GLY C 117 13.61 14.21 41.20
N PRO C 118 12.93 13.39 41.99
CA PRO C 118 11.56 12.98 41.63
C PRO C 118 10.62 14.17 41.62
N GLY C 119 9.86 14.29 40.52
CA GLY C 119 8.93 15.39 40.38
C GLY C 119 9.58 16.75 40.24
N GLU C 120 10.67 16.86 39.47
CA GLU C 120 11.33 18.12 39.23
C GLU C 120 11.12 18.53 37.78
N GLU C 121 10.81 19.81 37.57
CA GLU C 121 10.67 20.34 36.22
C GLU C 121 12.03 20.60 35.61
N SER C 122 12.17 20.25 34.34
CA SER C 122 13.44 20.33 33.64
C SER C 122 13.26 21.07 32.32
N PRO C 123 14.29 21.78 31.86
CA PRO C 123 14.18 22.47 30.58
C PRO C 123 14.17 21.52 29.40
N LEU C 124 13.63 22.00 28.29
CA LEU C 124 13.62 21.23 27.05
C LEU C 124 15.00 21.27 26.40
N SER C 125 15.34 20.18 25.72
CA SER C 125 16.60 20.11 25.00
C SER C 125 16.49 20.84 23.67
N CYS C 126 17.62 20.92 22.95
CA CYS C 126 17.60 21.55 21.63
C CYS C 126 16.79 20.73 20.64
N GLN C 127 16.91 19.39 20.69
CA GLN C 127 16.18 18.55 19.77
C GLN C 127 14.68 18.51 20.07
N GLN C 128 14.28 18.93 21.26
CA GLN C 128 12.87 18.98 21.64
C GLN C 128 12.16 20.22 21.11
N SER C 129 12.74 20.93 20.16
CA SER C 129 12.08 22.05 19.50
C SER C 129 11.15 21.57 18.39
N GLU C 130 11.08 20.27 18.13
CA GLU C 130 10.30 19.70 17.04
C GLU C 130 9.31 18.69 17.58
N LEU C 131 8.59 19.00 18.66
CA LEU C 131 7.84 17.90 19.27
C LEU C 131 6.58 17.57 18.50
N TRP C 132 5.46 18.22 18.80
CA TRP C 132 4.34 18.21 17.85
C TRP C 132 3.48 19.45 18.03
N PHE C 133 3.47 20.01 19.23
CA PHE C 133 2.61 21.13 19.58
C PHE C 133 3.32 22.48 19.49
N LEU C 134 4.62 22.47 19.22
CA LEU C 134 5.34 23.70 18.88
C LEU C 134 5.37 23.94 17.38
N ASN C 135 4.81 23.03 16.58
CA ASN C 135 4.83 23.08 15.12
C ASN C 135 3.44 22.79 14.57
N GLN C 136 2.43 23.43 15.14
CA GLN C 136 1.05 23.19 14.72
C GLN C 136 0.75 23.84 13.38
N ARG C 137 -0.22 23.28 12.66
CA ARG C 137 -0.72 23.83 11.41
C ARG C 137 -2.24 23.93 11.49
N ALA C 138 -2.78 25.09 11.12
CA ALA C 138 -4.18 25.38 11.34
C ALA C 138 -5.09 24.43 10.54
N HIS C 139 -4.78 24.23 9.26
CA HIS C 139 -5.67 23.46 8.39
C HIS C 139 -5.37 21.96 8.39
N LEU C 140 -4.33 21.53 9.10
CA LEU C 140 -3.94 20.13 9.09
C LEU C 140 -4.35 19.37 10.34
N GLY C 141 -4.40 20.02 11.49
CA GLY C 141 -4.73 19.35 12.73
C GLY C 141 -3.49 19.10 13.58
N SER C 142 -3.73 18.87 14.87
CA SER C 142 -2.65 18.68 15.83
C SER C 142 -2.08 17.26 15.80
N SER C 143 -2.76 16.30 15.18
CA SER C 143 -2.36 14.91 15.21
C SER C 143 -2.14 14.35 13.81
N TYR C 144 -1.75 15.19 12.86
CA TYR C 144 -1.51 14.71 11.51
C TYR C 144 -0.15 14.02 11.37
N ASP C 145 0.75 14.20 12.34
CA ASP C 145 2.07 13.60 12.32
C ASP C 145 2.22 12.42 13.28
N ASN C 146 1.12 11.90 13.81
CA ASN C 146 1.20 10.75 14.71
C ASN C 146 1.87 9.57 14.02
N VAL C 147 2.79 8.93 14.74
CA VAL C 147 3.55 7.80 14.21
C VAL C 147 2.92 6.51 14.71
N GLN C 148 2.54 5.64 13.78
CA GLN C 148 1.90 4.37 14.11
C GLN C 148 2.84 3.23 13.70
N MET C 149 2.97 2.24 14.58
CA MET C 149 3.85 1.10 14.37
C MET C 149 3.06 -0.17 14.64
N ALA C 150 2.74 -0.91 13.57
CA ALA C 150 1.94 -2.12 13.66
C ALA C 150 2.69 -3.30 13.08
N TYR C 151 2.59 -4.46 13.74
CA TYR C 151 3.20 -5.68 13.24
C TYR C 151 2.36 -6.88 13.68
N ARG C 152 2.53 -7.98 12.98
CA ARG C 152 1.79 -9.22 13.24
C ARG C 152 2.67 -10.19 14.02
N VAL C 153 2.05 -10.90 14.96
CA VAL C 153 2.73 -11.91 15.78
C VAL C 153 2.14 -13.27 15.45
N ILE C 154 2.98 -14.20 15.04
CA ILE C 154 2.58 -15.54 14.64
C ILE C 154 3.12 -16.54 15.65
N GLY C 155 2.24 -17.40 16.17
CA GLY C 155 2.64 -18.39 17.14
C GLY C 155 1.85 -18.24 18.44
N PRO C 156 2.09 -19.16 19.38
CA PRO C 156 1.36 -19.08 20.65
C PRO C 156 1.87 -17.97 21.55
N LEU C 157 1.08 -16.91 21.67
CA LEU C 157 1.47 -15.73 22.43
C LEU C 157 0.72 -15.69 23.76
N ASP C 158 1.43 -15.37 24.82
CA ASP C 158 0.82 -15.10 26.12
C ASP C 158 0.48 -13.61 26.18
N ARG C 159 -0.80 -13.28 26.04
CA ARG C 159 -1.21 -11.88 25.93
C ARG C 159 -0.88 -11.09 27.19
N GLN C 160 -1.14 -11.66 28.36
CA GLN C 160 -0.93 -10.93 29.60
C GLN C 160 0.56 -10.67 29.83
N ALA C 161 1.41 -11.64 29.53
CA ALA C 161 2.85 -11.43 29.69
C ALA C 161 3.36 -10.37 28.73
N TYR C 162 2.81 -10.32 27.51
CA TYR C 162 3.21 -9.31 26.54
C TYR C 162 2.76 -7.92 26.98
N ALA C 163 1.56 -7.83 27.55
CA ALA C 163 1.09 -6.55 28.10
C ALA C 163 1.96 -6.10 29.27
N ARG C 164 2.36 -7.04 30.13
CA ARG C 164 3.26 -6.69 31.23
C ARG C 164 4.64 -6.30 30.72
N ALA C 165 5.08 -6.88 29.61
CA ALA C 165 6.33 -6.44 28.99
C ALA C 165 6.22 -5.00 28.51
N PHE C 166 5.09 -4.65 27.89
CA PHE C 166 4.89 -3.26 27.49
C PHE C 166 4.86 -2.32 28.69
N GLU C 167 4.22 -2.74 29.78
CA GLU C 167 4.17 -1.93 30.98
C GLU C 167 5.57 -1.75 31.58
N GLY C 168 6.38 -2.81 31.57
CA GLY C 168 7.74 -2.69 32.04
C GLY C 168 8.58 -1.77 31.17
N LEU C 169 8.35 -1.82 29.86
CA LEU C 169 9.00 -0.86 28.96
C LEU C 169 8.64 0.56 29.33
N VAL C 170 7.35 0.80 29.61
CA VAL C 170 6.92 2.16 29.97
C VAL C 170 7.55 2.58 31.29
N ALA C 171 7.61 1.67 32.26
CA ALA C 171 8.20 1.99 33.56
C ALA C 171 9.71 2.17 33.49
N ARG C 172 10.36 1.61 32.48
CA ARG C 172 11.82 1.68 32.40
C ARG C 172 12.29 2.97 31.72
N HIS C 173 11.56 3.44 30.71
CA HIS C 173 11.94 4.63 29.97
C HIS C 173 11.02 5.78 30.38
N ALA C 174 11.61 6.85 30.91
CA ALA C 174 10.84 7.95 31.49
C ALA C 174 10.36 8.96 30.46
N VAL C 175 10.83 8.87 29.22
CA VAL C 175 10.27 9.74 28.17
C VAL C 175 8.83 9.36 27.86
N LEU C 176 8.52 8.07 27.94
CA LEU C 176 7.16 7.60 27.67
C LEU C 176 6.16 8.05 28.72
N ARG C 177 6.60 8.56 29.87
CA ARG C 177 5.74 9.07 30.91
C ARG C 177 6.15 10.47 31.32
N THR C 178 6.38 11.33 30.32
CA THR C 178 6.81 12.70 30.54
C THR C 178 5.73 13.66 30.04
N SER C 179 5.37 14.62 30.88
CA SER C 179 4.43 15.68 30.53
C SER C 179 5.17 16.95 30.16
N TYR C 180 4.48 17.84 29.45
CA TYR C 180 5.04 19.12 29.04
C TYR C 180 4.11 20.22 29.51
N LEU C 181 4.56 21.00 30.50
CA LEU C 181 3.77 22.05 31.13
C LEU C 181 4.28 23.41 30.70
N ARG C 182 3.36 24.37 30.58
CA ARG C 182 3.67 25.70 30.09
C ARG C 182 4.04 26.61 31.27
N ARG C 183 5.26 27.13 31.26
CA ARG C 183 5.76 28.05 32.27
C ARG C 183 6.11 29.36 31.58
N GLY C 184 5.24 30.35 31.67
CA GLY C 184 5.47 31.60 30.98
C GLY C 184 5.25 31.44 29.50
N ASP C 185 6.23 31.86 28.71
CA ASP C 185 6.18 31.75 27.26
C ASP C 185 7.02 30.58 26.74
N THR C 186 7.29 29.59 27.59
CA THR C 186 8.03 28.39 27.17
C THR C 186 7.44 27.17 27.85
N TYR C 187 8.12 26.02 27.75
CA TYR C 187 7.63 24.78 28.32
C TYR C 187 8.72 24.10 29.13
N VAL C 188 8.29 23.28 30.09
CA VAL C 188 9.17 22.42 30.88
C VAL C 188 8.61 21.01 30.85
N GLN C 189 9.48 20.04 31.14
CA GLN C 189 9.09 18.64 31.13
C GLN C 189 9.11 18.09 32.55
N LYS C 190 8.07 17.32 32.89
CA LYS C 190 7.91 16.69 34.18
C LYS C 190 7.73 15.20 34.00
N VAL C 191 8.41 14.41 34.82
CA VAL C 191 8.38 12.95 34.72
C VAL C 191 7.42 12.41 35.78
N ASN C 192 6.48 11.57 35.36
CA ASN C 192 5.48 10.99 36.23
C ASN C 192 5.81 9.52 36.51
N ASP C 193 5.07 8.94 37.45
CA ASP C 193 5.19 7.52 37.75
C ASP C 193 4.27 6.70 36.85
N THR C 194 4.63 5.43 36.67
CA THR C 194 4.04 4.59 35.63
C THR C 194 2.58 4.24 35.87
N THR C 195 2.04 4.50 37.06
CA THR C 195 0.65 4.14 37.33
C THR C 195 -0.29 4.87 36.40
N GLY C 196 -1.26 4.12 35.83
CA GLY C 196 -2.25 4.66 34.92
C GLY C 196 -2.17 4.08 33.51
N PHE C 197 -1.00 3.60 33.12
CA PHE C 197 -0.83 3.05 31.79
C PHE C 197 -1.45 1.66 31.68
N ALA C 198 -2.13 1.41 30.56
CA ALA C 198 -2.73 0.11 30.32
C ALA C 198 -2.73 -0.19 28.84
N VAL C 199 -2.80 -1.48 28.51
CA VAL C 199 -2.89 -1.95 27.13
C VAL C 199 -4.35 -2.26 26.81
N ALA C 200 -4.80 -1.83 25.64
CA ALA C 200 -6.17 -2.05 25.21
C ALA C 200 -6.27 -3.31 24.35
N PHE C 201 -7.31 -4.09 24.58
CA PHE C 201 -7.53 -5.35 23.87
C PHE C 201 -8.82 -5.26 23.05
N GLU C 202 -8.73 -5.67 21.78
CA GLU C 202 -9.90 -5.77 20.92
C GLU C 202 -9.85 -7.09 20.17
N ASP C 203 -11.02 -7.69 19.95
CA ASP C 203 -11.17 -8.88 19.12
C ASP C 203 -11.56 -8.44 17.72
N VAL C 204 -10.72 -8.73 16.74
CA VAL C 204 -10.91 -8.29 15.36
C VAL C 204 -11.00 -9.52 14.47
N THR C 205 -11.92 -9.50 13.52
CA THR C 205 -12.17 -10.61 12.62
C THR C 205 -11.85 -10.19 11.19
N GLY C 206 -10.65 -10.52 10.74
CA GLY C 206 -10.22 -10.25 9.38
C GLY C 206 -9.12 -9.21 9.32
N ASP C 207 -8.54 -9.08 8.13
CA ASP C 207 -7.44 -8.16 7.91
C ASP C 207 -7.91 -6.79 7.41
N SER C 208 -8.99 -6.74 6.64
CA SER C 208 -9.56 -5.45 6.25
C SER C 208 -10.13 -4.72 7.47
N ALA C 209 -10.69 -5.48 8.41
CA ALA C 209 -11.11 -4.90 9.68
C ALA C 209 -9.91 -4.34 10.44
N VAL C 210 -8.78 -5.05 10.40
CA VAL C 210 -7.56 -4.56 11.03
C VAL C 210 -7.12 -3.26 10.37
N THR C 211 -7.18 -3.19 9.04
CA THR C 211 -6.79 -1.97 8.33
C THR C 211 -7.68 -0.79 8.71
N GLU C 212 -9.00 -1.03 8.79
CA GLU C 212 -9.91 0.03 9.18
C GLU C 212 -9.67 0.48 10.61
N PHE C 213 -9.42 -0.46 11.52
CA PHE C 213 -9.12 -0.12 12.91
C PHE C 213 -7.84 0.70 13.00
N LEU C 214 -6.83 0.33 12.22
CA LEU C 214 -5.57 1.08 12.23
C LEU C 214 -5.78 2.49 11.70
N ARG C 215 -6.56 2.64 10.64
CA ARG C 215 -6.83 3.97 10.11
C ARG C 215 -7.61 4.82 11.11
N ALA C 216 -8.50 4.21 11.88
CA ALA C 216 -9.27 4.97 12.85
C ALA C 216 -8.45 5.32 14.09
N GLU C 217 -7.50 4.47 14.48
CA GLU C 217 -6.76 4.68 15.72
C GLU C 217 -5.69 5.76 15.61
N ARG C 218 -5.08 5.91 14.44
CA ARG C 218 -3.90 6.77 14.32
C ARG C 218 -4.18 8.25 14.60
N PRO C 219 -5.20 8.89 14.04
CA PRO C 219 -5.35 10.34 14.21
C PRO C 219 -5.88 10.78 15.57
N ARG C 220 -6.08 9.88 16.52
CA ARG C 220 -6.60 10.27 17.82
C ARG C 220 -5.62 11.20 18.53
N PRO C 221 -6.09 12.32 19.08
CA PRO C 221 -5.17 13.36 19.54
C PRO C 221 -4.41 12.98 20.80
N PHE C 222 -3.20 13.54 20.91
CA PHE C 222 -2.40 13.52 22.12
C PHE C 222 -2.37 14.91 22.73
N ASP C 223 -2.33 14.97 24.06
CA ASP C 223 -2.30 16.24 24.76
C ASP C 223 -0.96 16.43 25.45
N PRO C 224 -0.39 17.65 25.42
CA PRO C 224 0.88 17.88 26.11
C PRO C 224 0.83 17.58 27.60
N ALA C 225 -0.32 17.77 28.24
CA ALA C 225 -0.48 17.50 29.66
C ALA C 225 -0.80 16.04 29.97
N ASP C 226 -0.87 15.18 28.95
CA ASP C 226 -1.16 13.77 29.19
C ASP C 226 -0.07 13.13 30.03
N ARG C 227 -0.48 12.22 30.90
CA ARG C 227 0.44 11.62 31.86
C ARG C 227 1.34 10.59 31.19
N HIS C 228 0.87 9.95 30.12
CA HIS C 228 1.67 9.03 29.32
C HIS C 228 1.56 9.42 27.85
N MET C 229 2.65 9.22 27.11
CA MET C 229 2.73 9.63 25.71
C MET C 229 2.66 8.45 24.76
N LEU C 230 1.91 7.40 25.13
CA LEU C 230 1.91 6.17 24.37
C LEU C 230 0.49 5.60 24.32
N ARG C 231 0.20 4.92 23.21
CA ARG C 231 -1.00 4.10 23.08
C ARG C 231 -0.59 2.74 22.54
N VAL C 232 -1.03 1.67 23.21
CA VAL C 232 -0.71 0.31 22.80
C VAL C 232 -2.01 -0.48 22.68
N HIS C 233 -2.21 -1.10 21.53
CA HIS C 233 -3.34 -2.00 21.29
C HIS C 233 -2.82 -3.38 20.90
N ILE C 234 -3.46 -4.41 21.43
CA ILE C 234 -3.22 -5.79 21.03
C ILE C 234 -4.52 -6.33 20.46
N LEU C 235 -4.52 -6.64 19.16
CA LEU C 235 -5.69 -7.14 18.47
C LEU C 235 -5.58 -8.65 18.30
N THR C 236 -6.60 -9.38 18.77
CA THR C 236 -6.62 -10.82 18.72
C THR C 236 -7.40 -11.27 17.49
N LEU C 237 -6.76 -12.06 16.64
CA LEU C 237 -7.41 -12.68 15.47
C LEU C 237 -7.71 -14.14 15.73
N THR C 238 -6.70 -14.92 16.08
CA THR C 238 -6.82 -16.32 16.49
C THR C 238 -5.89 -16.51 17.69
N PRO C 239 -5.94 -17.64 18.38
CA PRO C 239 -4.96 -17.88 19.46
C PRO C 239 -3.53 -17.96 18.97
N TYR C 240 -3.28 -17.92 17.65
CA TYR C 240 -1.94 -17.94 17.09
C TYR C 240 -1.72 -16.79 16.12
N GLU C 241 -2.48 -15.70 16.25
CA GLU C 241 -2.31 -14.54 15.39
C GLU C 241 -2.75 -13.30 16.16
N HIS C 242 -1.83 -12.37 16.38
CA HIS C 242 -2.10 -11.12 17.06
C HIS C 242 -1.46 -9.97 16.30
N VAL C 243 -2.02 -8.78 16.46
CA VAL C 243 -1.48 -7.56 15.90
C VAL C 243 -1.21 -6.59 17.04
N ALA C 244 0.02 -6.12 17.14
CA ALA C 244 0.42 -5.15 18.16
C ALA C 244 0.57 -3.78 17.51
N VAL C 245 -0.06 -2.78 18.10
CA VAL C 245 -0.07 -1.41 17.55
C VAL C 245 0.47 -0.47 18.61
N VAL C 246 1.46 0.33 18.23
CA VAL C 246 2.03 1.35 19.10
C VAL C 246 1.92 2.68 18.37
N THR C 247 1.32 3.68 19.03
CA THR C 247 1.15 5.00 18.46
C THR C 247 1.72 6.04 19.42
N ARG C 248 2.35 7.06 18.84
CA ARG C 248 2.95 8.14 19.62
C ARG C 248 2.87 9.41 18.81
N PRO C 249 2.92 10.57 19.46
CA PRO C 249 3.01 11.84 18.73
C PRO C 249 4.44 12.06 18.23
N TRP C 250 4.56 13.01 17.30
CA TRP C 250 5.86 13.34 16.75
C TRP C 250 6.77 13.92 17.83
N GLY C 251 8.07 13.72 17.65
CA GLY C 251 9.06 14.32 18.52
C GLY C 251 9.29 13.64 19.85
N ILE C 252 8.80 12.42 20.03
CA ILE C 252 8.95 11.73 21.30
C ILE C 252 10.21 10.87 21.32
N PHE C 253 10.42 10.05 20.30
CA PHE C 253 11.69 9.35 20.13
C PHE C 253 11.88 8.99 18.68
N ASP C 254 13.11 8.64 18.33
CA ASP C 254 13.55 8.46 16.95
C ASP C 254 13.75 6.97 16.65
N GLY C 255 14.30 6.69 15.45
CA GLY C 255 14.40 5.32 14.98
C GLY C 255 15.34 4.44 15.79
N TRP C 256 16.49 4.99 16.21
CA TRP C 256 17.38 4.23 17.06
C TRP C 256 16.71 3.89 18.39
N SER C 257 15.94 4.85 18.93
CA SER C 257 15.13 4.57 20.10
C SER C 257 14.08 3.50 19.80
N THR C 258 13.57 3.46 18.57
CA THR C 258 12.62 2.39 18.21
C THR C 258 13.30 1.03 18.23
N GLY C 259 14.53 0.94 17.73
CA GLY C 259 15.26 -0.32 17.80
C GLY C 259 15.51 -0.76 19.23
N VAL C 260 15.94 0.18 20.08
CA VAL C 260 16.12 -0.13 21.50
C VAL C 260 14.80 -0.58 22.13
N PHE C 261 13.72 0.11 21.79
CA PHE C 261 12.39 -0.22 22.29
C PHE C 261 12.01 -1.66 21.95
N ILE C 262 12.17 -2.04 20.68
CA ILE C 262 11.79 -3.38 20.25
C ILE C 262 12.67 -4.43 20.91
N ALA C 263 13.98 -4.18 20.98
CA ALA C 263 14.89 -5.15 21.59
C ALA C 263 14.55 -5.39 23.06
N GLU C 264 14.36 -4.33 23.83
CA GLU C 264 14.03 -4.51 25.24
C GLU C 264 12.62 -5.06 25.42
N LEU C 265 11.70 -4.80 24.49
CA LEU C 265 10.39 -5.42 24.55
C LEU C 265 10.50 -6.93 24.44
N ASN C 266 11.27 -7.40 23.45
CA ASN C 266 11.45 -8.83 23.29
C ASN C 266 12.15 -9.45 24.49
N ALA C 267 13.17 -8.77 25.02
CA ALA C 267 13.87 -9.27 26.20
C ALA C 267 12.94 -9.38 27.40
N LEU C 268 12.11 -8.35 27.62
CA LEU C 268 11.17 -8.38 28.73
C LEU C 268 10.14 -9.49 28.56
N TYR C 269 9.65 -9.69 27.33
CA TYR C 269 8.67 -10.75 27.12
C TYR C 269 9.28 -12.12 27.34
N GLN C 270 10.52 -12.33 26.89
CA GLN C 270 11.19 -13.60 27.15
C GLN C 270 11.38 -13.82 28.65
N ALA C 271 11.73 -12.77 29.38
CA ALA C 271 11.88 -12.89 30.83
C ALA C 271 10.55 -13.19 31.52
N LEU C 272 9.45 -12.60 31.03
CA LEU C 272 8.17 -12.67 31.73
C LEU C 272 7.35 -13.90 31.37
N SER C 273 7.50 -14.44 30.15
CA SER C 273 6.65 -15.56 29.75
C SER C 273 6.87 -16.78 30.65
N ARG C 274 8.12 -17.05 30.98
CA ARG C 274 8.46 -18.02 32.02
C ARG C 274 8.73 -17.29 33.33
N GLY C 275 8.58 -18.02 34.43
CA GLY C 275 8.60 -17.40 35.75
C GLY C 275 9.97 -16.92 36.19
N ASP C 276 10.58 -16.03 35.41
CA ASP C 276 11.86 -15.43 35.74
C ASP C 276 11.69 -13.94 36.03
N GLU C 277 12.79 -13.30 36.40
CA GLU C 277 12.86 -11.86 36.59
C GLU C 277 13.79 -11.24 35.57
N PRO C 278 13.43 -10.09 34.99
CA PRO C 278 14.21 -9.54 33.88
C PRO C 278 15.63 -9.19 34.29
N SER C 279 16.55 -9.37 33.34
CA SER C 279 17.96 -9.02 33.51
C SER C 279 18.32 -8.05 32.40
N LEU C 280 18.08 -6.77 32.65
CA LEU C 280 18.36 -5.71 31.70
C LEU C 280 19.38 -4.74 32.28
N PRO C 281 20.22 -4.14 31.44
CA PRO C 281 21.21 -3.18 31.95
C PRO C 281 20.53 -1.99 32.63
N GLU C 282 21.15 -1.52 33.70
CA GLU C 282 20.65 -0.33 34.39
C GLU C 282 21.01 0.91 33.58
N LEU C 283 20.02 1.79 33.37
CA LEU C 283 20.25 2.99 32.60
C LEU C 283 21.04 4.00 33.42
N PRO C 284 22.16 4.52 32.92
CA PRO C 284 22.99 5.43 33.73
C PRO C 284 22.31 6.76 34.01
N VAL C 285 21.73 7.38 32.98
CA VAL C 285 21.17 8.73 33.08
C VAL C 285 19.80 8.77 32.45
N GLN C 286 19.03 9.79 32.82
CA GLN C 286 17.74 10.09 32.22
C GLN C 286 17.90 11.09 31.08
N TYR C 287 16.80 11.36 30.39
CA TYR C 287 16.82 12.37 29.34
C TYR C 287 16.83 13.78 29.92
N ALA C 288 16.22 13.97 31.09
CA ALA C 288 16.26 15.27 31.75
C ALA C 288 17.68 15.63 32.17
N ASP C 289 18.45 14.64 32.62
CA ASP C 289 19.86 14.88 32.91
C ASP C 289 20.62 15.29 31.66
N PHE C 290 20.31 14.67 30.52
CA PHE C 290 20.92 15.07 29.26
C PHE C 290 20.55 16.50 28.92
N ALA C 291 19.29 16.89 29.14
CA ALA C 291 18.87 18.26 28.85
C ALA C 291 19.61 19.26 29.73
N HIS C 292 19.76 18.95 31.02
CA HIS C 292 20.49 19.84 31.92
C HIS C 292 21.96 19.95 31.50
N TRP C 293 22.58 18.82 31.17
CA TRP C 293 23.97 18.85 30.72
C TRP C 293 24.12 19.66 29.45
N GLN C 294 23.18 19.51 28.51
CA GLN C 294 23.24 20.28 27.28
C GLN C 294 23.07 21.77 27.54
N ARG C 295 22.20 22.12 28.51
CA ARG C 295 22.05 23.53 28.86
C ARG C 295 23.33 24.08 29.46
N ARG C 296 24.02 23.30 30.29
CA ARG C 296 25.26 23.77 30.89
C ARG C 296 26.38 23.90 29.85
N THR C 297 26.42 23.00 28.87
CA THR C 297 27.58 22.91 27.98
C THR C 297 27.39 23.82 26.75
N PHE C 298 26.93 25.04 27.03
CA PHE C 298 27.01 26.15 26.09
C PHE C 298 26.61 27.44 26.81
N ASP C 299 27.28 28.55 26.48
CA ASP C 299 27.01 29.84 27.11
C ASP C 299 26.54 30.87 26.09
N ALA C 300 25.75 30.43 25.11
CA ALA C 300 25.16 31.23 24.04
C ALA C 300 26.20 31.76 23.06
N ASP C 301 27.49 31.56 23.32
CA ASP C 301 28.50 31.90 22.32
C ASP C 301 28.58 30.86 21.21
N ALA C 302 28.46 29.57 21.58
CA ALA C 302 28.42 28.52 20.58
C ALA C 302 27.20 28.64 19.70
N ARG C 303 26.04 28.98 20.30
CA ARG C 303 24.84 29.18 19.50
C ARG C 303 25.00 30.31 18.51
N ALA C 304 25.61 31.42 18.93
CA ALA C 304 25.85 32.54 18.03
C ALA C 304 26.83 32.16 16.93
N ARG C 305 27.87 31.39 17.26
CA ARG C 305 28.82 30.95 16.25
C ARG C 305 28.15 30.07 15.21
N GLN C 306 27.26 29.17 15.65
CA GLN C 306 26.58 28.29 14.71
C GLN C 306 25.56 29.06 13.87
N GLN C 307 24.87 30.04 14.48
CA GLN C 307 24.05 30.97 13.71
C GLN C 307 24.87 31.64 12.62
N ALA C 308 26.06 32.13 12.96
CA ALA C 308 26.89 32.83 11.97
C ALA C 308 27.29 31.88 10.85
N TYR C 309 27.73 30.66 11.20
CA TYR C 309 28.15 29.73 10.16
C TYR C 309 27.00 29.38 9.23
N TRP C 310 25.82 29.08 9.78
CA TRP C 310 24.72 28.66 8.92
C TRP C 310 24.13 29.84 8.15
N ARG C 311 24.26 31.07 8.68
CA ARG C 311 23.84 32.24 7.94
C ARG C 311 24.76 32.52 6.77
N ALA C 312 26.06 32.27 6.94
CA ALA C 312 27.00 32.46 5.84
C ALA C 312 26.91 31.34 4.81
N GLN C 313 26.63 30.11 5.26
CA GLN C 313 26.67 28.96 4.36
C GLN C 313 25.48 28.94 3.42
N LEU C 314 24.29 29.31 3.91
CA LEU C 314 23.06 29.20 3.14
C LEU C 314 22.70 30.48 2.40
N ALA C 315 23.57 31.49 2.42
CA ALA C 315 23.27 32.76 1.79
C ALA C 315 23.31 32.64 0.27
N ASP C 316 22.60 33.55 -0.40
CA ASP C 316 22.56 33.64 -1.86
C ASP C 316 21.98 32.36 -2.49
N LEU C 317 21.13 31.67 -1.75
CA LEU C 317 20.50 30.45 -2.23
C LEU C 317 19.03 30.72 -2.55
N PRO C 318 18.49 30.14 -3.62
CA PRO C 318 17.09 30.38 -3.97
C PRO C 318 16.15 29.89 -2.88
N SER C 319 15.01 30.59 -2.76
CA SER C 319 14.03 30.23 -1.74
C SER C 319 13.39 28.87 -2.03
N CYS C 320 13.15 28.56 -3.30
CA CYS C 320 12.57 27.29 -3.70
C CYS C 320 13.33 26.75 -4.90
N THR C 321 13.58 25.44 -4.91
CA THR C 321 14.26 24.82 -6.04
C THR C 321 13.32 24.75 -7.24
N ALA C 322 13.88 24.97 -8.42
CA ALA C 322 13.09 25.05 -9.65
C ALA C 322 12.95 23.68 -10.30
N LEU C 323 12.37 22.75 -9.56
CA LEU C 323 12.10 21.42 -10.07
C LEU C 323 10.94 21.46 -11.07
N ARG C 324 11.01 20.58 -12.06
CA ARG C 324 9.95 20.42 -13.05
C ARG C 324 8.99 19.34 -12.57
N THR C 325 7.71 19.70 -12.43
CA THR C 325 6.69 18.81 -11.89
C THR C 325 5.65 18.52 -12.97
N ASP C 326 4.80 17.52 -12.67
CA ASP C 326 3.74 17.16 -13.61
C ASP C 326 2.62 18.19 -13.58
N TYR C 327 2.24 18.65 -12.38
CA TYR C 327 1.14 19.58 -12.19
C TYR C 327 1.65 20.91 -11.66
N ARG C 328 0.83 21.94 -11.80
CA ARG C 328 1.21 23.27 -11.33
C ARG C 328 1.17 23.32 -9.81
N ARG C 329 2.07 24.11 -9.24
CA ARG C 329 2.15 24.22 -7.79
C ARG C 329 0.99 25.05 -7.26
N PRO C 330 0.22 24.53 -6.31
CA PRO C 330 -0.87 25.32 -5.72
C PRO C 330 -0.33 26.42 -4.82
N GLU C 331 -1.20 27.39 -4.52
CA GLU C 331 -0.79 28.52 -3.69
C GLU C 331 -0.65 28.12 -2.23
N ALA C 332 -1.23 26.99 -1.83
CA ALA C 332 -1.10 26.47 -0.48
C ALA C 332 -0.83 24.97 -0.54
N LYS C 333 0.17 24.53 0.21
CA LYS C 333 0.54 23.12 0.25
C LYS C 333 -0.57 22.30 0.91
N SER C 334 -0.78 21.09 0.39
CA SER C 334 -1.78 20.17 0.91
C SER C 334 -1.22 19.14 1.88
N TYR C 335 0.07 18.79 1.74
CA TYR C 335 0.76 17.83 2.59
C TYR C 335 0.24 16.41 2.43
N GLN C 336 -0.20 16.06 1.21
CA GLN C 336 -0.58 14.69 0.88
C GLN C 336 0.48 14.09 -0.05
N GLY C 337 0.62 12.78 0.00
CA GLY C 337 1.58 12.11 -0.86
C GLY C 337 1.53 10.62 -0.66
N SER C 338 2.33 9.93 -1.47
CA SER C 338 2.53 8.49 -1.37
C SER C 338 4.00 8.21 -1.65
N SER C 339 4.34 6.93 -1.84
CA SER C 339 5.73 6.54 -2.06
C SER C 339 5.80 5.37 -3.03
N VAL C 340 7.00 5.19 -3.59
CA VAL C 340 7.32 4.04 -4.44
C VAL C 340 8.59 3.40 -3.89
N GLU C 341 8.76 2.12 -4.15
CA GLU C 341 9.82 1.34 -3.53
C GLU C 341 11.13 1.47 -4.29
N VAL C 342 12.25 1.34 -3.56
CA VAL C 342 13.59 1.39 -4.11
C VAL C 342 14.33 0.13 -3.66
N ASN C 343 14.96 -0.57 -4.61
CA ASN C 343 15.67 -1.81 -4.33
C ASN C 343 17.00 -1.83 -5.06
N VAL C 344 18.07 -2.17 -4.35
CA VAL C 344 19.40 -2.25 -4.92
C VAL C 344 20.03 -3.58 -4.53
N PRO C 345 20.63 -4.31 -5.46
CA PRO C 345 21.23 -5.62 -5.13
C PRO C 345 22.42 -5.50 -4.20
N ALA C 346 22.66 -6.58 -3.46
CA ALA C 346 23.73 -6.58 -2.46
C ALA C 346 25.11 -6.49 -3.09
N ALA C 347 25.29 -7.04 -4.29
CA ALA C 347 26.56 -6.90 -4.98
C ALA C 347 26.86 -5.44 -5.29
N VAL C 348 25.87 -4.70 -5.78
CA VAL C 348 26.05 -3.27 -6.05
C VAL C 348 26.37 -2.53 -4.76
N LEU C 349 25.70 -2.89 -3.66
CA LEU C 349 25.96 -2.24 -2.38
C LEU C 349 27.39 -2.48 -1.91
N ASP C 350 27.87 -3.73 -2.04
CA ASP C 350 29.24 -4.03 -1.63
C ASP C 350 30.25 -3.28 -2.48
N GLN C 351 30.01 -3.21 -3.79
CA GLN C 351 30.94 -2.48 -4.66
C GLN C 351 30.88 -0.98 -4.38
N LEU C 352 29.70 -0.46 -4.03
CA LEU C 352 29.59 0.94 -3.64
C LEU C 352 30.37 1.23 -2.37
N LYS C 353 30.29 0.32 -1.39
CA LYS C 353 31.10 0.46 -0.19
C LYS C 353 32.58 0.44 -0.52
N ARG C 354 32.99 -0.47 -1.41
CA ARG C 354 34.40 -0.52 -1.81
C ARG C 354 34.84 0.80 -2.42
N VAL C 355 34.05 1.34 -3.36
CA VAL C 355 34.41 2.61 -4.00
C VAL C 355 34.47 3.73 -2.96
N SER C 356 33.47 3.80 -2.08
CA SER C 356 33.42 4.89 -1.11
C SER C 356 34.60 4.84 -0.16
N LYS C 357 35.01 3.64 0.26
CA LYS C 357 36.16 3.53 1.14
C LYS C 357 37.47 3.78 0.40
N GLU C 358 37.52 3.51 -0.91
CA GLU C 358 38.68 3.91 -1.70
C GLU C 358 38.80 5.43 -1.77
N ARG C 359 37.69 6.12 -2.00
CA ARG C 359 37.74 7.59 -2.09
C ARG C 359 37.95 8.26 -0.74
N GLY C 360 37.85 7.53 0.37
CA GLY C 360 38.10 8.08 1.68
C GLY C 360 36.89 8.56 2.43
N GLY C 361 35.71 8.52 1.82
CA GLY C 361 34.48 8.94 2.46
C GLY C 361 33.70 7.80 3.05
N THR C 362 32.40 8.01 3.23
CA THR C 362 31.48 7.00 3.74
C THR C 362 30.46 6.67 2.66
N LEU C 363 29.59 5.70 2.98
CA LEU C 363 28.53 5.32 2.06
C LEU C 363 27.47 6.40 1.94
N TYR C 364 27.22 7.13 3.03
CA TYR C 364 26.20 8.18 3.01
C TYR C 364 26.55 9.26 1.99
N MET C 365 27.83 9.65 1.93
CA MET C 365 28.23 10.66 0.96
C MET C 365 28.04 10.18 -0.47
N THR C 366 28.33 8.91 -0.73
CA THR C 366 28.13 8.36 -2.07
C THR C 366 26.65 8.35 -2.45
N LEU C 367 25.80 7.91 -1.53
CA LEU C 367 24.36 7.87 -1.83
C LEU C 367 23.78 9.27 -1.98
N LEU C 368 24.27 10.22 -1.18
CA LEU C 368 23.82 11.60 -1.31
C LEU C 368 24.27 12.21 -2.64
N SER C 369 25.50 11.91 -3.06
CA SER C 369 25.96 12.39 -4.35
C SER C 369 25.16 11.77 -5.50
N ALA C 370 24.79 10.49 -5.36
CA ALA C 370 23.94 9.87 -6.37
C ALA C 370 22.57 10.53 -6.43
N PHE C 371 21.98 10.83 -5.27
CA PHE C 371 20.70 11.53 -5.24
C PHE C 371 20.81 12.92 -5.87
N ALA C 372 21.90 13.63 -5.59
CA ALA C 372 22.10 14.94 -6.19
C ALA C 372 22.25 14.83 -7.71
N THR C 373 22.91 13.78 -8.19
CA THR C 373 23.04 13.56 -9.62
C THR C 373 21.69 13.27 -10.26
N LEU C 374 20.85 12.49 -9.58
CA LEU C 374 19.52 12.19 -10.10
C LEU C 374 18.67 13.45 -10.20
N LEU C 375 18.71 14.31 -9.18
CA LEU C 375 17.86 15.49 -9.16
C LEU C 375 18.27 16.54 -10.18
N GLY C 376 19.51 16.49 -10.66
CA GLY C 376 19.97 17.47 -11.64
C GLY C 376 19.40 17.29 -13.03
N ALA C 377 18.77 16.16 -13.31
CA ALA C 377 18.10 15.94 -14.59
C ALA C 377 16.72 16.57 -14.64
N HIS C 378 16.16 16.97 -13.50
CA HIS C 378 14.82 17.54 -13.43
C HIS C 378 14.83 19.02 -13.09
N THR C 379 16.00 19.67 -13.11
CA THR C 379 16.09 21.08 -12.80
C THR C 379 17.21 21.71 -13.63
N ASP C 380 17.06 23.01 -13.89
CA ASP C 380 18.10 23.80 -14.52
C ASP C 380 18.97 24.53 -13.51
N ASP C 381 18.66 24.43 -12.22
CA ASP C 381 19.47 25.05 -11.18
C ASP C 381 20.86 24.43 -11.16
N ARG C 382 21.86 25.29 -10.96
CA ARG C 382 23.26 24.85 -10.93
C ARG C 382 23.68 24.35 -9.56
N GLU C 383 22.88 24.58 -8.52
CA GLU C 383 23.27 24.27 -7.15
C GLU C 383 22.03 23.90 -6.34
N LEU C 384 22.11 22.80 -5.61
CA LEU C 384 20.97 22.21 -4.93
C LEU C 384 21.13 22.31 -3.42
N ALA C 385 19.99 22.36 -2.73
CA ALA C 385 19.94 22.30 -1.27
C ALA C 385 19.14 21.06 -0.87
N ILE C 386 19.78 20.15 -0.13
CA ILE C 386 19.15 18.90 0.29
C ILE C 386 19.25 18.83 1.81
N GLY C 387 18.11 18.63 2.47
CA GLY C 387 18.09 18.46 3.91
C GLY C 387 18.25 17.02 4.31
N SER C 388 18.86 16.80 5.47
CA SER C 388 19.13 15.45 5.93
C SER C 388 19.18 15.39 7.45
N PRO C 389 18.39 14.52 8.08
CA PRO C 389 18.46 14.40 9.53
C PRO C 389 19.69 13.62 9.99
N VAL C 390 20.32 14.10 11.06
CA VAL C 390 21.52 13.49 11.60
C VAL C 390 21.32 13.24 13.09
N THR C 391 22.11 12.31 13.62
CA THR C 391 22.04 11.90 15.02
C THR C 391 23.09 12.65 15.83
N ASN C 392 22.70 13.09 17.03
CA ASN C 392 23.58 13.81 17.94
C ASN C 392 23.50 13.14 19.31
N ARG C 393 24.34 12.12 19.51
CA ARG C 393 24.42 11.38 20.77
C ARG C 393 25.88 11.37 21.21
N PRO C 394 26.40 12.50 21.73
CA PRO C 394 27.83 12.65 21.96
C PRO C 394 28.33 12.20 23.33
N ARG C 395 27.83 11.05 23.80
CA ARG C 395 28.34 10.37 24.98
C ARG C 395 28.02 8.89 24.87
N PRO C 396 28.86 8.01 25.41
CA PRO C 396 28.54 6.57 25.41
C PRO C 396 27.28 6.24 26.19
N GLU C 397 26.92 7.04 27.19
CA GLU C 397 25.79 6.73 28.05
C GLU C 397 24.46 6.84 27.31
N LEU C 398 24.32 7.82 26.41
CA LEU C 398 23.06 8.09 25.72
C LEU C 398 22.77 7.13 24.59
N GLU C 399 23.69 6.21 24.29
CA GLU C 399 23.55 5.39 23.10
C GLU C 399 22.43 4.37 23.23
N ARG C 400 21.99 4.06 24.44
CA ARG C 400 20.90 3.13 24.69
C ARG C 400 19.66 3.79 25.25
N LEU C 401 19.61 5.12 25.30
CA LEU C 401 18.44 5.82 25.80
C LEU C 401 17.37 5.94 24.72
N VAL C 402 16.11 5.94 25.16
CA VAL C 402 14.97 6.19 24.30
C VAL C 402 14.65 7.67 24.39
N GLY C 403 14.70 8.36 23.25
CA GLY C 403 14.46 9.79 23.23
C GLY C 403 14.71 10.33 21.84
N TYR C 404 14.61 11.65 21.72
CA TYR C 404 14.78 12.34 20.45
C TYR C 404 16.16 13.00 20.41
N PHE C 405 16.97 12.61 19.43
CA PHE C 405 18.34 13.11 19.30
C PHE C 405 18.63 13.52 17.86
N ILE C 406 17.62 13.96 17.13
CA ILE C 406 17.71 14.17 15.69
C ILE C 406 17.66 15.66 15.40
N ASN C 407 18.54 16.12 14.52
CA ASN C 407 18.50 17.46 13.96
C ASN C 407 18.66 17.38 12.45
N VAL C 408 18.08 18.34 11.74
CA VAL C 408 18.09 18.37 10.28
C VAL C 408 19.11 19.42 9.83
N LEU C 409 20.01 19.02 8.95
CA LEU C 409 21.00 19.92 8.37
C LEU C 409 20.79 20.02 6.87
N VAL C 410 21.01 21.22 6.33
CA VAL C 410 20.85 21.48 4.90
C VAL C 410 22.20 21.30 4.22
N MET C 411 22.21 20.48 3.17
CA MET C 411 23.42 20.18 2.41
C MET C 411 23.37 20.93 1.09
N ARG C 412 24.44 21.67 0.79
CA ARG C 412 24.50 22.53 -0.38
C ARG C 412 25.55 21.99 -1.35
N LEU C 413 25.11 21.54 -2.52
CA LEU C 413 25.95 20.85 -3.47
C LEU C 413 25.89 21.53 -4.83
N ASP C 414 27.03 21.54 -5.53
CA ASP C 414 27.12 22.08 -6.88
C ASP C 414 27.02 20.93 -7.88
N VAL C 415 26.07 21.00 -8.79
CA VAL C 415 25.70 19.86 -9.61
C VAL C 415 25.87 20.15 -11.10
N ARG C 416 26.88 20.95 -11.44
CA ARG C 416 27.18 21.21 -12.85
C ARG C 416 27.47 19.90 -13.57
N PRO C 417 26.90 19.67 -14.75
CA PRO C 417 26.95 18.33 -15.35
C PRO C 417 28.27 17.96 -16.01
N GLU C 418 29.18 18.91 -16.19
CA GLU C 418 30.46 18.64 -16.83
C GLU C 418 31.54 18.18 -15.85
N GLN C 419 31.25 18.17 -14.56
CA GLN C 419 32.22 17.74 -13.57
C GLN C 419 32.18 16.21 -13.42
N ALA C 420 33.33 15.65 -13.08
CA ALA C 420 33.39 14.21 -12.80
C ALA C 420 32.69 13.91 -11.49
N PHE C 421 32.23 12.66 -11.36
CA PHE C 421 31.57 12.25 -10.12
C PHE C 421 32.52 12.29 -8.93
N ASP C 422 33.83 12.16 -9.18
CA ASP C 422 34.80 12.23 -8.09
C ASP C 422 34.84 13.62 -7.47
N ASP C 423 34.75 14.67 -8.30
CA ASP C 423 34.69 16.02 -7.76
C ASP C 423 33.46 16.22 -6.89
N LEU C 424 32.31 15.71 -7.34
CA LEU C 424 31.09 15.79 -6.55
C LEU C 424 31.23 15.03 -5.24
N LEU C 425 31.89 13.87 -5.28
CA LEU C 425 32.11 13.10 -4.06
C LEU C 425 32.99 13.85 -3.07
N ALA C 426 34.07 14.48 -3.57
CA ALA C 426 34.93 15.26 -2.71
C ALA C 426 34.19 16.44 -2.10
N GLN C 427 33.39 17.14 -2.91
CA GLN C 427 32.61 18.27 -2.40
C GLN C 427 31.59 17.81 -1.36
N ALA C 428 30.94 16.67 -1.60
CA ALA C 428 29.98 16.15 -0.64
C ALA C 428 30.67 15.79 0.67
N GLN C 429 31.86 15.19 0.60
CA GLN C 429 32.60 14.88 1.82
C GLN C 429 32.95 16.15 2.59
N ARG C 430 33.42 17.17 1.88
CA ARG C 430 33.75 18.44 2.54
C ARG C 430 32.53 19.05 3.21
N VAL C 431 31.41 19.12 2.48
CA VAL C 431 30.20 19.75 3.00
C VAL C 431 29.66 18.97 4.19
N THR C 432 29.66 17.64 4.10
CA THR C 432 29.15 16.82 5.20
C THR C 432 30.03 16.96 6.45
N ALA C 433 31.35 16.98 6.27
CA ALA C 433 32.24 17.18 7.41
C ALA C 433 32.02 18.55 8.04
N ALA C 434 31.82 19.58 7.21
CA ALA C 434 31.60 20.92 7.75
C ALA C 434 30.27 21.02 8.47
N ALA C 435 29.23 20.35 7.97
CA ALA C 435 27.91 20.47 8.56
C ALA C 435 27.83 19.79 9.92
N HIS C 436 28.58 18.69 10.10
CA HIS C 436 28.52 17.95 11.35
C HIS C 436 29.17 18.69 12.50
N GLU C 437 29.90 19.77 12.23
CA GLU C 437 30.51 20.57 13.28
C GLU C 437 29.56 21.60 13.87
N HIS C 438 28.44 21.88 13.20
CA HIS C 438 27.49 22.91 13.63
C HIS C 438 26.08 22.33 13.67
N LYS C 439 25.93 21.16 14.27
CA LYS C 439 24.67 20.43 14.24
C LYS C 439 23.88 20.53 15.53
N GLU C 440 24.30 21.38 16.47
CA GLU C 440 23.59 21.49 17.74
C GLU C 440 22.46 22.53 17.69
N VAL C 441 22.57 23.54 16.85
CA VAL C 441 21.52 24.56 16.77
C VAL C 441 20.32 23.97 16.03
N PRO C 442 19.09 24.18 16.52
CA PRO C 442 17.92 23.57 15.87
C PRO C 442 17.65 24.17 14.51
N PHE C 443 16.98 23.37 13.67
CA PHE C 443 16.58 23.83 12.35
C PHE C 443 15.49 24.89 12.42
N ALA C 444 14.62 24.83 13.45
CA ALA C 444 13.55 25.80 13.58
C ALA C 444 14.10 27.20 13.80
N ASP C 445 15.16 27.33 14.59
CA ASP C 445 15.80 28.63 14.77
C ASP C 445 16.37 29.15 13.45
N LEU C 446 16.97 28.26 12.66
CA LEU C 446 17.46 28.67 11.35
C LEU C 446 16.33 29.16 10.45
N VAL C 447 15.19 28.47 10.48
CA VAL C 447 14.04 28.91 9.69
C VAL C 447 13.56 30.28 10.17
N ARG C 448 13.50 30.47 11.49
CA ARG C 448 13.05 31.75 12.03
C ARG C 448 13.97 32.88 11.61
N ASP C 449 15.28 32.66 11.68
CA ASP C 449 16.23 33.73 11.39
C ASP C 449 16.34 34.01 9.89
N LEU C 450 16.37 32.97 9.06
CA LEU C 450 16.63 33.16 7.64
C LEU C 450 15.36 33.30 6.80
N VAL C 451 14.21 32.85 7.29
CA VAL C 451 12.96 32.97 6.55
C VAL C 451 11.94 33.68 7.44
N PRO C 452 11.97 35.01 7.48
CA PRO C 452 11.03 35.72 8.39
C PRO C 452 9.57 35.48 8.07
N GLU C 453 9.21 35.50 6.79
CA GLU C 453 7.85 35.17 6.36
C GLU C 453 7.88 34.02 5.35
N PRO C 454 7.42 32.84 5.72
CA PRO C 454 7.51 31.69 4.82
C PRO C 454 6.35 31.65 3.82
N ASP C 455 6.68 31.34 2.58
CA ASP C 455 5.66 31.16 1.55
C ASP C 455 4.91 29.86 1.82
N PRO C 456 3.57 29.89 1.91
CA PRO C 456 2.82 28.65 2.19
C PRO C 456 2.85 27.65 1.05
N ALA C 457 3.43 27.98 -0.10
CA ALA C 457 3.46 27.06 -1.23
C ALA C 457 4.49 25.96 -1.06
N TYR C 458 5.61 26.23 -0.39
CA TYR C 458 6.69 25.26 -0.28
C TYR C 458 7.30 25.30 1.11
N SER C 459 8.05 24.24 1.42
CA SER C 459 8.72 24.13 2.70
C SER C 459 9.97 25.00 2.72
N PRO C 460 10.38 25.49 3.89
CA PRO C 460 11.47 26.46 3.95
C PRO C 460 12.86 25.83 3.85
N LEU C 461 13.73 26.52 3.11
CA LEU C 461 15.17 26.31 3.05
C LEU C 461 15.58 25.05 2.29
N PHE C 462 14.62 24.18 1.95
CA PHE C 462 14.87 23.01 1.11
C PHE C 462 13.56 22.31 0.84
N GLN C 463 13.45 21.65 -0.32
CA GLN C 463 12.25 20.94 -0.70
C GLN C 463 12.48 19.46 -0.95
N VAL C 464 13.72 18.98 -0.90
CA VAL C 464 14.04 17.57 -1.09
C VAL C 464 14.86 17.11 0.11
N MET C 465 14.58 15.90 0.57
CA MET C 465 15.22 15.35 1.76
C MET C 465 15.82 13.98 1.44
N PHE C 466 17.01 13.73 1.98
CA PHE C 466 17.67 12.43 1.86
C PHE C 466 17.94 11.89 3.25
N ASN C 467 17.56 10.64 3.49
CA ASN C 467 17.70 10.02 4.80
C ASN C 467 18.25 8.61 4.65
N LEU C 468 19.38 8.33 5.31
CA LEU C 468 19.96 7.00 5.38
C LEU C 468 19.74 6.46 6.78
N VAL C 469 18.84 5.50 6.92
CA VAL C 469 18.47 4.97 8.23
C VAL C 469 19.55 3.99 8.68
N PRO C 470 20.01 4.07 9.93
CA PRO C 470 21.00 3.08 10.42
C PRO C 470 20.44 1.68 10.41
N ALA C 471 21.32 0.72 10.12
CA ALA C 471 20.90 -0.68 10.01
C ALA C 471 20.45 -1.23 11.35
N VAL C 472 19.46 -2.11 11.31
CA VAL C 472 18.98 -2.81 12.50
C VAL C 472 19.84 -4.03 12.74
N GLU C 473 20.41 -4.13 13.93
CA GLU C 473 21.27 -5.25 14.27
C GLU C 473 20.46 -6.48 14.65
N ALA C 474 20.10 -7.28 13.65
N ALA C 480 16.18 -18.02 18.84
CA ALA C 480 15.77 -19.11 17.95
C ALA C 480 15.20 -20.27 18.76
N ASP C 481 14.16 -19.98 19.54
CA ASP C 481 13.51 -21.01 20.34
C ASP C 481 12.71 -21.95 19.45
N PRO C 482 12.47 -23.18 19.91
CA PRO C 482 11.61 -24.09 19.13
C PRO C 482 10.18 -23.57 18.99
N GLY C 483 9.53 -23.23 20.10
CA GLY C 483 8.21 -22.63 20.06
C GLY C 483 8.27 -21.12 20.04
N ALA C 484 9.06 -20.57 19.13
CA ALA C 484 9.30 -19.13 19.08
C ALA C 484 8.13 -18.42 18.43
N LEU C 485 8.25 -17.10 18.27
CA LEU C 485 7.22 -16.27 17.66
C LEU C 485 7.77 -15.61 16.41
N GLY C 486 6.91 -15.44 15.42
CA GLY C 486 7.26 -14.74 14.19
C GLY C 486 6.68 -13.33 14.20
N PHE C 487 7.43 -12.39 13.64
CA PHE C 487 7.04 -11.00 13.59
C PHE C 487 7.09 -10.52 12.15
N VAL C 488 5.95 -10.04 11.66
CA VAL C 488 5.81 -9.54 10.29
C VAL C 488 5.31 -8.10 10.38
N PRO C 489 6.07 -7.11 9.90
CA PRO C 489 5.58 -5.73 9.92
C PRO C 489 4.38 -5.54 9.02
N LEU C 490 3.49 -4.63 9.42
CA LEU C 490 2.32 -4.29 8.64
C LEU C 490 2.49 -2.91 8.00
N PRO C 491 2.00 -2.72 6.78
CA PRO C 491 2.18 -1.43 6.11
C PRO C 491 1.47 -0.31 6.86
N THR C 492 2.08 0.88 6.83
CA THR C 492 1.49 2.09 7.39
C THR C 492 1.68 3.19 6.35
N ASP C 493 0.70 3.34 5.47
CA ASP C 493 0.72 4.40 4.46
C ASP C 493 0.05 5.65 5.03
N SER C 494 0.86 6.52 5.62
CA SER C 494 0.35 7.71 6.27
C SER C 494 -0.32 8.67 5.30
N GLY C 495 0.08 8.67 4.03
CA GLY C 495 -0.50 9.57 3.06
C GLY C 495 -0.08 11.01 3.22
N THR C 496 1.03 11.26 3.92
CA THR C 496 1.53 12.59 4.20
C THR C 496 2.78 12.85 3.36
N ALA C 497 3.05 14.12 3.11
CA ALA C 497 4.27 14.52 2.40
C ALA C 497 4.64 15.93 2.85
N LYS C 498 5.74 16.05 3.60
CA LYS C 498 6.19 17.34 4.09
C LYS C 498 7.06 18.09 3.09
N PHE C 499 7.65 17.41 2.12
CA PHE C 499 8.54 18.00 1.14
C PHE C 499 8.09 17.58 -0.25
N ASP C 500 8.76 18.11 -1.27
CA ASP C 500 8.44 17.71 -2.63
C ASP C 500 8.83 16.25 -2.89
N LEU C 501 10.07 15.88 -2.52
CA LEU C 501 10.55 14.52 -2.65
C LEU C 501 11.32 14.15 -1.39
N ASN C 502 11.25 12.86 -1.03
CA ASN C 502 11.86 12.38 0.21
C ASN C 502 12.33 10.95 -0.02
N LEU C 503 13.65 10.76 -0.06
CA LEU C 503 14.25 9.46 -0.28
C LEU C 503 14.76 8.91 1.04
N VAL C 504 14.16 7.81 1.50
CA VAL C 504 14.54 7.14 2.74
C VAL C 504 15.02 5.74 2.40
N VAL C 505 16.28 5.45 2.72
CA VAL C 505 16.88 4.15 2.43
C VAL C 505 17.60 3.64 3.66
N ARG C 506 17.69 2.32 3.78
CA ARG C 506 18.43 1.67 4.85
C ARG C 506 19.22 0.51 4.27
N GLU C 507 20.33 0.17 4.92
CA GLU C 507 21.19 -0.90 4.47
C GLU C 507 20.81 -2.20 5.17
N THR C 508 20.71 -3.28 4.40
CA THR C 508 20.23 -4.57 4.85
C THR C 508 21.16 -5.65 4.34
N PRO C 509 21.13 -6.86 4.93
CA PRO C 509 21.98 -7.95 4.44
C PRO C 509 21.73 -8.31 2.98
N ASP C 510 20.53 -8.10 2.46
CA ASP C 510 20.20 -8.43 1.09
C ASP C 510 20.28 -7.23 0.16
N GLY C 511 20.94 -6.15 0.57
CA GLY C 511 21.09 -4.99 -0.28
C GLY C 511 20.54 -3.72 0.33
N LEU C 512 20.17 -2.76 -0.51
CA LEU C 512 19.62 -1.48 -0.07
C LEU C 512 18.12 -1.48 -0.27
N ARG C 513 17.38 -1.25 0.81
CA ARG C 513 15.92 -1.15 0.79
C ARG C 513 15.50 0.26 1.13
N GLY C 514 14.33 0.65 0.65
CA GLY C 514 13.79 1.96 0.97
C GLY C 514 12.63 2.32 0.07
N TYR C 515 12.29 3.60 0.10
CA TYR C 515 11.18 4.13 -0.69
C TYR C 515 11.44 5.58 -1.02
N LEU C 516 10.75 6.08 -2.04
CA LEU C 516 10.84 7.47 -2.47
C LEU C 516 9.48 8.12 -2.27
N GLU C 517 9.40 9.01 -1.30
CA GLU C 517 8.16 9.70 -0.95
C GLU C 517 8.04 10.99 -1.76
N TYR C 518 6.85 11.23 -2.30
CA TYR C 518 6.64 12.39 -3.17
C TYR C 518 5.31 13.05 -2.83
N SER C 519 5.21 14.32 -3.22
CA SER C 519 4.00 15.11 -3.02
C SER C 519 3.04 14.92 -4.18
N THR C 520 1.80 14.57 -3.89
CA THR C 520 0.81 14.31 -4.92
C THR C 520 0.22 15.58 -5.51
N ASP C 521 0.53 16.75 -4.95
CA ASP C 521 0.18 18.01 -5.59
C ASP C 521 0.97 18.25 -6.87
N LEU C 522 2.11 17.59 -7.03
CA LEU C 522 3.06 17.91 -8.08
C LEU C 522 3.35 16.77 -9.04
N TYR C 523 3.27 15.52 -8.60
CA TYR C 523 3.81 14.41 -9.37
C TYR C 523 2.77 13.32 -9.56
N ALA C 524 2.80 12.71 -10.74
CA ALA C 524 2.13 11.44 -10.99
C ALA C 524 3.03 10.30 -10.55
N ARG C 525 2.42 9.12 -10.39
CA ARG C 525 3.16 7.96 -9.88
C ARG C 525 4.18 7.46 -10.88
N SER C 526 3.91 7.58 -12.18
CA SER C 526 4.83 7.06 -13.20
C SER C 526 6.14 7.83 -13.21
N THR C 527 6.08 9.15 -13.01
CA THR C 527 7.31 9.94 -12.97
C THR C 527 8.20 9.54 -11.80
N VAL C 528 7.59 9.29 -10.63
CA VAL C 528 8.38 8.92 -9.46
C VAL C 528 8.90 7.49 -9.60
N ARG C 529 8.14 6.61 -10.24
CA ARG C 529 8.66 5.28 -10.56
C ARG C 529 9.87 5.36 -11.47
N SER C 530 9.81 6.21 -12.49
CA SER C 530 10.96 6.42 -13.37
C SER C 530 12.14 6.98 -12.60
N MET C 531 11.88 7.90 -11.66
CA MET C 531 12.96 8.45 -10.84
C MET C 531 13.64 7.36 -10.03
N ALA C 532 12.86 6.50 -9.39
CA ALA C 532 13.43 5.43 -8.57
C ALA C 532 14.24 4.46 -9.43
N ALA C 533 13.72 4.08 -10.60
CA ALA C 533 14.45 3.19 -11.49
C ALA C 533 15.76 3.83 -11.95
N THR C 534 15.71 5.13 -12.27
CA THR C 534 16.91 5.83 -12.70
C THR C 534 17.95 5.89 -11.58
N TYR C 535 17.51 6.08 -10.34
CA TYR C 535 18.44 6.07 -9.21
C TYR C 535 19.10 4.71 -9.05
N GLU C 536 18.31 3.64 -9.15
CA GLU C 536 18.86 2.30 -9.03
C GLU C 536 19.87 2.01 -10.13
N ARG C 537 19.59 2.47 -11.35
CA ARG C 537 20.54 2.29 -12.45
C ARG C 537 21.78 3.17 -12.28
N LEU C 538 21.59 4.37 -11.71
CA LEU C 538 22.71 5.29 -11.52
C LEU C 538 23.71 4.73 -10.54
N LEU C 539 23.25 4.04 -9.49
CA LEU C 539 24.20 3.45 -8.56
C LEU C 539 25.11 2.43 -9.26
N LEU C 540 24.53 1.57 -10.09
CA LEU C 540 25.33 0.60 -10.84
C LEU C 540 26.29 1.30 -11.80
N LYS C 541 25.81 2.31 -12.51
CA LYS C 541 26.69 3.03 -13.45
C LYS C 541 27.81 3.75 -12.73
N ILE C 542 27.55 4.24 -11.51
CA ILE C 542 28.62 4.82 -10.70
C ILE C 542 29.65 3.76 -10.37
N VAL C 543 29.19 2.56 -10.00
CA VAL C 543 30.11 1.48 -9.66
C VAL C 543 30.99 1.11 -10.86
N THR C 544 30.38 0.94 -12.03
CA THR C 544 31.09 0.36 -13.17
C THR C 544 31.85 1.40 -14.00
N GLN C 545 31.63 2.69 -13.80
CA GLN C 545 32.33 3.74 -14.55
C GLN C 545 33.00 4.70 -13.59
N PRO C 546 34.31 4.55 -13.36
CA PRO C 546 34.98 5.36 -12.33
C PRO C 546 35.03 6.86 -12.64
N GLY C 547 35.56 7.23 -13.79
CA GLY C 547 35.85 8.63 -14.07
C GLY C 547 34.84 9.35 -14.94
N ALA C 548 33.62 8.81 -15.05
CA ALA C 548 32.61 9.43 -15.88
C ALA C 548 32.09 10.71 -15.25
N SER C 549 31.60 11.61 -16.10
CA SER C 549 30.98 12.85 -15.65
C SER C 549 29.50 12.62 -15.35
N LEU C 550 28.86 13.65 -14.79
CA LEU C 550 27.45 13.53 -14.40
C LEU C 550 26.56 13.34 -15.62
N ALA C 551 26.81 14.09 -16.70
CA ALA C 551 26.02 13.92 -17.92
C ALA C 551 26.22 12.54 -18.52
N ARG C 552 27.47 12.06 -18.52
CA ARG C 552 27.74 10.72 -19.04
C ARG C 552 27.06 9.66 -18.18
N LEU C 553 27.07 9.84 -16.86
CA LEU C 553 26.39 8.91 -15.97
C LEU C 553 24.88 8.89 -16.24
N ARG C 554 24.28 10.07 -16.42
CA ARG C 554 22.85 10.13 -16.72
C ARG C 554 22.54 9.46 -18.04
N GLU C 555 23.38 9.69 -19.06
CA GLU C 555 23.14 9.09 -20.37
C GLU C 555 23.28 7.57 -20.32
N ALA C 556 24.30 7.07 -19.61
CA ALA C 556 24.48 5.63 -19.47
C ALA C 556 23.33 5.00 -18.71
N ALA C 557 22.84 5.66 -17.66
CA ALA C 557 21.73 5.12 -16.90
C ALA C 557 20.40 5.22 -17.66
N ALA C 558 20.36 5.96 -18.76
CA ALA C 558 19.12 6.22 -19.49
C ALA C 558 18.75 5.09 -20.44
N ASP C 559 19.47 3.98 -20.44
CA ASP C 559 19.11 2.81 -21.24
C ASP C 559 18.14 1.90 -20.49
N GLY C 560 17.05 2.49 -20.00
CA GLY C 560 16.04 1.78 -19.24
C GLY C 560 14.67 1.69 -19.90
N GLY C 561 14.58 1.90 -21.20
CA GLY C 561 13.31 1.82 -21.89
C GLY C 561 12.31 2.91 -21.53
N ALA C 562 12.78 4.16 -21.41
CA ALA C 562 11.92 5.31 -21.15
C ALA C 562 11.12 5.14 -19.87
N GLY C 563 11.77 4.63 -18.83
CA GLY C 563 11.14 4.46 -17.53
C GLY C 563 10.96 3.01 -17.12
#